data_1UHT
#
_entry.id   1UHT
#
_cell.length_a   1.000
_cell.length_b   1.000
_cell.length_c   1.000
_cell.angle_alpha   90.00
_cell.angle_beta   90.00
_cell.angle_gamma   90.00
#
_symmetry.space_group_name_H-M   'P 1'
#
_entity_poly.entity_id   1
_entity_poly.type   'polypeptide(L)'
_entity_poly.pdbx_seq_one_letter_code
;GSSGSSGMVTPSLRLVFVKGPREGDALDYKPGSTIRVGRIVRGNEIAIKDAGISTKHLRIESDSGNWVIQDLGSSNGTLL
NSNALDPETSVNLGDGDVIKLGEYTSILVNFVSGPSSG
;
_entity_poly.pdbx_strand_id   A
#
# COMPACT_ATOMS: atom_id res chain seq x y z
N GLY A 1 26.80 -18.11 3.05
CA GLY A 1 26.95 -16.94 3.91
C GLY A 1 26.42 -15.69 3.23
N SER A 2 27.27 -15.11 2.39
CA SER A 2 26.90 -13.90 1.66
C SER A 2 26.71 -12.74 2.65
N SER A 3 27.61 -11.76 2.52
CA SER A 3 27.56 -10.59 3.39
C SER A 3 28.23 -9.40 2.69
N GLY A 4 27.40 -8.55 2.11
CA GLY A 4 27.89 -7.38 1.42
C GLY A 4 27.02 -6.15 1.72
N SER A 5 26.82 -5.34 0.70
CA SER A 5 26.02 -4.13 0.85
C SER A 5 24.86 -4.15 -0.15
N SER A 6 25.21 -4.17 -1.43
CA SER A 6 24.22 -4.19 -2.48
C SER A 6 23.44 -2.88 -2.48
N GLY A 7 23.22 -2.36 -3.68
CA GLY A 7 22.49 -1.11 -3.84
C GLY A 7 21.09 -1.37 -4.40
N MET A 8 20.09 -1.06 -3.58
CA MET A 8 18.71 -1.25 -3.99
C MET A 8 18.18 -0.02 -4.74
N VAL A 9 17.42 -0.29 -5.78
CA VAL A 9 16.85 0.79 -6.59
C VAL A 9 15.34 0.87 -6.31
N THR A 10 14.85 -0.09 -5.57
CA THR A 10 13.44 -0.14 -5.22
C THR A 10 13.21 0.50 -3.84
N PRO A 11 12.39 1.58 -3.85
CA PRO A 11 12.08 2.28 -2.61
C PRO A 11 11.08 1.49 -1.77
N SER A 12 11.30 1.53 -0.46
CA SER A 12 10.43 0.82 0.47
C SER A 12 9.01 1.40 0.39
N LEU A 13 8.04 0.53 0.61
CA LEU A 13 6.64 0.93 0.57
C LEU A 13 6.19 1.33 1.98
N ARG A 14 5.87 2.60 2.13
CA ARG A 14 5.43 3.12 3.41
C ARG A 14 3.96 3.56 3.33
N LEU A 15 3.09 2.72 3.88
CA LEU A 15 1.67 3.01 3.87
C LEU A 15 1.33 3.86 5.10
N VAL A 16 0.97 5.10 4.84
CA VAL A 16 0.61 6.02 5.89
C VAL A 16 -0.92 6.13 5.98
N PHE A 17 -1.42 5.86 7.18
CA PHE A 17 -2.86 5.92 7.40
C PHE A 17 -3.31 7.36 7.66
N VAL A 18 -3.64 8.04 6.58
CA VAL A 18 -4.09 9.42 6.66
C VAL A 18 -5.52 9.45 7.19
N LYS A 19 -6.27 8.42 6.82
CA LYS A 19 -7.66 8.31 7.25
C LYS A 19 -7.95 6.88 7.71
N GLY A 20 -9.19 6.66 8.10
CA GLY A 20 -9.59 5.34 8.56
C GLY A 20 -9.51 5.24 10.09
N PRO A 21 -9.72 4.00 10.59
CA PRO A 21 -9.67 3.76 12.03
C PRO A 21 -8.22 3.76 12.53
N ARG A 22 -7.30 3.66 11.58
CA ARG A 22 -5.89 3.64 11.91
C ARG A 22 -5.25 5.01 11.61
N GLU A 23 -6.10 5.93 11.19
CA GLU A 23 -5.64 7.27 10.86
C GLU A 23 -4.59 7.73 11.86
N GLY A 24 -3.39 7.93 11.36
CA GLY A 24 -2.28 8.37 12.19
C GLY A 24 -1.21 7.27 12.31
N ASP A 25 -1.46 6.17 11.61
CA ASP A 25 -0.53 5.06 11.62
C ASP A 25 0.26 5.04 10.32
N ALA A 26 1.37 4.31 10.34
CA ALA A 26 2.22 4.20 9.17
C ALA A 26 3.04 2.92 9.26
N LEU A 27 3.20 2.28 8.11
CA LEU A 27 3.97 1.04 8.05
C LEU A 27 5.07 1.18 7.00
N ASP A 28 5.97 0.21 7.00
CA ASP A 28 7.08 0.21 6.06
C ASP A 28 7.45 -1.23 5.70
N TYR A 29 7.65 -1.46 4.41
CA TYR A 29 8.00 -2.78 3.93
C TYR A 29 9.13 -2.70 2.91
N LYS A 30 9.76 -3.86 2.69
CA LYS A 30 10.86 -3.93 1.74
C LYS A 30 10.30 -4.12 0.32
N PRO A 31 11.18 -3.86 -0.69
CA PRO A 31 10.78 -3.99 -2.07
C PRO A 31 10.70 -5.46 -2.48
N GLY A 32 9.57 -5.80 -3.10
CA GLY A 32 9.35 -7.17 -3.54
C GLY A 32 8.62 -7.98 -2.48
N SER A 33 7.97 -7.26 -1.57
CA SER A 33 7.22 -7.90 -0.50
C SER A 33 5.74 -7.59 -0.64
N THR A 34 4.99 -8.61 -1.04
CA THR A 34 3.56 -8.45 -1.23
C THR A 34 2.89 -8.07 0.10
N ILE A 35 2.08 -7.02 0.04
CA ILE A 35 1.38 -6.55 1.22
C ILE A 35 -0.13 -6.70 1.01
N ARG A 36 -0.66 -7.79 1.51
CA ARG A 36 -2.08 -8.07 1.38
C ARG A 36 -2.87 -7.26 2.41
N VAL A 37 -3.55 -6.23 1.91
CA VAL A 37 -4.34 -5.37 2.76
C VAL A 37 -5.78 -5.86 2.78
N GLY A 38 -6.25 -6.22 3.97
CA GLY A 38 -7.60 -6.71 4.13
C GLY A 38 -8.23 -6.17 5.42
N ARG A 39 -9.23 -6.89 5.89
CA ARG A 39 -9.93 -6.50 7.11
C ARG A 39 -9.43 -7.33 8.29
N ILE A 40 -9.29 -8.63 8.05
CA ILE A 40 -8.83 -9.54 9.08
C ILE A 40 -7.33 -9.77 8.93
N VAL A 41 -6.64 -9.80 10.06
CA VAL A 41 -5.20 -10.01 10.06
C VAL A 41 -4.89 -11.36 9.41
N ARG A 42 -5.77 -12.32 9.67
CA ARG A 42 -5.60 -13.66 9.12
C ARG A 42 -5.15 -13.59 7.67
N GLY A 43 -3.93 -14.08 7.44
CA GLY A 43 -3.37 -14.07 6.11
C GLY A 43 -3.52 -12.70 5.45
N ASN A 44 -2.84 -11.72 6.02
CA ASN A 44 -2.88 -10.37 5.51
C ASN A 44 -1.79 -9.54 6.18
N GLU A 45 -1.09 -8.75 5.35
CA GLU A 45 -0.03 -7.91 5.85
C GLU A 45 -0.60 -6.76 6.70
N ILE A 46 -1.75 -6.28 6.26
CA ILE A 46 -2.41 -5.19 6.98
C ILE A 46 -3.91 -5.49 7.07
N ALA A 47 -4.46 -5.20 8.24
CA ALA A 47 -5.88 -5.42 8.48
C ALA A 47 -6.50 -4.18 9.10
N ILE A 48 -7.58 -3.72 8.49
CA ILE A 48 -8.27 -2.54 8.98
C ILE A 48 -9.70 -2.90 9.32
N LYS A 49 -10.11 -2.51 10.53
CA LYS A 49 -11.45 -2.80 11.01
C LYS A 49 -12.35 -1.59 10.72
N ASP A 50 -12.54 -1.32 9.44
CA ASP A 50 -13.36 -0.20 9.02
C ASP A 50 -14.67 -0.73 8.41
N ALA A 51 -14.82 -2.05 8.47
CA ALA A 51 -16.00 -2.69 7.94
C ALA A 51 -15.96 -2.64 6.41
N GLY A 52 -15.93 -1.43 5.89
CA GLY A 52 -15.88 -1.23 4.45
C GLY A 52 -14.85 -2.16 3.80
N ILE A 53 -13.86 -2.55 4.61
CA ILE A 53 -12.81 -3.43 4.13
C ILE A 53 -13.20 -4.88 4.40
N SER A 54 -12.90 -5.73 3.43
CA SER A 54 -13.21 -7.14 3.56
C SER A 54 -11.93 -7.95 3.76
N THR A 55 -12.11 -9.15 4.32
CA THR A 55 -10.97 -10.02 4.56
C THR A 55 -9.95 -9.93 3.43
N LYS A 56 -10.43 -10.24 2.24
CA LYS A 56 -9.58 -10.19 1.05
C LYS A 56 -10.02 -9.05 0.15
N HIS A 57 -9.76 -7.84 0.60
CA HIS A 57 -10.13 -6.66 -0.15
C HIS A 57 -9.24 -6.54 -1.39
N LEU A 58 -7.96 -6.31 -1.13
CA LEU A 58 -6.99 -6.16 -2.21
C LEU A 58 -5.60 -6.57 -1.69
N ARG A 59 -4.68 -6.69 -2.64
CA ARG A 59 -3.31 -7.07 -2.30
C ARG A 59 -2.31 -6.13 -2.97
N ILE A 60 -1.24 -5.84 -2.26
CA ILE A 60 -0.20 -4.96 -2.77
C ILE A 60 1.02 -5.78 -3.14
N GLU A 61 1.58 -5.48 -4.31
CA GLU A 61 2.75 -6.18 -4.79
C GLU A 61 3.61 -5.26 -5.64
N SER A 62 4.85 -5.68 -5.85
CA SER A 62 5.79 -4.90 -6.65
C SER A 62 6.01 -5.58 -8.00
N ASP A 63 6.55 -4.81 -8.94
CA ASP A 63 6.83 -5.33 -10.26
C ASP A 63 8.29 -5.06 -10.61
N SER A 64 9.13 -6.06 -10.37
CA SER A 64 10.55 -5.95 -10.66
C SER A 64 11.18 -4.89 -9.75
N GLY A 65 11.01 -3.65 -10.14
CA GLY A 65 11.56 -2.54 -9.38
C GLY A 65 10.56 -1.40 -9.26
N ASN A 66 9.31 -1.78 -9.02
CA ASN A 66 8.24 -0.80 -8.87
C ASN A 66 7.13 -1.39 -7.99
N TRP A 67 6.22 -0.51 -7.59
CA TRP A 67 5.11 -0.93 -6.75
C TRP A 67 3.82 -0.82 -7.57
N VAL A 68 2.94 -1.78 -7.37
CA VAL A 68 1.67 -1.81 -8.07
C VAL A 68 0.56 -2.23 -7.12
N ILE A 69 -0.66 -1.82 -7.44
CA ILE A 69 -1.81 -2.14 -6.63
C ILE A 69 -2.85 -2.85 -7.49
N GLN A 70 -3.55 -3.78 -6.87
CA GLN A 70 -4.58 -4.53 -7.57
C GLN A 70 -5.80 -4.74 -6.66
N ASP A 71 -6.95 -4.32 -7.16
CA ASP A 71 -8.18 -4.45 -6.41
C ASP A 71 -8.76 -5.86 -6.62
N LEU A 72 -8.63 -6.68 -5.58
CA LEU A 72 -9.13 -8.04 -5.65
C LEU A 72 -10.67 -8.01 -5.65
N GLY A 73 -11.21 -7.38 -6.67
CA GLY A 73 -12.65 -7.28 -6.80
C GLY A 73 -13.33 -7.13 -5.43
N SER A 74 -12.81 -6.20 -4.66
CA SER A 74 -13.34 -5.95 -3.34
C SER A 74 -14.83 -5.57 -3.43
N SER A 75 -15.51 -5.70 -2.30
CA SER A 75 -16.93 -5.38 -2.24
C SER A 75 -17.11 -3.89 -1.95
N ASN A 76 -16.80 -3.09 -2.96
CA ASN A 76 -16.93 -1.64 -2.82
C ASN A 76 -16.10 -0.96 -3.91
N GLY A 77 -14.82 -1.31 -3.97
CA GLY A 77 -13.93 -0.74 -4.95
C GLY A 77 -12.84 0.10 -4.29
N THR A 78 -11.67 0.11 -4.91
CA THR A 78 -10.55 0.87 -4.39
C THR A 78 -10.37 2.16 -5.18
N LEU A 79 -9.95 3.19 -4.48
CA LEU A 79 -9.73 4.49 -5.10
C LEU A 79 -8.25 4.87 -4.98
N LEU A 80 -7.75 5.50 -6.03
CA LEU A 80 -6.36 5.92 -6.06
C LEU A 80 -6.29 7.40 -6.39
N ASN A 81 -6.01 8.20 -5.37
CA ASN A 81 -5.90 9.63 -5.54
C ASN A 81 -7.27 10.20 -5.90
N SER A 82 -7.72 9.87 -7.11
CA SER A 82 -9.01 10.34 -7.57
C SER A 82 -9.46 9.50 -8.77
N ASN A 83 -9.37 8.19 -8.59
CA ASN A 83 -9.77 7.26 -9.64
C ASN A 83 -10.05 5.90 -9.02
N ALA A 84 -11.14 5.30 -9.47
CA ALA A 84 -11.53 3.99 -8.97
C ALA A 84 -10.74 2.90 -9.71
N LEU A 85 -10.03 2.10 -8.92
CA LEU A 85 -9.23 1.03 -9.50
C LEU A 85 -10.15 -0.06 -10.04
N ASP A 86 -9.56 -1.00 -10.75
CA ASP A 86 -10.31 -2.10 -11.34
C ASP A 86 -9.62 -3.43 -10.99
N PRO A 87 -10.45 -4.51 -10.99
CA PRO A 87 -9.94 -5.83 -10.67
C PRO A 87 -9.14 -6.41 -11.85
N GLU A 88 -9.64 -6.15 -13.04
CA GLU A 88 -9.00 -6.62 -14.25
C GLU A 88 -7.98 -5.60 -14.75
N THR A 89 -7.59 -4.72 -13.84
CA THR A 89 -6.63 -3.67 -14.18
C THR A 89 -5.65 -3.46 -13.02
N SER A 90 -4.39 -3.23 -13.38
CA SER A 90 -3.35 -3.00 -12.38
C SER A 90 -2.69 -1.65 -12.62
N VAL A 91 -2.58 -0.89 -11.54
CA VAL A 91 -1.96 0.42 -11.61
C VAL A 91 -0.63 0.40 -10.87
N ASN A 92 0.23 1.34 -11.24
CA ASN A 92 1.55 1.44 -10.60
C ASN A 92 1.51 2.53 -9.53
N LEU A 93 1.90 2.13 -8.33
CA LEU A 93 1.93 3.05 -7.20
C LEU A 93 2.94 4.16 -7.47
N GLY A 94 2.79 5.25 -6.74
CA GLY A 94 3.69 6.38 -6.88
C GLY A 94 4.05 6.99 -5.52
N ASP A 95 4.64 8.17 -5.57
CA ASP A 95 5.02 8.86 -4.36
C ASP A 95 3.98 9.94 -4.04
N GLY A 96 3.17 9.63 -3.03
CA GLY A 96 2.12 10.55 -2.61
C GLY A 96 0.75 10.12 -3.14
N ASP A 97 0.63 8.81 -3.36
CA ASP A 97 -0.61 8.25 -3.86
C ASP A 97 -1.53 7.92 -2.68
N VAL A 98 -2.73 8.48 -2.74
CA VAL A 98 -3.71 8.25 -1.68
C VAL A 98 -4.62 7.09 -2.09
N ILE A 99 -4.73 6.12 -1.19
CA ILE A 99 -5.57 4.96 -1.45
C ILE A 99 -6.80 5.02 -0.55
N LYS A 100 -7.93 5.32 -1.17
CA LYS A 100 -9.18 5.42 -0.43
C LYS A 100 -9.97 4.13 -0.61
N LEU A 101 -9.98 3.32 0.45
CA LEU A 101 -10.69 2.05 0.42
C LEU A 101 -11.67 2.00 1.59
N GLY A 102 -12.56 1.01 1.54
CA GLY A 102 -13.55 0.84 2.59
C GLY A 102 -14.56 1.98 2.58
N GLU A 103 -14.80 2.54 3.76
CA GLU A 103 -15.75 3.63 3.90
C GLU A 103 -15.00 4.97 3.97
N TYR A 104 -14.21 5.10 5.04
CA TYR A 104 -13.45 6.33 5.24
C TYR A 104 -12.00 6.01 5.61
N THR A 105 -11.40 5.12 4.82
CA THR A 105 -10.03 4.73 5.04
C THR A 105 -9.14 5.18 3.89
N SER A 106 -8.14 5.99 4.23
CA SER A 106 -7.22 6.49 3.23
C SER A 106 -5.78 6.11 3.59
N ILE A 107 -5.05 5.65 2.59
CA ILE A 107 -3.67 5.24 2.79
C ILE A 107 -2.77 6.05 1.86
N LEU A 108 -1.70 6.58 2.43
CA LEU A 108 -0.75 7.37 1.66
C LEU A 108 0.47 6.50 1.31
N VAL A 109 0.87 6.59 0.05
CA VAL A 109 2.01 5.82 -0.42
C VAL A 109 3.25 6.72 -0.43
N ASN A 110 4.26 6.28 0.33
CA ASN A 110 5.49 7.04 0.42
C ASN A 110 6.67 6.10 0.12
N PHE A 111 7.54 6.57 -0.77
CA PHE A 111 8.70 5.79 -1.15
C PHE A 111 9.91 6.13 -0.27
N VAL A 112 10.24 5.21 0.62
CA VAL A 112 11.35 5.41 1.52
C VAL A 112 12.61 4.80 0.90
N SER A 113 13.55 5.66 0.56
CA SER A 113 14.79 5.22 -0.04
C SER A 113 15.98 5.63 0.84
N GLY A 114 16.56 4.64 1.50
CA GLY A 114 17.69 4.89 2.38
C GLY A 114 17.30 4.71 3.85
N PRO A 115 18.33 4.79 4.73
CA PRO A 115 18.12 4.64 6.16
C PRO A 115 17.46 5.88 6.75
N SER A 116 16.62 5.66 7.75
CA SER A 116 15.93 6.75 8.42
C SER A 116 16.89 7.91 8.65
N SER A 117 16.47 9.08 8.20
CA SER A 117 17.28 10.28 8.36
C SER A 117 17.39 10.64 9.84
N GLY A 118 18.50 11.30 10.19
CA GLY A 118 18.73 11.71 11.55
C GLY A 118 20.23 11.77 11.86
N GLY A 1 34.22 -6.86 9.40
CA GLY A 1 33.65 -5.52 9.36
C GLY A 1 33.92 -4.84 8.02
N SER A 2 33.26 -5.35 6.98
CA SER A 2 33.42 -4.80 5.65
C SER A 2 32.07 -4.78 4.93
N SER A 3 31.42 -3.62 5.00
CA SER A 3 30.13 -3.45 4.36
C SER A 3 29.67 -2.00 4.49
N GLY A 4 29.28 -1.43 3.35
CA GLY A 4 28.82 -0.06 3.33
C GLY A 4 28.60 0.42 1.88
N SER A 5 27.61 -0.17 1.24
CA SER A 5 27.30 0.18 -0.14
C SER A 5 25.98 0.98 -0.19
N SER A 6 25.79 1.66 -1.29
CA SER A 6 24.59 2.47 -1.48
C SER A 6 24.00 2.21 -2.87
N GLY A 7 22.68 2.15 -2.92
CA GLY A 7 21.98 1.91 -4.18
C GLY A 7 20.47 1.92 -3.98
N MET A 8 19.90 0.72 -3.98
CA MET A 8 18.47 0.57 -3.81
C MET A 8 17.71 1.15 -4.99
N VAL A 9 17.43 0.29 -5.96
CA VAL A 9 16.71 0.71 -7.14
C VAL A 9 15.19 0.61 -6.88
N THR A 10 14.87 0.19 -5.66
CA THR A 10 13.48 0.05 -5.29
C THR A 10 13.24 0.65 -3.89
N PRO A 11 12.41 1.72 -3.87
CA PRO A 11 12.09 2.39 -2.62
C PRO A 11 11.11 1.57 -1.78
N SER A 12 11.31 1.63 -0.48
CA SER A 12 10.45 0.89 0.44
C SER A 12 9.02 1.43 0.36
N LEU A 13 8.07 0.54 0.60
CA LEU A 13 6.67 0.90 0.55
C LEU A 13 6.21 1.31 1.95
N ARG A 14 5.89 2.59 2.08
CA ARG A 14 5.44 3.12 3.36
C ARG A 14 3.96 3.52 3.27
N LEU A 15 3.12 2.66 3.83
CA LEU A 15 1.69 2.93 3.82
C LEU A 15 1.30 3.72 5.07
N VAL A 16 0.96 4.99 4.85
CA VAL A 16 0.57 5.86 5.94
C VAL A 16 -0.95 5.94 6.01
N PHE A 17 -1.46 5.77 7.23
CA PHE A 17 -2.89 5.83 7.45
C PHE A 17 -3.36 7.27 7.67
N VAL A 18 -3.65 7.95 6.56
CA VAL A 18 -4.12 9.32 6.63
C VAL A 18 -5.54 9.35 7.19
N LYS A 19 -6.30 8.32 6.86
CA LYS A 19 -7.67 8.22 7.32
C LYS A 19 -7.94 6.80 7.79
N GLY A 20 -9.18 6.56 8.18
CA GLY A 20 -9.58 5.25 8.67
C GLY A 20 -9.51 5.18 10.20
N PRO A 21 -9.70 3.94 10.72
CA PRO A 21 -9.65 3.72 12.15
C PRO A 21 -8.21 3.76 12.68
N ARG A 22 -7.28 3.59 11.74
CA ARG A 22 -5.87 3.60 12.09
C ARG A 22 -5.23 4.92 11.66
N GLU A 23 -6.08 5.89 11.38
CA GLU A 23 -5.61 7.20 10.96
C GLU A 23 -4.53 7.71 11.90
N GLY A 24 -3.33 7.86 11.36
CA GLY A 24 -2.20 8.34 12.14
C GLY A 24 -1.13 7.25 12.26
N ASP A 25 -1.40 6.12 11.64
CA ASP A 25 -0.47 5.00 11.67
C ASP A 25 0.26 4.92 10.32
N ALA A 26 1.34 4.16 10.32
CA ALA A 26 2.13 3.98 9.12
C ALA A 26 2.97 2.72 9.23
N LEU A 27 3.26 2.13 8.09
CA LEU A 27 4.04 0.91 8.04
C LEU A 27 5.16 1.05 7.00
N ASP A 28 6.05 0.07 6.99
CA ASP A 28 7.16 0.08 6.05
C ASP A 28 7.51 -1.36 5.68
N TYR A 29 7.74 -1.56 4.39
CA TYR A 29 8.08 -2.88 3.88
C TYR A 29 9.17 -2.79 2.81
N LYS A 30 9.92 -3.86 2.68
CA LYS A 30 11.00 -3.92 1.70
C LYS A 30 10.40 -4.13 0.31
N PRO A 31 11.24 -3.88 -0.73
CA PRO A 31 10.80 -4.03 -2.11
C PRO A 31 10.74 -5.51 -2.49
N GLY A 32 9.60 -5.90 -3.07
CA GLY A 32 9.39 -7.27 -3.48
C GLY A 32 8.59 -8.05 -2.44
N SER A 33 8.11 -7.31 -1.45
CA SER A 33 7.32 -7.92 -0.38
C SER A 33 5.86 -7.53 -0.53
N THR A 34 5.06 -8.49 -0.97
CA THR A 34 3.64 -8.27 -1.17
C THR A 34 2.97 -7.91 0.16
N ILE A 35 2.22 -6.82 0.13
CA ILE A 35 1.52 -6.35 1.32
C ILE A 35 0.02 -6.47 1.10
N ARG A 36 -0.53 -7.58 1.56
CA ARG A 36 -1.97 -7.82 1.42
C ARG A 36 -2.75 -6.99 2.44
N VAL A 37 -3.60 -6.12 1.92
CA VAL A 37 -4.40 -5.26 2.78
C VAL A 37 -5.84 -5.80 2.82
N GLY A 38 -6.27 -6.18 4.02
CA GLY A 38 -7.60 -6.70 4.21
C GLY A 38 -8.24 -6.14 5.48
N ARG A 39 -9.19 -6.90 6.01
CA ARG A 39 -9.89 -6.48 7.21
C ARG A 39 -9.48 -7.37 8.39
N ILE A 40 -9.03 -8.57 8.07
CA ILE A 40 -8.60 -9.51 9.09
C ILE A 40 -7.08 -9.68 9.02
N VAL A 41 -6.45 -9.58 10.18
CA VAL A 41 -5.01 -9.71 10.27
C VAL A 41 -4.60 -11.11 9.77
N ARG A 42 -5.44 -12.09 10.09
CA ARG A 42 -5.18 -13.45 9.69
C ARG A 42 -5.48 -13.64 8.20
N GLY A 43 -4.43 -13.61 7.40
CA GLY A 43 -4.57 -13.77 5.97
C GLY A 43 -3.80 -12.68 5.22
N ASN A 44 -4.14 -11.44 5.50
CA ASN A 44 -3.50 -10.31 4.87
C ASN A 44 -2.53 -9.66 5.85
N GLU A 45 -1.55 -8.96 5.30
CA GLU A 45 -0.55 -8.30 6.11
C GLU A 45 -1.21 -7.19 6.95
N ILE A 46 -1.78 -6.22 6.24
CA ILE A 46 -2.44 -5.11 6.90
C ILE A 46 -3.93 -5.42 7.05
N ALA A 47 -4.45 -5.09 8.23
CA ALA A 47 -5.86 -5.33 8.51
C ALA A 47 -6.47 -4.07 9.12
N ILE A 48 -7.58 -3.65 8.54
CA ILE A 48 -8.28 -2.47 9.00
C ILE A 48 -9.69 -2.84 9.43
N LYS A 49 -10.06 -2.37 10.62
CA LYS A 49 -11.38 -2.66 11.16
C LYS A 49 -12.29 -1.44 10.93
N ASP A 50 -12.55 -1.18 9.65
CA ASP A 50 -13.40 -0.05 9.29
C ASP A 50 -14.73 -0.57 8.75
N ALA A 51 -14.79 -1.89 8.59
CA ALA A 51 -15.99 -2.52 8.08
C ALA A 51 -15.99 -2.45 6.54
N GLY A 52 -15.79 -1.25 6.04
CA GLY A 52 -15.77 -1.03 4.60
C GLY A 52 -14.78 -1.97 3.92
N ILE A 53 -13.78 -2.38 4.69
CA ILE A 53 -12.76 -3.28 4.18
C ILE A 53 -13.17 -4.73 4.47
N SER A 54 -12.86 -5.60 3.53
CA SER A 54 -13.18 -7.01 3.66
C SER A 54 -11.90 -7.83 3.85
N THR A 55 -12.07 -9.02 4.39
CA THR A 55 -10.94 -9.91 4.61
C THR A 55 -9.97 -9.85 3.43
N LYS A 56 -10.47 -10.22 2.27
CA LYS A 56 -9.67 -10.22 1.06
C LYS A 56 -10.14 -9.09 0.14
N HIS A 57 -9.84 -7.87 0.55
CA HIS A 57 -10.21 -6.70 -0.21
C HIS A 57 -9.30 -6.56 -1.43
N LEU A 58 -8.03 -6.32 -1.14
CA LEU A 58 -7.04 -6.16 -2.20
C LEU A 58 -5.66 -6.52 -1.67
N ARG A 59 -4.71 -6.62 -2.58
CA ARG A 59 -3.35 -6.97 -2.21
C ARG A 59 -2.35 -6.07 -2.96
N ILE A 60 -1.27 -5.73 -2.27
CA ILE A 60 -0.25 -4.89 -2.85
C ILE A 60 1.00 -5.73 -3.14
N GLU A 61 1.62 -5.44 -4.27
CA GLU A 61 2.82 -6.16 -4.67
C GLU A 61 3.75 -5.25 -5.48
N SER A 62 4.96 -5.72 -5.68
CA SER A 62 5.95 -4.96 -6.43
C SER A 62 6.47 -5.79 -7.60
N ASP A 63 6.73 -5.10 -8.70
CA ASP A 63 7.24 -5.75 -9.90
C ASP A 63 8.22 -4.83 -10.61
N SER A 64 9.12 -5.45 -11.36
CA SER A 64 10.13 -4.69 -12.08
C SER A 64 10.64 -3.53 -11.23
N GLY A 65 11.22 -3.89 -10.10
CA GLY A 65 11.76 -2.89 -9.19
C GLY A 65 10.79 -1.71 -9.04
N ASN A 66 9.52 -2.04 -8.93
CA ASN A 66 8.49 -1.01 -8.80
C ASN A 66 7.32 -1.57 -7.98
N TRP A 67 6.44 -0.68 -7.58
CA TRP A 67 5.28 -1.07 -6.79
C TRP A 67 4.04 -0.92 -7.67
N VAL A 68 3.09 -1.80 -7.43
CA VAL A 68 1.84 -1.80 -8.19
C VAL A 68 0.68 -2.13 -7.26
N ILE A 69 -0.47 -1.55 -7.57
CA ILE A 69 -1.66 -1.77 -6.78
C ILE A 69 -2.66 -2.61 -7.59
N GLN A 70 -3.33 -3.51 -6.90
CA GLN A 70 -4.31 -4.37 -7.53
C GLN A 70 -5.52 -4.59 -6.61
N ASP A 71 -6.68 -4.21 -7.12
CA ASP A 71 -7.91 -4.36 -6.36
C ASP A 71 -8.54 -5.72 -6.65
N LEU A 72 -8.57 -6.56 -5.63
CA LEU A 72 -9.14 -7.89 -5.76
C LEU A 72 -10.67 -7.79 -5.81
N GLY A 73 -11.15 -7.00 -6.76
CA GLY A 73 -12.57 -6.81 -6.93
C GLY A 73 -13.30 -6.91 -5.58
N SER A 74 -12.79 -6.16 -4.61
CA SER A 74 -13.37 -6.16 -3.28
C SER A 74 -14.90 -6.16 -3.39
N SER A 75 -15.46 -4.95 -3.44
CA SER A 75 -16.89 -4.80 -3.53
C SER A 75 -17.25 -3.32 -3.72
N ASN A 76 -16.81 -2.52 -2.77
CA ASN A 76 -17.07 -1.08 -2.81
C ASN A 76 -16.27 -0.46 -3.95
N GLY A 77 -14.99 -0.78 -3.97
CA GLY A 77 -14.09 -0.26 -5.00
C GLY A 77 -12.99 0.59 -4.38
N THR A 78 -11.77 0.33 -4.82
CA THR A 78 -10.62 1.08 -4.32
C THR A 78 -10.32 2.27 -5.22
N LEU A 79 -10.06 3.40 -4.59
CA LEU A 79 -9.76 4.62 -5.32
C LEU A 79 -8.29 5.00 -5.10
N LEU A 80 -7.71 5.62 -6.11
CA LEU A 80 -6.32 6.03 -6.03
C LEU A 80 -6.22 7.52 -6.37
N ASN A 81 -5.87 8.30 -5.37
CA ASN A 81 -5.73 9.74 -5.55
C ASN A 81 -7.08 10.33 -5.97
N SER A 82 -7.35 10.22 -7.27
CA SER A 82 -8.60 10.73 -7.81
C SER A 82 -9.03 9.87 -9.00
N ASN A 83 -9.33 8.62 -8.72
CA ASN A 83 -9.76 7.69 -9.75
C ASN A 83 -10.01 6.32 -9.13
N ALA A 84 -10.98 5.62 -9.70
CA ALA A 84 -11.34 4.30 -9.22
C ALA A 84 -10.46 3.25 -9.91
N LEU A 85 -9.94 2.34 -9.11
CA LEU A 85 -9.09 1.29 -9.62
C LEU A 85 -9.95 0.28 -10.41
N ASP A 86 -9.29 -0.78 -10.86
CA ASP A 86 -9.98 -1.81 -11.62
C ASP A 86 -9.40 -3.18 -11.26
N PRO A 87 -10.31 -4.18 -11.14
CA PRO A 87 -9.89 -5.53 -10.80
C PRO A 87 -9.24 -6.22 -11.99
N GLU A 88 -9.59 -5.75 -13.18
CA GLU A 88 -9.05 -6.31 -14.40
C GLU A 88 -7.92 -5.42 -14.94
N THR A 89 -7.26 -4.73 -14.03
CA THR A 89 -6.17 -3.83 -14.40
C THR A 89 -5.23 -3.62 -13.21
N SER A 90 -3.98 -3.34 -13.54
CA SER A 90 -2.98 -3.11 -12.51
C SER A 90 -2.30 -1.75 -12.73
N VAL A 91 -2.28 -0.97 -11.67
CA VAL A 91 -1.67 0.35 -11.73
C VAL A 91 -0.38 0.36 -10.92
N ASN A 92 0.50 1.29 -11.25
CA ASN A 92 1.77 1.41 -10.57
C ASN A 92 1.65 2.46 -9.46
N LEU A 93 1.94 2.03 -8.25
CA LEU A 93 1.87 2.92 -7.09
C LEU A 93 2.82 4.10 -7.32
N GLY A 94 2.54 5.18 -6.61
CA GLY A 94 3.35 6.38 -6.71
C GLY A 94 3.49 7.08 -5.37
N ASP A 95 4.55 7.85 -5.24
CA ASP A 95 4.80 8.58 -4.00
C ASP A 95 3.78 9.70 -3.85
N GLY A 96 3.06 9.67 -2.75
CA GLY A 96 2.05 10.68 -2.47
C GLY A 96 0.70 10.27 -3.05
N ASP A 97 0.54 8.97 -3.24
CA ASP A 97 -0.70 8.43 -3.78
C ASP A 97 -1.61 8.01 -2.63
N VAL A 98 -2.80 8.59 -2.62
CA VAL A 98 -3.78 8.29 -1.59
C VAL A 98 -4.66 7.12 -2.06
N ILE A 99 -4.79 6.15 -1.17
CA ILE A 99 -5.60 4.98 -1.47
C ILE A 99 -6.87 5.00 -0.62
N LYS A 100 -7.98 5.25 -1.29
CA LYS A 100 -9.27 5.31 -0.62
C LYS A 100 -9.98 3.96 -0.77
N LEU A 101 -10.00 3.20 0.32
CA LEU A 101 -10.64 1.90 0.32
C LEU A 101 -11.66 1.83 1.45
N GLY A 102 -12.45 0.78 1.43
CA GLY A 102 -13.48 0.59 2.44
C GLY A 102 -14.54 1.70 2.37
N GLU A 103 -14.51 2.56 3.37
CA GLU A 103 -15.47 3.66 3.43
C GLU A 103 -14.73 4.99 3.43
N TYR A 104 -14.03 5.25 4.53
CA TYR A 104 -13.28 6.49 4.66
C TYR A 104 -11.77 6.21 4.74
N THR A 105 -11.45 5.03 5.25
CA THR A 105 -10.06 4.63 5.38
C THR A 105 -9.25 5.11 4.17
N SER A 106 -8.12 5.73 4.48
CA SER A 106 -7.25 6.25 3.42
C SER A 106 -5.80 5.89 3.74
N ILE A 107 -5.10 5.40 2.71
CA ILE A 107 -3.71 5.02 2.87
C ILE A 107 -2.85 5.86 1.91
N LEU A 108 -1.75 6.37 2.45
CA LEU A 108 -0.85 7.18 1.67
C LEU A 108 0.37 6.35 1.28
N VAL A 109 0.80 6.51 0.04
CA VAL A 109 1.95 5.79 -0.48
C VAL A 109 3.16 6.71 -0.50
N ASN A 110 4.17 6.31 0.26
CA ASN A 110 5.40 7.09 0.34
C ASN A 110 6.60 6.18 0.07
N PHE A 111 7.44 6.62 -0.85
CA PHE A 111 8.62 5.86 -1.21
C PHE A 111 9.82 6.28 -0.36
N VAL A 112 10.28 5.35 0.46
CA VAL A 112 11.41 5.61 1.33
C VAL A 112 12.70 5.15 0.64
N SER A 113 13.56 6.12 0.36
CA SER A 113 14.82 5.84 -0.30
C SER A 113 15.89 5.49 0.74
N GLY A 114 16.92 4.81 0.27
CA GLY A 114 18.02 4.41 1.14
C GLY A 114 18.74 5.64 1.71
N PRO A 115 19.38 5.43 2.90
CA PRO A 115 20.11 6.50 3.55
C PRO A 115 21.44 6.77 2.83
N SER A 116 21.33 7.27 1.61
CA SER A 116 22.50 7.58 0.83
C SER A 116 23.31 8.69 1.49
N SER A 117 22.63 9.81 1.73
CA SER A 117 23.27 10.95 2.37
C SER A 117 22.76 11.09 3.80
N GLY A 118 23.71 11.23 4.72
CA GLY A 118 23.38 11.38 6.12
C GLY A 118 24.28 12.42 6.79
N GLY A 1 31.92 4.24 6.56
CA GLY A 1 31.35 4.62 5.28
C GLY A 1 29.93 5.17 5.46
N SER A 2 29.85 6.30 6.15
CA SER A 2 28.56 6.93 6.39
C SER A 2 28.05 7.59 5.11
N SER A 3 26.74 7.55 4.94
CA SER A 3 26.12 8.14 3.77
C SER A 3 26.85 7.67 2.51
N GLY A 4 26.43 6.53 2.00
CA GLY A 4 27.03 5.96 0.80
C GLY A 4 27.00 4.43 0.83
N SER A 5 25.96 3.89 0.22
CA SER A 5 25.79 2.45 0.17
C SER A 5 24.88 2.07 -1.00
N SER A 6 23.64 2.52 -0.93
CA SER A 6 22.67 2.25 -1.98
C SER A 6 22.59 0.73 -2.20
N GLY A 7 21.50 0.16 -1.69
CA GLY A 7 21.28 -1.27 -1.83
C GLY A 7 20.36 -1.56 -3.02
N MET A 8 19.06 -1.49 -2.74
CA MET A 8 18.06 -1.75 -3.77
C MET A 8 17.51 -0.44 -4.34
N VAL A 9 17.42 -0.40 -5.66
CA VAL A 9 16.92 0.78 -6.34
C VAL A 9 15.43 0.92 -6.05
N THR A 10 14.84 -0.17 -5.59
CA THR A 10 13.42 -0.17 -5.26
C THR A 10 13.18 0.42 -3.88
N PRO A 11 12.37 1.52 -3.87
CA PRO A 11 12.05 2.20 -2.62
C PRO A 11 11.04 1.40 -1.81
N SER A 12 11.22 1.44 -0.49
CA SER A 12 10.33 0.73 0.41
C SER A 12 8.93 1.34 0.35
N LEU A 13 7.94 0.47 0.54
CA LEU A 13 6.55 0.90 0.51
C LEU A 13 6.10 1.27 1.93
N ARG A 14 5.80 2.55 2.11
CA ARG A 14 5.37 3.04 3.41
C ARG A 14 3.91 3.50 3.33
N LEU A 15 3.02 2.64 3.79
CA LEU A 15 1.61 2.95 3.79
C LEU A 15 1.26 3.78 5.02
N VAL A 16 0.93 5.05 4.77
CA VAL A 16 0.58 5.96 5.84
C VAL A 16 -0.95 6.07 5.94
N PHE A 17 -1.45 5.80 7.12
CA PHE A 17 -2.88 5.85 7.37
C PHE A 17 -3.33 7.29 7.67
N VAL A 18 -3.64 8.01 6.60
CA VAL A 18 -4.08 9.40 6.75
C VAL A 18 -5.52 9.41 7.29
N LYS A 19 -6.27 8.41 6.90
CA LYS A 19 -7.66 8.30 7.35
C LYS A 19 -7.93 6.87 7.81
N GLY A 20 -9.21 6.59 8.05
CA GLY A 20 -9.62 5.27 8.49
C GLY A 20 -9.47 5.13 10.01
N PRO A 21 -9.64 3.87 10.49
CA PRO A 21 -9.52 3.59 11.91
C PRO A 21 -8.06 3.61 12.37
N ARG A 22 -7.18 3.41 11.39
CA ARG A 22 -5.75 3.40 11.68
C ARG A 22 -5.15 4.80 11.46
N GLU A 23 -6.03 5.74 11.14
CA GLU A 23 -5.61 7.11 10.90
C GLU A 23 -4.54 7.50 11.91
N GLY A 24 -3.35 7.75 11.39
CA GLY A 24 -2.24 8.15 12.24
C GLY A 24 -1.18 7.04 12.31
N ASP A 25 -1.45 5.96 11.59
CA ASP A 25 -0.53 4.83 11.57
C ASP A 25 0.26 4.85 10.27
N ALA A 26 1.39 4.15 10.28
CA ALA A 26 2.24 4.08 9.10
C ALA A 26 3.11 2.82 9.20
N LEU A 27 3.15 2.10 8.09
CA LEU A 27 3.94 0.87 8.03
C LEU A 27 5.05 1.03 6.99
N ASP A 28 5.95 0.07 6.97
CA ASP A 28 7.06 0.09 6.03
C ASP A 28 7.44 -1.34 5.67
N TYR A 29 7.62 -1.57 4.38
CA TYR A 29 8.00 -2.89 3.90
C TYR A 29 9.12 -2.79 2.86
N LYS A 30 9.81 -3.91 2.68
CA LYS A 30 10.90 -3.96 1.72
C LYS A 30 10.33 -4.11 0.31
N PRO A 31 11.21 -3.84 -0.70
CA PRO A 31 10.80 -3.94 -2.09
C PRO A 31 10.71 -5.41 -2.52
N GLY A 32 9.57 -5.73 -3.14
CA GLY A 32 9.34 -7.08 -3.61
C GLY A 32 8.58 -7.90 -2.57
N SER A 33 7.97 -7.19 -1.63
CA SER A 33 7.21 -7.83 -0.57
C SER A 33 5.73 -7.49 -0.71
N THR A 34 4.95 -8.50 -1.06
CA THR A 34 3.53 -8.32 -1.24
C THR A 34 2.87 -7.95 0.10
N ILE A 35 2.14 -6.85 0.07
CA ILE A 35 1.46 -6.37 1.27
C ILE A 35 -0.05 -6.50 1.07
N ARG A 36 -0.59 -7.60 1.55
CA ARG A 36 -2.01 -7.86 1.44
C ARG A 36 -2.78 -7.02 2.46
N VAL A 37 -3.54 -6.06 1.96
CA VAL A 37 -4.32 -5.20 2.81
C VAL A 37 -5.78 -5.67 2.82
N GLY A 38 -6.20 -6.20 3.96
CA GLY A 38 -7.56 -6.69 4.11
C GLY A 38 -8.20 -6.16 5.39
N ARG A 39 -9.13 -6.94 5.91
CA ARG A 39 -9.83 -6.56 7.13
C ARG A 39 -9.33 -7.40 8.31
N ILE A 40 -8.96 -8.64 8.00
CA ILE A 40 -8.47 -9.55 9.01
C ILE A 40 -6.94 -9.62 8.93
N VAL A 41 -6.32 -9.68 10.10
CA VAL A 41 -4.87 -9.75 10.18
C VAL A 41 -4.41 -11.12 9.68
N ARG A 42 -5.21 -12.13 9.99
CA ARG A 42 -4.89 -13.48 9.58
C ARG A 42 -5.12 -13.66 8.08
N GLY A 43 -4.04 -13.86 7.36
CA GLY A 43 -4.10 -14.04 5.91
C GLY A 43 -3.51 -12.83 5.18
N ASN A 44 -3.93 -11.65 5.61
CA ASN A 44 -3.45 -10.42 5.01
C ASN A 44 -2.50 -9.72 5.97
N GLU A 45 -1.54 -9.00 5.40
CA GLU A 45 -0.56 -8.29 6.20
C GLU A 45 -1.24 -7.17 7.00
N ILE A 46 -1.81 -6.22 6.26
CA ILE A 46 -2.49 -5.10 6.90
C ILE A 46 -3.97 -5.42 7.01
N ALA A 47 -4.53 -5.09 8.17
CA ALA A 47 -5.94 -5.32 8.42
C ALA A 47 -6.57 -4.06 9.01
N ILE A 48 -7.65 -3.63 8.39
CA ILE A 48 -8.37 -2.45 8.83
C ILE A 48 -9.79 -2.83 9.23
N LYS A 49 -10.12 -2.51 10.48
CA LYS A 49 -11.45 -2.80 11.00
C LYS A 49 -12.37 -1.60 10.76
N ASP A 50 -12.57 -1.30 9.48
CA ASP A 50 -13.43 -0.18 9.11
C ASP A 50 -14.75 -0.73 8.57
N ALA A 51 -14.79 -2.04 8.40
CA ALA A 51 -15.99 -2.69 7.90
C ALA A 51 -16.01 -2.62 6.37
N GLY A 52 -15.84 -1.41 5.86
CA GLY A 52 -15.83 -1.19 4.43
C GLY A 52 -14.78 -2.07 3.75
N ILE A 53 -13.85 -2.56 4.55
CA ILE A 53 -12.80 -3.42 4.04
C ILE A 53 -13.13 -4.87 4.34
N SER A 54 -12.88 -5.73 3.36
CA SER A 54 -13.15 -7.15 3.51
C SER A 54 -11.86 -7.90 3.84
N THR A 55 -12.04 -9.10 4.39
CA THR A 55 -10.89 -9.92 4.76
C THR A 55 -9.85 -9.92 3.64
N LYS A 56 -10.35 -9.88 2.42
CA LYS A 56 -9.49 -9.86 1.26
C LYS A 56 -9.93 -8.77 0.28
N HIS A 57 -9.75 -7.53 0.73
CA HIS A 57 -10.13 -6.39 -0.08
C HIS A 57 -9.23 -6.30 -1.32
N LEU A 58 -7.95 -6.04 -1.06
CA LEU A 58 -6.99 -5.93 -2.13
C LEU A 58 -5.61 -6.37 -1.62
N ARG A 59 -4.67 -6.50 -2.55
CA ARG A 59 -3.33 -6.90 -2.20
C ARG A 59 -2.30 -6.00 -2.91
N ILE A 60 -1.27 -5.64 -2.17
CA ILE A 60 -0.24 -4.78 -2.70
C ILE A 60 1.00 -5.63 -3.04
N GLU A 61 1.59 -5.33 -4.19
CA GLU A 61 2.77 -6.05 -4.63
C GLU A 61 3.69 -5.14 -5.43
N SER A 62 4.91 -5.60 -5.62
CA SER A 62 5.89 -4.83 -6.37
C SER A 62 6.46 -5.68 -7.51
N ASP A 63 6.80 -4.99 -8.60
CA ASP A 63 7.35 -5.67 -9.77
C ASP A 63 8.16 -4.67 -10.59
N SER A 64 9.02 -5.21 -11.44
CA SER A 64 9.86 -4.37 -12.29
C SER A 64 10.38 -3.16 -11.51
N GLY A 65 11.00 -3.46 -10.37
CA GLY A 65 11.54 -2.42 -9.52
C GLY A 65 10.54 -1.28 -9.34
N ASN A 66 9.27 -1.66 -9.24
CA ASN A 66 8.21 -0.70 -9.06
C ASN A 66 7.09 -1.32 -8.22
N TRP A 67 6.21 -0.45 -7.72
CA TRP A 67 5.11 -0.90 -6.91
C TRP A 67 3.83 -0.80 -7.74
N VAL A 68 2.90 -1.70 -7.45
CA VAL A 68 1.64 -1.71 -8.17
C VAL A 68 0.52 -2.12 -7.22
N ILE A 69 -0.68 -1.63 -7.51
CA ILE A 69 -1.84 -1.93 -6.68
C ILE A 69 -2.87 -2.69 -7.52
N GLN A 70 -3.57 -3.60 -6.86
CA GLN A 70 -4.59 -4.39 -7.53
C GLN A 70 -5.80 -4.58 -6.61
N ASP A 71 -6.95 -4.16 -7.11
CA ASP A 71 -8.19 -4.28 -6.35
C ASP A 71 -8.77 -5.67 -6.55
N LEU A 72 -8.66 -6.50 -5.52
CA LEU A 72 -9.18 -7.85 -5.57
C LEU A 72 -10.70 -7.82 -5.59
N GLY A 73 -11.25 -7.19 -6.63
CA GLY A 73 -12.69 -7.08 -6.77
C GLY A 73 -13.35 -6.86 -5.42
N SER A 74 -12.78 -5.95 -4.64
CA SER A 74 -13.30 -5.64 -3.33
C SER A 74 -14.71 -5.05 -3.46
N SER A 75 -15.35 -4.88 -2.31
CA SER A 75 -16.69 -4.33 -2.28
C SER A 75 -16.65 -2.82 -2.52
N ASN A 76 -17.72 -2.32 -3.11
CA ASN A 76 -17.82 -0.90 -3.40
C ASN A 76 -16.84 -0.54 -4.51
N GLY A 77 -15.56 -0.71 -4.20
CA GLY A 77 -14.50 -0.41 -5.16
C GLY A 77 -13.38 0.39 -4.50
N THR A 78 -12.19 0.24 -5.06
CA THR A 78 -11.03 0.96 -4.54
C THR A 78 -10.80 2.25 -5.34
N LEU A 79 -10.06 3.16 -4.71
CA LEU A 79 -9.76 4.43 -5.34
C LEU A 79 -8.27 4.75 -5.16
N LEU A 80 -7.63 5.10 -6.27
CA LEU A 80 -6.22 5.42 -6.26
C LEU A 80 -6.03 6.88 -6.68
N ASN A 81 -5.58 7.68 -5.72
CA ASN A 81 -5.35 9.10 -5.98
C ASN A 81 -6.68 9.76 -6.35
N SER A 82 -7.04 9.61 -7.62
CA SER A 82 -8.28 10.18 -8.12
C SER A 82 -8.82 9.35 -9.28
N ASN A 83 -9.04 8.07 -8.99
CA ASN A 83 -9.55 7.16 -10.00
C ASN A 83 -9.85 5.81 -9.36
N ALA A 84 -10.95 5.20 -9.80
CA ALA A 84 -11.35 3.92 -9.27
C ALA A 84 -10.51 2.81 -9.92
N LEU A 85 -9.87 2.04 -9.07
CA LEU A 85 -9.02 0.94 -9.54
C LEU A 85 -9.89 -0.11 -10.23
N ASP A 86 -9.23 -1.12 -10.77
CA ASP A 86 -9.94 -2.19 -11.45
C ASP A 86 -9.34 -3.53 -11.03
N PRO A 87 -10.22 -4.58 -11.02
CA PRO A 87 -9.80 -5.91 -10.63
C PRO A 87 -8.98 -6.57 -11.74
N GLU A 88 -9.38 -6.28 -12.97
CA GLU A 88 -8.69 -6.83 -14.13
C GLU A 88 -7.63 -5.85 -14.64
N THR A 89 -7.19 -4.99 -13.74
CA THR A 89 -6.19 -3.99 -14.09
C THR A 89 -5.38 -3.60 -12.85
N SER A 90 -4.08 -3.43 -13.06
CA SER A 90 -3.19 -3.05 -11.98
C SER A 90 -2.40 -1.79 -12.36
N VAL A 91 -2.43 -0.82 -11.46
CA VAL A 91 -1.72 0.43 -11.69
C VAL A 91 -0.47 0.48 -10.81
N ASN A 92 0.47 1.31 -11.23
CA ASN A 92 1.72 1.45 -10.50
C ASN A 92 1.53 2.48 -9.37
N LEU A 93 1.96 2.10 -8.18
CA LEU A 93 1.85 2.97 -7.02
C LEU A 93 2.80 4.15 -7.19
N GLY A 94 2.47 5.23 -6.49
CA GLY A 94 3.29 6.43 -6.55
C GLY A 94 3.39 7.10 -5.18
N ASP A 95 4.52 7.75 -4.95
CA ASP A 95 4.74 8.44 -3.68
C ASP A 95 3.82 9.66 -3.60
N GLY A 96 3.04 9.71 -2.54
CA GLY A 96 2.13 10.82 -2.33
C GLY A 96 0.71 10.45 -2.78
N ASP A 97 0.57 9.21 -3.21
CA ASP A 97 -0.72 8.72 -3.67
C ASP A 97 -1.64 8.51 -2.46
N VAL A 98 -2.94 8.61 -2.73
CA VAL A 98 -3.92 8.42 -1.67
C VAL A 98 -4.89 7.31 -2.07
N ILE A 99 -4.77 6.19 -1.36
CA ILE A 99 -5.63 5.05 -1.62
C ILE A 99 -6.85 5.10 -0.70
N LYS A 100 -7.99 5.36 -1.31
CA LYS A 100 -9.24 5.44 -0.57
C LYS A 100 -10.00 4.12 -0.71
N LEU A 101 -9.98 3.35 0.37
CA LEU A 101 -10.67 2.06 0.38
C LEU A 101 -11.64 2.02 1.55
N GLY A 102 -12.55 1.06 1.50
CA GLY A 102 -13.53 0.89 2.54
C GLY A 102 -14.54 2.04 2.54
N GLU A 103 -14.82 2.56 3.72
CA GLU A 103 -15.75 3.66 3.87
C GLU A 103 -15.01 4.98 3.99
N TYR A 104 -14.29 5.11 5.11
CA TYR A 104 -13.53 6.32 5.36
C TYR A 104 -12.07 5.99 5.71
N THR A 105 -11.48 5.16 4.87
CA THR A 105 -10.09 4.76 5.08
C THR A 105 -9.22 5.22 3.92
N SER A 106 -8.21 6.01 4.26
CA SER A 106 -7.29 6.54 3.26
C SER A 106 -5.85 6.12 3.59
N ILE A 107 -5.15 5.65 2.57
CA ILE A 107 -3.77 5.22 2.75
C ILE A 107 -2.88 6.04 1.83
N LEU A 108 -1.76 6.48 2.39
CA LEU A 108 -0.81 7.27 1.64
C LEU A 108 0.38 6.39 1.23
N VAL A 109 0.90 6.66 0.05
CA VAL A 109 2.03 5.91 -0.46
C VAL A 109 3.30 6.75 -0.36
N ASN A 110 4.27 6.23 0.37
CA ASN A 110 5.54 6.93 0.56
C ASN A 110 6.69 5.99 0.21
N PHE A 111 7.57 6.46 -0.67
CA PHE A 111 8.71 5.68 -1.08
C PHE A 111 9.94 6.01 -0.23
N VAL A 112 10.28 5.06 0.64
CA VAL A 112 11.43 5.23 1.52
C VAL A 112 12.65 4.57 0.88
N SER A 113 13.71 5.34 0.78
CA SER A 113 14.94 4.85 0.20
C SER A 113 16.05 4.83 1.25
N GLY A 114 16.14 5.92 2.00
CA GLY A 114 17.14 6.04 3.04
C GLY A 114 16.51 6.50 4.35
N PRO A 115 17.40 6.83 5.33
CA PRO A 115 16.94 7.29 6.63
C PRO A 115 16.44 8.73 6.56
N SER A 116 15.53 9.06 7.47
CA SER A 116 14.96 10.39 7.52
C SER A 116 14.48 10.70 8.94
N SER A 117 14.24 11.98 9.18
CA SER A 117 13.77 12.43 10.49
C SER A 117 14.69 11.87 11.58
N GLY A 118 15.74 12.64 11.87
CA GLY A 118 16.69 12.24 12.89
C GLY A 118 16.72 13.24 14.04
N GLY A 1 32.23 -14.03 -1.56
CA GLY A 1 31.44 -12.82 -1.51
C GLY A 1 31.01 -12.38 -2.91
N SER A 2 30.40 -11.21 -2.97
CA SER A 2 29.95 -10.66 -4.25
C SER A 2 30.03 -9.14 -4.21
N SER A 3 31.23 -8.63 -4.45
CA SER A 3 31.46 -7.20 -4.46
C SER A 3 31.13 -6.60 -3.08
N GLY A 4 31.74 -5.47 -2.80
CA GLY A 4 31.52 -4.79 -1.52
C GLY A 4 30.29 -3.89 -1.59
N SER A 5 29.92 -3.37 -0.42
CA SER A 5 28.77 -2.50 -0.33
C SER A 5 27.50 -3.24 -0.76
N SER A 6 26.37 -2.73 -0.30
CA SER A 6 25.09 -3.33 -0.64
C SER A 6 24.41 -2.54 -1.76
N GLY A 7 23.44 -3.19 -2.39
CA GLY A 7 22.70 -2.56 -3.47
C GLY A 7 21.20 -2.80 -3.33
N MET A 8 20.56 -1.94 -2.55
CA MET A 8 19.13 -2.05 -2.32
C MET A 8 18.35 -1.18 -3.31
N VAL A 9 17.86 -1.83 -4.36
CA VAL A 9 17.10 -1.13 -5.38
C VAL A 9 15.62 -1.07 -4.97
N THR A 10 14.87 -0.29 -5.70
CA THR A 10 13.44 -0.15 -5.43
C THR A 10 13.23 0.50 -4.06
N PRO A 11 12.39 1.57 -4.05
CA PRO A 11 12.10 2.28 -2.81
C PRO A 11 11.15 1.47 -1.93
N SER A 12 11.30 1.66 -0.62
CA SER A 12 10.47 0.96 0.33
C SER A 12 9.04 1.51 0.28
N LEU A 13 8.08 0.64 0.55
CA LEU A 13 6.68 1.02 0.54
C LEU A 13 6.27 1.44 1.95
N ARG A 14 5.82 2.68 2.06
CA ARG A 14 5.39 3.21 3.34
C ARG A 14 3.92 3.62 3.28
N LEU A 15 3.08 2.75 3.82
CA LEU A 15 1.64 3.00 3.83
C LEU A 15 1.29 3.83 5.06
N VAL A 16 0.95 5.09 4.81
CA VAL A 16 0.58 6.00 5.88
C VAL A 16 -0.94 6.11 5.94
N PHE A 17 -1.47 5.87 7.15
CA PHE A 17 -2.90 5.95 7.36
C PHE A 17 -3.34 7.40 7.61
N VAL A 18 -3.68 8.08 6.53
CA VAL A 18 -4.12 9.47 6.63
C VAL A 18 -5.56 9.50 7.15
N LYS A 19 -6.30 8.45 6.81
CA LYS A 19 -7.69 8.36 7.23
C LYS A 19 -7.97 6.94 7.72
N GLY A 20 -9.23 6.70 8.07
CA GLY A 20 -9.64 5.39 8.55
C GLY A 20 -9.49 5.30 10.08
N PRO A 21 -9.70 4.07 10.60
CA PRO A 21 -9.59 3.83 12.03
C PRO A 21 -8.13 3.82 12.47
N ARG A 22 -7.24 3.66 11.50
CA ARG A 22 -5.81 3.63 11.77
C ARG A 22 -5.19 4.99 11.50
N GLU A 23 -6.05 5.94 11.15
CA GLU A 23 -5.60 7.30 10.87
C GLU A 23 -4.52 7.72 11.86
N GLY A 24 -3.33 7.93 11.34
CA GLY A 24 -2.20 8.35 12.17
C GLY A 24 -1.14 7.24 12.24
N ASP A 25 -1.46 6.11 11.63
CA ASP A 25 -0.55 4.98 11.62
C ASP A 25 0.20 4.96 10.29
N ALA A 26 1.34 4.28 10.30
CA ALA A 26 2.16 4.17 9.11
C ALA A 26 3.05 2.93 9.22
N LEU A 27 3.14 2.20 8.12
CA LEU A 27 3.95 0.99 8.08
C LEU A 27 5.01 1.13 6.98
N ASP A 28 5.95 0.21 6.99
CA ASP A 28 7.02 0.21 6.01
C ASP A 28 7.42 -1.23 5.69
N TYR A 29 7.69 -1.46 4.41
CA TYR A 29 8.09 -2.79 3.96
C TYR A 29 9.17 -2.70 2.89
N LYS A 30 9.84 -3.84 2.67
CA LYS A 30 10.90 -3.90 1.68
C LYS A 30 10.28 -4.11 0.29
N PRO A 31 11.10 -3.82 -0.75
CA PRO A 31 10.65 -3.98 -2.12
C PRO A 31 10.60 -5.45 -2.52
N GLY A 32 9.46 -5.86 -3.04
CA GLY A 32 9.27 -7.24 -3.47
C GLY A 32 8.49 -8.03 -2.41
N SER A 33 7.97 -7.31 -1.44
CA SER A 33 7.20 -7.93 -0.37
C SER A 33 5.71 -7.61 -0.54
N THR A 34 4.97 -8.62 -0.98
CA THR A 34 3.54 -8.47 -1.19
C THR A 34 2.85 -8.11 0.14
N ILE A 35 2.19 -6.96 0.13
CA ILE A 35 1.49 -6.50 1.31
C ILE A 35 -0.02 -6.64 1.09
N ARG A 36 -0.55 -7.76 1.56
CA ARG A 36 -1.96 -8.03 1.42
C ARG A 36 -2.77 -7.21 2.43
N VAL A 37 -3.53 -6.27 1.90
CA VAL A 37 -4.35 -5.40 2.74
C VAL A 37 -5.78 -5.93 2.77
N GLY A 38 -6.24 -6.24 3.96
CA GLY A 38 -7.59 -6.75 4.14
C GLY A 38 -8.22 -6.21 5.42
N ARG A 39 -9.18 -6.97 5.94
CA ARG A 39 -9.87 -6.57 7.16
C ARG A 39 -9.44 -7.46 8.32
N ILE A 40 -9.13 -8.71 8.00
CA ILE A 40 -8.70 -9.65 9.00
C ILE A 40 -7.17 -9.73 9.02
N VAL A 41 -6.62 -9.83 10.22
CA VAL A 41 -5.17 -9.92 10.38
C VAL A 41 -4.67 -11.19 9.72
N ARG A 42 -5.45 -12.25 9.86
CA ARG A 42 -5.09 -13.53 9.28
C ARG A 42 -5.28 -13.51 7.77
N GLY A 43 -4.28 -14.01 7.06
CA GLY A 43 -4.32 -14.04 5.61
C GLY A 43 -3.65 -12.80 5.01
N ASN A 44 -4.26 -11.65 5.27
CA ASN A 44 -3.74 -10.39 4.77
C ASN A 44 -2.76 -9.81 5.78
N GLU A 45 -1.75 -9.12 5.27
CA GLU A 45 -0.74 -8.51 6.11
C GLU A 45 -1.37 -7.38 6.95
N ILE A 46 -1.84 -6.36 6.25
CA ILE A 46 -2.47 -5.23 6.91
C ILE A 46 -3.98 -5.47 7.03
N ALA A 47 -4.48 -5.25 8.23
CA ALA A 47 -5.90 -5.43 8.48
C ALA A 47 -6.49 -4.16 9.08
N ILE A 48 -7.61 -3.72 8.53
CA ILE A 48 -8.27 -2.53 9.01
C ILE A 48 -9.63 -2.90 9.60
N LYS A 49 -9.93 -2.28 10.74
CA LYS A 49 -11.18 -2.55 11.43
C LYS A 49 -12.18 -1.43 11.08
N ASP A 50 -12.35 -1.21 9.79
CA ASP A 50 -13.27 -0.18 9.32
C ASP A 50 -14.55 -0.84 8.81
N ALA A 51 -14.44 -2.14 8.55
CA ALA A 51 -15.59 -2.89 8.06
C ALA A 51 -15.70 -2.71 6.54
N GLY A 52 -15.68 -1.45 6.12
CA GLY A 52 -15.78 -1.14 4.71
C GLY A 52 -14.86 -2.04 3.88
N ILE A 53 -13.82 -2.53 4.54
CA ILE A 53 -12.86 -3.40 3.88
C ILE A 53 -13.21 -4.86 4.18
N SER A 54 -12.98 -5.70 3.19
CA SER A 54 -13.26 -7.13 3.33
C SER A 54 -11.97 -7.90 3.60
N THR A 55 -12.13 -9.06 4.21
CA THR A 55 -10.98 -9.90 4.53
C THR A 55 -9.97 -9.87 3.39
N LYS A 56 -10.45 -10.18 2.19
CA LYS A 56 -9.60 -10.19 1.02
C LYS A 56 -10.06 -9.10 0.05
N HIS A 57 -9.82 -7.87 0.45
CA HIS A 57 -10.21 -6.72 -0.37
C HIS A 57 -9.26 -6.61 -1.56
N LEU A 58 -8.00 -6.35 -1.25
CA LEU A 58 -6.99 -6.22 -2.28
C LEU A 58 -5.62 -6.60 -1.71
N ARG A 59 -4.64 -6.69 -2.60
CA ARG A 59 -3.29 -7.04 -2.19
C ARG A 59 -2.28 -6.12 -2.88
N ILE A 60 -1.23 -5.80 -2.13
CA ILE A 60 -0.19 -4.93 -2.65
C ILE A 60 1.05 -5.77 -2.97
N GLU A 61 1.67 -5.45 -4.11
CA GLU A 61 2.85 -6.16 -4.55
C GLU A 61 3.75 -5.25 -5.38
N SER A 62 4.98 -5.68 -5.57
CA SER A 62 5.93 -4.91 -6.35
C SER A 62 6.52 -5.78 -7.46
N ASP A 63 6.72 -5.16 -8.61
CA ASP A 63 7.29 -5.86 -9.75
C ASP A 63 8.17 -4.91 -10.56
N SER A 64 9.02 -5.49 -11.38
CA SER A 64 9.93 -4.69 -12.20
C SER A 64 10.46 -3.51 -11.40
N GLY A 65 11.01 -3.82 -10.24
CA GLY A 65 11.56 -2.79 -9.37
C GLY A 65 10.59 -1.63 -9.22
N ASN A 66 9.33 -1.97 -9.00
CA ASN A 66 8.30 -0.96 -8.84
C ASN A 66 7.16 -1.53 -7.99
N TRP A 67 6.27 -0.64 -7.57
CA TRP A 67 5.14 -1.04 -6.75
C TRP A 67 3.88 -0.94 -7.61
N VAL A 68 2.96 -1.86 -7.36
CA VAL A 68 1.70 -1.88 -8.10
C VAL A 68 0.57 -2.28 -7.16
N ILE A 69 -0.62 -1.81 -7.48
CA ILE A 69 -1.79 -2.12 -6.68
C ILE A 69 -2.85 -2.80 -7.56
N GLN A 70 -3.55 -3.74 -6.95
CA GLN A 70 -4.59 -4.47 -7.67
C GLN A 70 -5.77 -4.75 -6.73
N ASP A 71 -6.95 -4.36 -7.21
CA ASP A 71 -8.16 -4.56 -6.44
C ASP A 71 -8.70 -5.97 -6.68
N LEU A 72 -8.66 -6.78 -5.63
CA LEU A 72 -9.13 -8.14 -5.72
C LEU A 72 -10.66 -8.15 -5.74
N GLY A 73 -11.21 -7.44 -6.72
CA GLY A 73 -12.65 -7.36 -6.87
C GLY A 73 -13.34 -7.35 -5.51
N SER A 74 -13.10 -6.27 -4.76
CA SER A 74 -13.68 -6.13 -3.45
C SER A 74 -14.94 -5.25 -3.52
N SER A 75 -15.72 -5.29 -2.46
CA SER A 75 -16.94 -4.51 -2.39
C SER A 75 -16.62 -3.02 -2.50
N ASN A 76 -17.66 -2.23 -2.73
CA ASN A 76 -17.50 -0.79 -2.86
C ASN A 76 -16.56 -0.49 -4.03
N GLY A 77 -15.26 -0.55 -3.74
CA GLY A 77 -14.26 -0.29 -4.76
C GLY A 77 -13.08 0.49 -4.16
N THR A 78 -11.93 0.34 -4.80
CA THR A 78 -10.73 1.03 -4.36
C THR A 78 -10.54 2.32 -5.14
N LEU A 79 -10.11 3.35 -4.41
CA LEU A 79 -9.87 4.65 -5.01
C LEU A 79 -8.40 5.01 -4.89
N LEU A 80 -7.87 5.62 -5.94
CA LEU A 80 -6.48 6.04 -5.96
C LEU A 80 -6.39 7.52 -6.31
N ASN A 81 -6.11 8.31 -5.30
CA ASN A 81 -5.98 9.75 -5.49
C ASN A 81 -7.36 10.33 -5.83
N SER A 82 -7.84 9.99 -7.02
CA SER A 82 -9.12 10.46 -7.48
C SER A 82 -9.59 9.62 -8.67
N ASN A 83 -9.62 8.32 -8.47
CA ASN A 83 -10.04 7.40 -9.52
C ASN A 83 -10.28 6.02 -8.92
N ALA A 84 -11.38 5.42 -9.31
CA ALA A 84 -11.73 4.09 -8.82
C ALA A 84 -10.93 3.04 -9.58
N LEU A 85 -10.14 2.28 -8.82
CA LEU A 85 -9.31 1.25 -9.41
C LEU A 85 -10.21 0.15 -9.99
N ASP A 86 -9.59 -0.77 -10.70
CA ASP A 86 -10.32 -1.87 -11.32
C ASP A 86 -9.60 -3.19 -11.00
N PRO A 87 -10.42 -4.28 -10.98
CA PRO A 87 -9.88 -5.60 -10.69
C PRO A 87 -9.10 -6.16 -11.88
N GLU A 88 -9.59 -5.84 -13.07
CA GLU A 88 -8.95 -6.30 -14.29
C GLU A 88 -7.94 -5.26 -14.77
N THR A 89 -7.46 -4.46 -13.84
CA THR A 89 -6.49 -3.42 -14.15
C THR A 89 -5.50 -3.25 -13.01
N SER A 90 -4.25 -3.01 -13.38
CA SER A 90 -3.20 -2.83 -12.38
C SER A 90 -2.47 -1.51 -12.64
N VAL A 91 -2.33 -0.74 -11.57
CA VAL A 91 -1.65 0.54 -11.67
C VAL A 91 -0.40 0.53 -10.78
N ASN A 92 0.58 1.33 -11.18
CA ASN A 92 1.82 1.41 -10.45
C ASN A 92 1.70 2.49 -9.37
N LEU A 93 1.89 2.07 -8.12
CA LEU A 93 1.81 2.98 -7.00
C LEU A 93 2.78 4.15 -7.23
N GLY A 94 2.53 5.23 -6.50
CA GLY A 94 3.37 6.42 -6.62
C GLY A 94 3.48 7.14 -5.27
N ASP A 95 4.63 7.78 -5.08
CA ASP A 95 4.87 8.51 -3.84
C ASP A 95 3.86 9.65 -3.73
N GLY A 96 3.01 9.55 -2.72
CA GLY A 96 2.00 10.56 -2.49
C GLY A 96 0.63 10.11 -3.01
N ASP A 97 0.55 8.83 -3.30
CA ASP A 97 -0.69 8.26 -3.80
C ASP A 97 -1.61 7.91 -2.62
N VAL A 98 -2.82 8.44 -2.68
CA VAL A 98 -3.79 8.20 -1.64
C VAL A 98 -4.70 7.04 -2.04
N ILE A 99 -4.77 6.05 -1.17
CA ILE A 99 -5.59 4.88 -1.42
C ILE A 99 -6.82 4.91 -0.51
N LYS A 100 -7.96 5.22 -1.11
CA LYS A 100 -9.20 5.30 -0.37
C LYS A 100 -9.99 4.00 -0.57
N LEU A 101 -9.99 3.17 0.47
CA LEU A 101 -10.70 1.90 0.42
C LEU A 101 -11.68 1.83 1.59
N GLY A 102 -12.62 0.89 1.47
CA GLY A 102 -13.62 0.70 2.51
C GLY A 102 -14.64 1.84 2.50
N GLU A 103 -14.80 2.46 3.67
CA GLU A 103 -15.74 3.55 3.81
C GLU A 103 -14.98 4.88 3.90
N TYR A 104 -14.29 5.05 5.01
CA TYR A 104 -13.53 6.27 5.24
C TYR A 104 -12.08 5.95 5.63
N THR A 105 -11.45 5.14 4.81
CA THR A 105 -10.07 4.74 5.05
C THR A 105 -9.17 5.17 3.89
N SER A 106 -8.18 5.98 4.21
CA SER A 106 -7.25 6.46 3.20
C SER A 106 -5.82 6.08 3.58
N ILE A 107 -5.09 5.58 2.59
CA ILE A 107 -3.71 5.17 2.80
C ILE A 107 -2.80 5.96 1.86
N LEU A 108 -1.71 6.46 2.43
CA LEU A 108 -0.75 7.23 1.65
C LEU A 108 0.44 6.35 1.30
N VAL A 109 0.92 6.52 0.07
CA VAL A 109 2.05 5.73 -0.41
C VAL A 109 3.30 6.62 -0.42
N ASN A 110 4.30 6.20 0.35
CA ASN A 110 5.54 6.94 0.43
C ASN A 110 6.71 6.01 0.07
N PHE A 111 7.56 6.49 -0.81
CA PHE A 111 8.72 5.72 -1.24
C PHE A 111 9.94 6.06 -0.39
N VAL A 112 10.32 5.11 0.47
CA VAL A 112 11.46 5.30 1.34
C VAL A 112 12.72 4.83 0.61
N SER A 113 13.57 5.80 0.26
CA SER A 113 14.80 5.49 -0.43
C SER A 113 15.91 5.20 0.58
N GLY A 114 16.39 3.96 0.53
CA GLY A 114 17.45 3.54 1.43
C GLY A 114 16.97 3.57 2.88
N PRO A 115 17.97 3.53 3.81
CA PRO A 115 17.66 3.54 5.24
C PRO A 115 17.25 4.95 5.69
N SER A 116 17.99 5.93 5.19
CA SER A 116 17.72 7.32 5.53
C SER A 116 18.28 8.24 4.45
N SER A 117 17.42 8.60 3.50
CA SER A 117 17.82 9.48 2.42
C SER A 117 18.29 10.83 2.98
N GLY A 118 17.39 11.48 3.71
CA GLY A 118 17.69 12.77 4.29
C GLY A 118 17.64 12.69 5.83
N GLY A 1 22.79 -0.37 20.30
CA GLY A 1 22.86 -0.75 18.89
C GLY A 1 22.89 0.48 17.98
N SER A 2 22.81 0.21 16.68
CA SER A 2 22.83 1.28 15.70
C SER A 2 21.94 0.91 14.51
N SER A 3 21.27 1.92 13.97
CA SER A 3 20.40 1.71 12.83
C SER A 3 20.69 2.76 11.75
N GLY A 4 21.36 2.30 10.70
CA GLY A 4 21.70 3.18 9.60
C GLY A 4 20.59 3.20 8.54
N SER A 5 20.33 2.03 7.99
CA SER A 5 19.30 1.90 6.97
C SER A 5 19.61 2.82 5.78
N SER A 6 19.05 2.46 4.63
CA SER A 6 19.27 3.24 3.43
C SER A 6 18.32 2.77 2.32
N GLY A 7 18.22 3.58 1.29
CA GLY A 7 17.36 3.25 0.15
C GLY A 7 18.18 2.78 -1.05
N MET A 8 17.61 1.84 -1.78
CA MET A 8 18.28 1.29 -2.95
C MET A 8 17.40 0.25 -3.64
N VAL A 9 17.67 0.06 -4.92
CA VAL A 9 16.91 -0.91 -5.71
C VAL A 9 15.47 -0.96 -5.19
N THR A 10 14.64 -0.11 -5.77
CA THR A 10 13.24 -0.04 -5.38
C THR A 10 13.10 0.48 -3.94
N PRO A 11 12.38 1.61 -3.81
CA PRO A 11 12.17 2.22 -2.50
C PRO A 11 11.15 1.43 -1.69
N SER A 12 11.33 1.45 -0.38
CA SER A 12 10.42 0.75 0.51
C SER A 12 9.02 1.35 0.43
N LEU A 13 8.03 0.49 0.63
CA LEU A 13 6.65 0.92 0.57
C LEU A 13 6.19 1.32 1.98
N ARG A 14 5.88 2.60 2.13
CA ARG A 14 5.43 3.12 3.41
C ARG A 14 3.97 3.56 3.32
N LEU A 15 3.09 2.72 3.85
CA LEU A 15 1.67 3.02 3.84
C LEU A 15 1.31 3.86 5.07
N VAL A 16 0.94 5.11 4.81
CA VAL A 16 0.58 6.01 5.88
C VAL A 16 -0.94 6.09 5.98
N PHE A 17 -1.44 5.81 7.17
CA PHE A 17 -2.87 5.84 7.41
C PHE A 17 -3.35 7.27 7.66
N VAL A 18 -3.61 7.97 6.57
CA VAL A 18 -4.07 9.35 6.65
C VAL A 18 -5.51 9.36 7.19
N LYS A 19 -6.25 8.33 6.82
CA LYS A 19 -7.63 8.21 7.25
C LYS A 19 -7.90 6.77 7.68
N GLY A 20 -9.13 6.54 8.12
CA GLY A 20 -9.54 5.22 8.56
C GLY A 20 -9.53 5.13 10.09
N PRO A 21 -9.75 3.89 10.59
CA PRO A 21 -9.77 3.65 12.03
C PRO A 21 -8.35 3.67 12.61
N ARG A 22 -7.38 3.57 11.71
CA ARG A 22 -5.98 3.58 12.12
C ARG A 22 -5.31 4.89 11.68
N GLU A 23 -6.15 5.87 11.37
CA GLU A 23 -5.65 7.17 10.94
C GLU A 23 -4.56 7.66 11.91
N GLY A 24 -3.37 7.84 11.36
CA GLY A 24 -2.25 8.30 12.14
C GLY A 24 -1.18 7.22 12.27
N ASP A 25 -1.40 6.13 11.56
CA ASP A 25 -0.46 5.02 11.57
C ASP A 25 0.36 5.02 10.28
N ALA A 26 1.46 4.30 10.31
CA ALA A 26 2.34 4.21 9.16
C ALA A 26 3.15 2.92 9.23
N LEU A 27 3.17 2.21 8.11
CA LEU A 27 3.90 0.95 8.03
C LEU A 27 5.01 1.07 6.99
N ASP A 28 5.88 0.08 6.98
CA ASP A 28 6.99 0.06 6.04
C ASP A 28 7.34 -1.39 5.69
N TYR A 29 7.76 -1.58 4.45
CA TYR A 29 8.12 -2.91 3.97
C TYR A 29 9.24 -2.83 2.94
N LYS A 30 9.82 -3.99 2.66
CA LYS A 30 10.90 -4.06 1.70
C LYS A 30 10.31 -4.17 0.29
N PRO A 31 11.19 -3.87 -0.72
CA PRO A 31 10.76 -3.93 -2.11
C PRO A 31 10.65 -5.38 -2.59
N GLY A 32 9.51 -5.69 -3.18
CA GLY A 32 9.27 -7.03 -3.68
C GLY A 32 8.51 -7.87 -2.65
N SER A 33 7.98 -7.19 -1.64
CA SER A 33 7.23 -7.86 -0.60
C SER A 33 5.74 -7.57 -0.75
N THR A 34 5.01 -8.60 -1.16
CA THR A 34 3.57 -8.48 -1.35
C THR A 34 2.89 -8.13 -0.02
N ILE A 35 2.22 -6.99 -0.01
CA ILE A 35 1.53 -6.54 1.18
C ILE A 35 0.02 -6.69 0.97
N ARG A 36 -0.51 -7.82 1.43
CA ARG A 36 -1.92 -8.10 1.30
C ARG A 36 -2.72 -7.29 2.33
N VAL A 37 -3.53 -6.37 1.82
CA VAL A 37 -4.35 -5.54 2.68
C VAL A 37 -5.80 -6.05 2.66
N GLY A 38 -6.34 -6.25 3.85
CA GLY A 38 -7.70 -6.72 3.97
C GLY A 38 -8.37 -6.17 5.23
N ARG A 39 -9.23 -6.98 5.82
CA ARG A 39 -9.94 -6.58 7.03
C ARG A 39 -9.44 -7.39 8.22
N ILE A 40 -9.24 -8.67 7.99
CA ILE A 40 -8.76 -9.57 9.04
C ILE A 40 -7.23 -9.60 9.01
N VAL A 41 -6.65 -9.70 10.20
CA VAL A 41 -5.20 -9.75 10.32
C VAL A 41 -4.69 -11.06 9.74
N ARG A 42 -5.46 -12.12 9.97
CA ARG A 42 -5.10 -13.43 9.48
C ARG A 42 -5.35 -13.53 7.97
N GLY A 43 -4.29 -13.81 7.24
CA GLY A 43 -4.38 -13.93 5.79
C GLY A 43 -3.68 -12.77 5.10
N ASN A 44 -4.20 -11.57 5.35
CA ASN A 44 -3.63 -10.37 4.76
C ASN A 44 -2.66 -9.73 5.74
N GLU A 45 -1.63 -9.09 5.20
CA GLU A 45 -0.63 -8.43 6.01
C GLU A 45 -1.27 -7.32 6.84
N ILE A 46 -1.83 -6.35 6.14
CA ILE A 46 -2.47 -5.22 6.79
C ILE A 46 -3.97 -5.49 6.90
N ALA A 47 -4.53 -5.10 8.04
CA ALA A 47 -5.95 -5.29 8.28
C ALA A 47 -6.55 -4.00 8.83
N ILE A 48 -7.80 -3.76 8.46
CA ILE A 48 -8.50 -2.56 8.90
C ILE A 48 -9.92 -2.93 9.32
N LYS A 49 -10.22 -2.67 10.58
CA LYS A 49 -11.53 -2.97 11.11
C LYS A 49 -12.45 -1.77 10.88
N ASP A 50 -12.78 -1.54 9.62
CA ASP A 50 -13.65 -0.45 9.26
C ASP A 50 -14.90 -1.00 8.56
N ALA A 51 -14.91 -2.30 8.39
CA ALA A 51 -16.04 -2.97 7.76
C ALA A 51 -15.91 -2.83 6.23
N GLY A 52 -15.92 -1.59 5.79
CA GLY A 52 -15.80 -1.29 4.36
C GLY A 52 -14.79 -2.24 3.70
N ILE A 53 -13.81 -2.67 4.49
CA ILE A 53 -12.78 -3.56 3.99
C ILE A 53 -13.19 -5.01 4.27
N SER A 54 -12.91 -5.87 3.30
CA SER A 54 -13.24 -7.27 3.44
C SER A 54 -11.96 -8.09 3.64
N THR A 55 -12.14 -9.30 4.12
CA THR A 55 -11.02 -10.20 4.36
C THR A 55 -9.98 -10.06 3.24
N LYS A 56 -10.39 -10.44 2.04
CA LYS A 56 -9.52 -10.35 0.89
C LYS A 56 -9.97 -9.20 -0.01
N HIS A 57 -9.76 -7.99 0.48
CA HIS A 57 -10.15 -6.81 -0.26
C HIS A 57 -9.24 -6.66 -1.48
N LEU A 58 -7.96 -6.45 -1.21
CA LEU A 58 -6.97 -6.29 -2.26
C LEU A 58 -5.59 -6.68 -1.74
N ARG A 59 -4.63 -6.74 -2.66
CA ARG A 59 -3.27 -7.10 -2.31
C ARG A 59 -2.28 -6.14 -2.98
N ILE A 60 -1.24 -5.79 -2.24
CA ILE A 60 -0.22 -4.90 -2.76
C ILE A 60 1.04 -5.71 -3.09
N GLU A 61 1.65 -5.34 -4.20
CA GLU A 61 2.87 -6.02 -4.63
C GLU A 61 3.73 -5.07 -5.48
N SER A 62 4.96 -5.49 -5.70
CA SER A 62 5.90 -4.70 -6.48
C SER A 62 6.44 -5.54 -7.64
N ASP A 63 6.59 -4.87 -8.79
CA ASP A 63 7.11 -5.53 -9.97
C ASP A 63 7.95 -4.54 -10.77
N SER A 64 8.79 -5.10 -11.64
CA SER A 64 9.66 -4.28 -12.47
C SER A 64 10.23 -3.12 -11.65
N GLY A 65 10.88 -3.48 -10.56
CA GLY A 65 11.47 -2.49 -9.68
C GLY A 65 10.51 -1.32 -9.45
N ASN A 66 9.26 -1.67 -9.19
CA ASN A 66 8.24 -0.67 -8.94
C ASN A 66 7.12 -1.29 -8.10
N TRP A 67 6.25 -0.41 -7.60
CA TRP A 67 5.14 -0.86 -6.78
C TRP A 67 3.86 -0.75 -7.62
N VAL A 68 2.94 -1.66 -7.35
CA VAL A 68 1.68 -1.69 -8.07
C VAL A 68 0.56 -2.10 -7.12
N ILE A 69 -0.66 -1.70 -7.47
CA ILE A 69 -1.81 -2.02 -6.66
C ILE A 69 -2.87 -2.70 -7.53
N GLN A 70 -3.56 -3.65 -6.93
CA GLN A 70 -4.60 -4.38 -7.63
C GLN A 70 -5.78 -4.66 -6.70
N ASP A 71 -6.96 -4.26 -7.16
CA ASP A 71 -8.17 -4.46 -6.37
C ASP A 71 -8.71 -5.87 -6.63
N LEU A 72 -8.61 -6.70 -5.61
CA LEU A 72 -9.09 -8.07 -5.70
C LEU A 72 -10.62 -8.08 -5.65
N GLY A 73 -11.21 -7.35 -6.58
CA GLY A 73 -12.66 -7.27 -6.66
C GLY A 73 -13.29 -7.38 -5.26
N SER A 74 -12.86 -6.49 -4.39
CA SER A 74 -13.36 -6.48 -3.02
C SER A 74 -14.89 -6.50 -3.03
N SER A 75 -15.45 -5.30 -3.18
CA SER A 75 -16.90 -5.16 -3.21
C SER A 75 -17.28 -3.79 -3.78
N ASN A 76 -16.85 -2.75 -3.08
CA ASN A 76 -17.14 -1.39 -3.51
C ASN A 76 -16.10 -0.95 -4.55
N GLY A 77 -14.85 -1.24 -4.24
CA GLY A 77 -13.75 -0.89 -5.12
C GLY A 77 -12.69 -0.06 -4.39
N THR A 78 -11.56 0.09 -5.06
CA THR A 78 -10.46 0.85 -4.48
C THR A 78 -10.24 2.15 -5.27
N LEU A 79 -9.98 3.22 -4.52
CA LEU A 79 -9.74 4.51 -5.13
C LEU A 79 -8.26 4.88 -4.98
N LEU A 80 -7.74 5.54 -6.01
CA LEU A 80 -6.35 5.96 -5.99
C LEU A 80 -6.27 7.45 -6.31
N ASN A 81 -5.96 8.22 -5.28
CA ASN A 81 -5.85 9.67 -5.43
C ASN A 81 -7.21 10.24 -5.83
N SER A 82 -7.58 10.03 -7.08
CA SER A 82 -8.84 10.52 -7.60
C SER A 82 -9.27 9.70 -8.81
N ASN A 83 -9.19 8.38 -8.65
CA ASN A 83 -9.56 7.47 -9.72
C ASN A 83 -9.87 6.09 -9.12
N ALA A 84 -10.94 5.49 -9.63
CA ALA A 84 -11.35 4.18 -9.17
C ALA A 84 -10.53 3.11 -9.89
N LEU A 85 -9.88 2.27 -9.09
CA LEU A 85 -9.06 1.19 -9.63
C LEU A 85 -9.98 0.10 -10.19
N ASP A 86 -9.35 -0.84 -10.89
CA ASP A 86 -10.09 -1.93 -11.50
C ASP A 86 -9.43 -3.26 -11.09
N PRO A 87 -10.28 -4.32 -11.02
CA PRO A 87 -9.79 -5.65 -10.66
C PRO A 87 -9.02 -6.28 -11.82
N GLU A 88 -9.51 -6.02 -13.02
CA GLU A 88 -8.88 -6.57 -14.22
C GLU A 88 -7.85 -5.58 -14.77
N THR A 89 -7.22 -4.86 -13.87
CA THR A 89 -6.22 -3.88 -14.26
C THR A 89 -5.26 -3.59 -13.10
N SER A 90 -4.02 -3.32 -13.45
CA SER A 90 -3.01 -3.04 -12.45
C SER A 90 -2.44 -1.64 -12.66
N VAL A 91 -2.39 -0.88 -11.58
CA VAL A 91 -1.89 0.49 -11.64
C VAL A 91 -0.58 0.57 -10.84
N ASN A 92 0.29 1.46 -11.27
CA ASN A 92 1.57 1.65 -10.61
C ASN A 92 1.43 2.73 -9.54
N LEU A 93 1.77 2.35 -8.32
CA LEU A 93 1.68 3.28 -7.20
C LEU A 93 2.70 4.41 -7.40
N GLY A 94 2.60 5.41 -6.54
CA GLY A 94 3.50 6.55 -6.61
C GLY A 94 3.57 7.28 -5.27
N ASP A 95 4.70 7.92 -5.03
CA ASP A 95 4.91 8.66 -3.80
C ASP A 95 3.90 9.80 -3.73
N GLY A 96 2.90 9.62 -2.86
CA GLY A 96 1.87 10.63 -2.69
C GLY A 96 0.53 10.13 -3.20
N ASP A 97 0.44 8.83 -3.37
CA ASP A 97 -0.78 8.21 -3.85
C ASP A 97 -1.68 7.88 -2.67
N VAL A 98 -2.87 8.46 -2.69
CA VAL A 98 -3.84 8.23 -1.63
C VAL A 98 -4.78 7.09 -2.03
N ILE A 99 -4.74 6.03 -1.25
CA ILE A 99 -5.59 4.87 -1.51
C ILE A 99 -6.83 4.95 -0.63
N LYS A 100 -7.96 5.20 -1.27
CA LYS A 100 -9.23 5.30 -0.55
C LYS A 100 -10.00 3.99 -0.71
N LEU A 101 -9.99 3.21 0.36
CA LEU A 101 -10.69 1.94 0.36
C LEU A 101 -11.66 1.89 1.55
N GLY A 102 -12.49 0.85 1.54
CA GLY A 102 -13.46 0.67 2.61
C GLY A 102 -14.50 1.78 2.58
N GLU A 103 -14.72 2.39 3.74
CA GLU A 103 -15.68 3.46 3.86
C GLU A 103 -14.97 4.81 3.97
N TYR A 104 -14.19 4.95 5.04
CA TYR A 104 -13.46 6.18 5.28
C TYR A 104 -12.01 5.88 5.65
N THR A 105 -11.39 5.01 4.85
CA THR A 105 -10.01 4.63 5.10
C THR A 105 -9.12 5.10 3.94
N SER A 106 -8.14 5.91 4.28
CA SER A 106 -7.21 6.43 3.28
C SER A 106 -5.79 6.02 3.63
N ILE A 107 -5.07 5.59 2.60
CA ILE A 107 -3.69 5.16 2.78
C ILE A 107 -2.78 5.94 1.81
N LEU A 108 -1.70 6.46 2.36
CA LEU A 108 -0.76 7.22 1.55
C LEU A 108 0.44 6.34 1.20
N VAL A 109 0.94 6.51 -0.01
CA VAL A 109 2.07 5.74 -0.47
C VAL A 109 3.31 6.64 -0.51
N ASN A 110 4.29 6.27 0.29
CA ASN A 110 5.54 7.04 0.36
C ASN A 110 6.71 6.11 0.11
N PHE A 111 7.58 6.53 -0.80
CA PHE A 111 8.75 5.75 -1.14
C PHE A 111 9.96 6.17 -0.30
N VAL A 112 10.31 5.31 0.66
CA VAL A 112 11.42 5.57 1.53
C VAL A 112 12.74 5.25 0.80
N SER A 113 13.43 6.31 0.41
CA SER A 113 14.69 6.15 -0.30
C SER A 113 15.57 7.38 -0.09
N GLY A 114 15.13 8.49 -0.67
CA GLY A 114 15.86 9.74 -0.55
C GLY A 114 15.51 10.69 -1.69
N PRO A 115 16.00 11.96 -1.56
CA PRO A 115 15.74 12.97 -2.57
C PRO A 115 16.60 12.73 -3.82
N SER A 116 16.27 11.65 -4.52
CA SER A 116 17.01 11.30 -5.73
C SER A 116 17.21 12.54 -6.59
N SER A 117 16.10 13.11 -7.03
CA SER A 117 16.15 14.29 -7.87
C SER A 117 17.23 14.14 -8.94
N GLY A 118 16.85 13.49 -10.03
CA GLY A 118 17.78 13.28 -11.12
C GLY A 118 17.57 14.31 -12.23
N GLY A 1 39.11 -5.60 -5.72
CA GLY A 1 39.17 -4.16 -5.94
C GLY A 1 38.36 -3.42 -4.87
N SER A 2 38.24 -2.11 -5.07
CA SER A 2 37.50 -1.28 -4.14
C SER A 2 36.14 -0.89 -4.74
N SER A 3 35.10 -1.51 -4.21
CA SER A 3 33.76 -1.25 -4.68
C SER A 3 32.73 -1.73 -3.65
N GLY A 4 31.53 -1.18 -3.74
CA GLY A 4 30.47 -1.54 -2.83
C GLY A 4 30.33 -3.06 -2.73
N SER A 5 29.59 -3.49 -1.72
CA SER A 5 29.37 -4.90 -1.49
C SER A 5 27.97 -5.30 -1.95
N SER A 6 26.98 -4.63 -1.37
CA SER A 6 25.60 -4.90 -1.71
C SER A 6 24.74 -3.65 -1.49
N GLY A 7 24.30 -3.07 -2.60
CA GLY A 7 23.48 -1.87 -2.54
C GLY A 7 22.02 -2.21 -2.29
N MET A 8 21.15 -1.32 -2.73
CA MET A 8 19.72 -1.52 -2.56
C MET A 8 18.93 -0.74 -3.61
N VAL A 9 18.00 -1.44 -4.24
CA VAL A 9 17.17 -0.84 -5.27
C VAL A 9 15.70 -0.87 -4.82
N THR A 10 14.88 -0.14 -5.54
CA THR A 10 13.45 -0.08 -5.23
C THR A 10 13.24 0.48 -3.82
N PRO A 11 12.45 1.59 -3.76
CA PRO A 11 12.15 2.22 -2.49
C PRO A 11 11.14 1.41 -1.68
N SER A 12 11.29 1.47 -0.37
CA SER A 12 10.39 0.74 0.52
C SER A 12 8.98 1.33 0.43
N LEU A 13 8.00 0.46 0.63
CA LEU A 13 6.61 0.87 0.58
C LEU A 13 6.14 1.27 1.98
N ARG A 14 5.81 2.54 2.10
CA ARG A 14 5.35 3.08 3.38
C ARG A 14 3.88 3.49 3.29
N LEU A 15 3.02 2.67 3.86
CA LEU A 15 1.59 2.95 3.83
C LEU A 15 1.22 3.76 5.08
N VAL A 16 0.91 5.03 4.86
CA VAL A 16 0.54 5.91 5.93
C VAL A 16 -0.98 6.04 6.00
N PHE A 17 -1.53 5.74 7.17
CA PHE A 17 -2.96 5.81 7.37
C PHE A 17 -3.41 7.25 7.65
N VAL A 18 -3.71 7.96 6.59
CA VAL A 18 -4.16 9.34 6.72
C VAL A 18 -5.59 9.37 7.23
N LYS A 19 -6.33 8.33 6.88
CA LYS A 19 -7.72 8.23 7.29
C LYS A 19 -8.01 6.78 7.70
N GLY A 20 -9.24 6.57 8.16
CA GLY A 20 -9.66 5.24 8.58
C GLY A 20 -9.54 5.09 10.10
N PRO A 21 -9.72 3.82 10.57
CA PRO A 21 -9.64 3.53 11.99
C PRO A 21 -8.19 3.54 12.47
N ARG A 22 -7.28 3.39 11.52
CA ARG A 22 -5.86 3.38 11.83
C ARG A 22 -5.25 4.76 11.56
N GLU A 23 -6.12 5.69 11.19
CA GLU A 23 -5.68 7.04 10.89
C GLU A 23 -4.62 7.48 11.90
N GLY A 24 -3.41 7.68 11.39
CA GLY A 24 -2.30 8.10 12.22
C GLY A 24 -1.24 7.00 12.32
N ASP A 25 -1.53 5.89 11.67
CA ASP A 25 -0.61 4.77 11.67
C ASP A 25 0.14 4.71 10.33
N ALA A 26 1.27 4.04 10.36
CA ALA A 26 2.09 3.90 9.16
C ALA A 26 2.94 2.64 9.27
N LEU A 27 3.18 2.02 8.13
CA LEU A 27 3.97 0.80 8.07
C LEU A 27 5.03 0.94 6.97
N ASP A 28 5.92 -0.04 6.94
CA ASP A 28 6.99 -0.04 5.95
C ASP A 28 7.32 -1.49 5.58
N TYR A 29 7.68 -1.68 4.32
CA TYR A 29 8.03 -3.01 3.82
C TYR A 29 9.11 -2.92 2.75
N LYS A 30 9.82 -4.02 2.57
CA LYS A 30 10.88 -4.09 1.58
C LYS A 30 10.26 -4.29 0.19
N PRO A 31 11.09 -3.98 -0.85
CA PRO A 31 10.64 -4.13 -2.22
C PRO A 31 10.58 -5.60 -2.64
N GLY A 32 9.45 -5.97 -3.22
CA GLY A 32 9.27 -7.34 -3.67
C GLY A 32 8.49 -8.15 -2.63
N SER A 33 7.87 -7.44 -1.71
CA SER A 33 7.10 -8.08 -0.66
C SER A 33 5.62 -7.70 -0.79
N THR A 34 4.85 -8.66 -1.26
CA THR A 34 3.41 -8.45 -1.45
C THR A 34 2.75 -8.13 -0.11
N ILE A 35 1.99 -7.04 -0.11
CA ILE A 35 1.29 -6.62 1.10
C ILE A 35 -0.21 -6.73 0.88
N ARG A 36 -0.79 -7.77 1.45
CA ARG A 36 -2.23 -8.00 1.33
C ARG A 36 -2.98 -7.15 2.34
N VAL A 37 -3.69 -6.15 1.82
CA VAL A 37 -4.46 -5.26 2.66
C VAL A 37 -5.92 -5.73 2.69
N GLY A 38 -6.37 -6.07 3.88
CA GLY A 38 -7.74 -6.55 4.06
C GLY A 38 -8.34 -6.00 5.36
N ARG A 39 -9.24 -6.78 5.93
CA ARG A 39 -9.89 -6.39 7.17
C ARG A 39 -9.34 -7.20 8.34
N ILE A 40 -8.79 -8.36 8.00
CA ILE A 40 -8.22 -9.24 9.02
C ILE A 40 -6.70 -9.35 8.80
N VAL A 41 -5.97 -9.29 9.90
CA VAL A 41 -4.53 -9.38 9.84
C VAL A 41 -4.12 -10.84 9.66
N ARG A 42 -5.00 -11.73 10.11
CA ARG A 42 -4.75 -13.15 10.00
C ARG A 42 -3.92 -13.45 8.75
N GLY A 43 -4.63 -13.70 7.65
CA GLY A 43 -3.97 -13.99 6.39
C GLY A 43 -3.83 -12.72 5.53
N ASN A 44 -3.07 -11.77 6.05
CA ASN A 44 -2.85 -10.53 5.35
C ASN A 44 -1.73 -9.74 6.04
N GLU A 45 -1.14 -8.83 5.29
CA GLU A 45 -0.06 -8.01 5.82
C GLU A 45 -0.63 -6.87 6.67
N ILE A 46 -1.66 -6.23 6.13
CA ILE A 46 -2.29 -5.13 6.83
C ILE A 46 -3.81 -5.34 6.83
N ALA A 47 -4.42 -5.03 7.96
CA ALA A 47 -5.86 -5.18 8.12
C ALA A 47 -6.44 -3.89 8.71
N ILE A 48 -7.58 -3.50 8.18
CA ILE A 48 -8.25 -2.30 8.65
C ILE A 48 -9.59 -2.68 9.26
N LYS A 49 -9.94 -1.99 10.34
CA LYS A 49 -11.18 -2.24 11.03
C LYS A 49 -12.18 -1.12 10.71
N ASP A 50 -12.56 -1.07 9.44
CA ASP A 50 -13.50 -0.06 8.99
C ASP A 50 -14.79 -0.74 8.52
N ALA A 51 -14.72 -2.05 8.43
CA ALA A 51 -15.87 -2.84 8.00
C ALA A 51 -15.96 -2.82 6.47
N GLY A 52 -15.93 -1.62 5.93
CA GLY A 52 -16.00 -1.45 4.48
C GLY A 52 -14.95 -2.32 3.78
N ILE A 53 -13.95 -2.71 4.54
CA ILE A 53 -12.88 -3.54 4.00
C ILE A 53 -13.19 -5.02 4.30
N SER A 54 -12.85 -5.86 3.34
CA SER A 54 -13.08 -7.29 3.50
C SER A 54 -11.75 -8.01 3.73
N THR A 55 -11.84 -9.16 4.38
CA THR A 55 -10.66 -9.96 4.66
C THR A 55 -9.69 -9.92 3.48
N LYS A 56 -10.24 -10.16 2.30
CA LYS A 56 -9.45 -10.16 1.09
C LYS A 56 -9.94 -9.05 0.15
N HIS A 57 -9.70 -7.81 0.57
CA HIS A 57 -10.11 -6.66 -0.21
C HIS A 57 -9.23 -6.54 -1.46
N LEU A 58 -7.95 -6.29 -1.23
CA LEU A 58 -7.01 -6.16 -2.33
C LEU A 58 -5.62 -6.58 -1.85
N ARG A 59 -4.70 -6.66 -2.79
CA ARG A 59 -3.34 -7.06 -2.48
C ARG A 59 -2.35 -6.12 -3.17
N ILE A 60 -1.28 -5.80 -2.44
CA ILE A 60 -0.25 -4.91 -2.96
C ILE A 60 1.01 -5.73 -3.27
N GLU A 61 1.67 -5.34 -4.35
CA GLU A 61 2.89 -6.02 -4.76
C GLU A 61 3.79 -5.07 -5.55
N SER A 62 5.00 -5.53 -5.80
CA SER A 62 5.96 -4.73 -6.54
C SER A 62 6.54 -5.55 -7.70
N ASP A 63 7.02 -4.84 -8.71
CA ASP A 63 7.60 -5.48 -9.88
C ASP A 63 8.46 -4.47 -10.64
N SER A 64 9.39 -5.00 -11.43
CA SER A 64 10.27 -4.16 -12.21
C SER A 64 10.74 -2.96 -11.38
N GLY A 65 11.25 -3.28 -10.18
CA GLY A 65 11.73 -2.25 -9.29
C GLY A 65 10.70 -1.14 -9.12
N ASN A 66 9.45 -1.55 -8.96
CA ASN A 66 8.37 -0.60 -8.80
C ASN A 66 7.26 -1.25 -7.96
N TRP A 67 6.34 -0.40 -7.51
CA TRP A 67 5.23 -0.86 -6.70
C TRP A 67 3.95 -0.74 -7.53
N VAL A 68 3.06 -1.71 -7.34
CA VAL A 68 1.81 -1.72 -8.06
C VAL A 68 0.70 -2.25 -7.13
N ILE A 69 -0.49 -1.69 -7.31
CA ILE A 69 -1.63 -2.09 -6.51
C ILE A 69 -2.75 -2.58 -7.42
N GLN A 70 -3.52 -3.54 -6.92
CA GLN A 70 -4.63 -4.09 -7.68
C GLN A 70 -5.81 -4.38 -6.76
N ASP A 71 -6.99 -3.97 -7.20
CA ASP A 71 -8.20 -4.18 -6.43
C ASP A 71 -8.77 -5.56 -6.76
N LEU A 72 -8.73 -6.43 -5.76
CA LEU A 72 -9.24 -7.78 -5.92
C LEU A 72 -10.77 -7.75 -5.96
N GLY A 73 -11.29 -6.99 -6.92
CA GLY A 73 -12.73 -6.86 -7.07
C GLY A 73 -13.43 -6.91 -5.71
N SER A 74 -12.91 -6.13 -4.78
CA SER A 74 -13.47 -6.08 -3.44
C SER A 74 -14.99 -6.11 -3.53
N SER A 75 -15.57 -4.92 -3.59
CA SER A 75 -17.02 -4.79 -3.67
C SER A 75 -17.41 -3.35 -3.98
N ASN A 76 -16.94 -2.45 -3.11
CA ASN A 76 -17.23 -1.03 -3.28
C ASN A 76 -16.35 -0.47 -4.39
N GLY A 77 -15.06 -0.79 -4.30
CA GLY A 77 -14.10 -0.32 -5.29
C GLY A 77 -13.02 0.54 -4.63
N THR A 78 -11.82 0.44 -5.19
CA THR A 78 -10.69 1.20 -4.67
C THR A 78 -10.55 2.53 -5.42
N LEU A 79 -10.02 3.52 -4.71
CA LEU A 79 -9.82 4.83 -5.30
C LEU A 79 -8.35 5.23 -5.15
N LEU A 80 -7.84 5.86 -6.19
CA LEU A 80 -6.45 6.31 -6.18
C LEU A 80 -6.41 7.81 -6.49
N ASN A 81 -6.17 8.59 -5.43
CA ASN A 81 -6.10 10.03 -5.57
C ASN A 81 -7.48 10.57 -5.97
N SER A 82 -7.88 10.25 -7.19
CA SER A 82 -9.16 10.70 -7.70
C SER A 82 -9.56 9.87 -8.92
N ASN A 83 -9.66 8.56 -8.70
CA ASN A 83 -10.02 7.66 -9.77
C ASN A 83 -10.20 6.25 -9.20
N ALA A 84 -11.29 5.61 -9.59
CA ALA A 84 -11.58 4.27 -9.12
C ALA A 84 -10.69 3.27 -9.87
N LEU A 85 -9.90 2.54 -9.11
CA LEU A 85 -9.00 1.55 -9.69
C LEU A 85 -9.83 0.44 -10.34
N ASP A 86 -9.12 -0.46 -11.01
CA ASP A 86 -9.77 -1.57 -11.68
C ASP A 86 -9.14 -2.88 -11.21
N PRO A 87 -9.98 -3.96 -11.23
CA PRO A 87 -9.52 -5.27 -10.80
C PRO A 87 -8.62 -5.90 -11.87
N GLU A 88 -9.21 -6.14 -13.04
CA GLU A 88 -8.48 -6.73 -14.14
C GLU A 88 -7.27 -5.87 -14.50
N THR A 89 -7.41 -4.58 -14.25
CA THR A 89 -6.35 -3.64 -14.56
C THR A 89 -5.51 -3.36 -13.31
N SER A 90 -4.23 -3.10 -13.54
CA SER A 90 -3.31 -2.81 -12.45
C SER A 90 -2.62 -1.47 -12.67
N VAL A 91 -2.43 -0.75 -11.59
CA VAL A 91 -1.78 0.55 -11.65
C VAL A 91 -0.50 0.52 -10.81
N ASN A 92 0.41 1.42 -11.13
CA ASN A 92 1.67 1.51 -10.41
C ASN A 92 1.54 2.57 -9.31
N LEU A 93 1.83 2.14 -8.09
CA LEU A 93 1.76 3.05 -6.95
C LEU A 93 2.78 4.17 -7.13
N GLY A 94 2.50 5.29 -6.47
CA GLY A 94 3.37 6.44 -6.54
C GLY A 94 3.49 7.13 -5.18
N ASP A 95 4.64 7.77 -4.97
CA ASP A 95 4.88 8.46 -3.72
C ASP A 95 3.92 9.64 -3.60
N GLY A 96 2.99 9.52 -2.66
CA GLY A 96 2.01 10.57 -2.44
C GLY A 96 0.64 10.16 -3.00
N ASP A 97 0.53 8.88 -3.32
CA ASP A 97 -0.71 8.35 -3.86
C ASP A 97 -1.66 8.00 -2.71
N VAL A 98 -2.83 8.61 -2.73
CA VAL A 98 -3.82 8.36 -1.71
C VAL A 98 -4.74 7.23 -2.15
N ILE A 99 -4.82 6.20 -1.31
CA ILE A 99 -5.65 5.05 -1.61
C ILE A 99 -6.89 5.09 -0.71
N LYS A 100 -8.04 5.34 -1.33
CA LYS A 100 -9.29 5.41 -0.59
C LYS A 100 -10.04 4.08 -0.78
N LEU A 101 -10.04 3.29 0.28
CA LEU A 101 -10.71 2.00 0.25
C LEU A 101 -11.69 1.93 1.42
N GLY A 102 -12.56 0.93 1.36
CA GLY A 102 -13.56 0.73 2.40
C GLY A 102 -14.54 1.91 2.45
N GLU A 103 -14.83 2.33 3.68
CA GLU A 103 -15.76 3.44 3.87
C GLU A 103 -14.98 4.76 3.94
N TYR A 104 -14.35 4.98 5.08
CA TYR A 104 -13.57 6.19 5.28
C TYR A 104 -12.12 5.87 5.63
N THR A 105 -11.50 5.09 4.75
CA THR A 105 -10.11 4.70 4.95
C THR A 105 -9.25 5.23 3.81
N SER A 106 -8.19 5.94 4.19
CA SER A 106 -7.28 6.50 3.21
C SER A 106 -5.84 6.10 3.55
N ILE A 107 -5.13 5.64 2.53
CA ILE A 107 -3.74 5.23 2.71
C ILE A 107 -2.84 6.10 1.83
N LEU A 108 -1.70 6.46 2.39
CA LEU A 108 -0.73 7.28 1.67
C LEU A 108 0.48 6.43 1.30
N VAL A 109 0.79 6.43 0.01
CA VAL A 109 1.92 5.67 -0.49
C VAL A 109 3.18 6.54 -0.45
N ASN A 110 4.16 6.08 0.30
CA ASN A 110 5.42 6.81 0.42
C ASN A 110 6.58 5.87 0.09
N PHE A 111 7.52 6.40 -0.67
CA PHE A 111 8.69 5.63 -1.07
C PHE A 111 9.89 5.97 -0.19
N VAL A 112 10.23 5.04 0.69
CA VAL A 112 11.36 5.23 1.59
C VAL A 112 12.63 4.70 0.93
N SER A 113 13.50 5.62 0.55
CA SER A 113 14.75 5.26 -0.09
C SER A 113 15.75 4.76 0.95
N GLY A 114 16.59 3.83 0.52
CA GLY A 114 17.60 3.26 1.40
C GLY A 114 18.84 4.16 1.46
N PRO A 115 19.68 3.91 2.50
CA PRO A 115 20.89 4.67 2.69
C PRO A 115 21.96 4.26 1.67
N SER A 116 22.23 5.16 0.75
CA SER A 116 23.22 4.90 -0.29
C SER A 116 23.42 6.15 -1.15
N SER A 117 22.34 6.60 -1.76
CA SER A 117 22.39 7.78 -2.61
C SER A 117 21.56 8.90 -1.98
N GLY A 118 22.26 9.90 -1.46
CA GLY A 118 21.61 11.04 -0.84
C GLY A 118 21.24 12.10 -1.87
N GLY A 1 29.85 -0.81 14.33
CA GLY A 1 29.75 -0.08 13.09
C GLY A 1 29.11 -0.94 12.00
N SER A 2 29.09 -0.40 10.79
CA SER A 2 28.51 -1.10 9.66
C SER A 2 28.88 -0.40 8.35
N SER A 3 29.01 -1.21 7.30
CA SER A 3 29.37 -0.68 6.00
C SER A 3 28.37 -1.17 4.95
N GLY A 4 28.18 -0.34 3.93
CA GLY A 4 27.25 -0.67 2.86
C GLY A 4 25.81 -0.67 3.36
N SER A 5 25.06 0.33 2.90
CA SER A 5 23.67 0.46 3.30
C SER A 5 22.90 1.28 2.25
N SER A 6 23.39 2.48 2.01
CA SER A 6 22.76 3.36 1.04
C SER A 6 22.92 2.78 -0.38
N GLY A 7 21.80 2.41 -0.97
CA GLY A 7 21.81 1.84 -2.30
C GLY A 7 20.60 0.93 -2.52
N MET A 8 19.74 1.34 -3.43
CA MET A 8 18.54 0.58 -3.74
C MET A 8 17.83 1.15 -4.97
N VAL A 9 17.49 0.25 -5.89
CA VAL A 9 16.81 0.65 -7.10
C VAL A 9 15.30 0.67 -6.86
N THR A 10 14.90 0.12 -5.71
CA THR A 10 13.51 0.07 -5.35
C THR A 10 13.30 0.60 -3.92
N PRO A 11 12.51 1.69 -3.82
CA PRO A 11 12.24 2.30 -2.53
C PRO A 11 11.24 1.46 -1.73
N SER A 12 11.30 1.62 -0.42
CA SER A 12 10.41 0.88 0.48
C SER A 12 8.99 1.45 0.37
N LEU A 13 8.02 0.54 0.50
CA LEU A 13 6.63 0.94 0.42
C LEU A 13 6.10 1.24 1.83
N ARG A 14 5.85 2.51 2.06
CA ARG A 14 5.35 2.94 3.36
C ARG A 14 3.87 3.33 3.26
N LEU A 15 3.04 2.53 3.90
CA LEU A 15 1.61 2.77 3.90
C LEU A 15 1.23 3.63 5.11
N VAL A 16 0.91 4.88 4.84
CA VAL A 16 0.53 5.81 5.89
C VAL A 16 -0.99 5.96 5.90
N PHE A 17 -1.57 5.71 7.07
CA PHE A 17 -3.02 5.81 7.24
C PHE A 17 -3.43 7.26 7.50
N VAL A 18 -3.70 7.97 6.43
CA VAL A 18 -4.11 9.36 6.53
C VAL A 18 -5.54 9.43 7.03
N LYS A 19 -6.30 8.38 6.74
CA LYS A 19 -7.69 8.31 7.16
C LYS A 19 -7.99 6.89 7.66
N GLY A 20 -9.27 6.67 7.96
CA GLY A 20 -9.70 5.37 8.44
C GLY A 20 -9.56 5.28 9.96
N PRO A 21 -9.76 4.04 10.49
CA PRO A 21 -9.67 3.81 11.92
C PRO A 21 -8.21 3.80 12.38
N ARG A 22 -7.33 3.51 11.43
CA ARG A 22 -5.90 3.47 11.72
C ARG A 22 -5.26 4.83 11.42
N GLU A 23 -6.11 5.79 11.11
CA GLU A 23 -5.63 7.13 10.80
C GLU A 23 -4.56 7.55 11.79
N GLY A 24 -3.36 7.77 11.26
CA GLY A 24 -2.23 8.17 12.08
C GLY A 24 -1.18 7.06 12.15
N ASP A 25 -1.51 5.93 11.55
CA ASP A 25 -0.60 4.80 11.53
C ASP A 25 0.20 4.81 10.23
N ALA A 26 1.34 4.14 10.27
CA ALA A 26 2.21 4.08 9.10
C ALA A 26 3.10 2.84 9.22
N LEU A 27 3.20 2.12 8.11
CA LEU A 27 4.00 0.91 8.06
C LEU A 27 5.09 1.07 6.99
N ASP A 28 6.01 0.12 6.98
CA ASP A 28 7.10 0.15 6.02
C ASP A 28 7.48 -1.30 5.65
N TYR A 29 7.79 -1.49 4.39
CA TYR A 29 8.17 -2.80 3.89
C TYR A 29 9.34 -2.70 2.91
N LYS A 30 9.93 -3.85 2.62
CA LYS A 30 11.04 -3.90 1.70
C LYS A 30 10.53 -4.03 0.27
N PRO A 31 11.44 -3.74 -0.70
CA PRO A 31 11.07 -3.81 -2.10
C PRO A 31 11.00 -5.26 -2.57
N GLY A 32 9.84 -5.62 -3.12
CA GLY A 32 9.63 -6.97 -3.61
C GLY A 32 8.79 -7.79 -2.63
N SER A 33 8.22 -7.08 -1.67
CA SER A 33 7.39 -7.71 -0.66
C SER A 33 5.93 -7.33 -0.85
N THR A 34 5.09 -8.34 -1.08
CA THR A 34 3.68 -8.11 -1.29
C THR A 34 3.00 -7.78 0.04
N ILE A 35 2.19 -6.73 0.01
CA ILE A 35 1.47 -6.30 1.20
C ILE A 35 -0.03 -6.43 0.96
N ARG A 36 -0.58 -7.55 1.42
CA ARG A 36 -2.00 -7.82 1.26
C ARG A 36 -2.81 -7.00 2.28
N VAL A 37 -3.70 -6.17 1.75
CA VAL A 37 -4.53 -5.34 2.61
C VAL A 37 -5.98 -5.84 2.54
N GLY A 38 -6.50 -6.21 3.71
CA GLY A 38 -7.86 -6.71 3.79
C GLY A 38 -8.56 -6.19 5.06
N ARG A 39 -9.47 -6.99 5.56
CA ARG A 39 -10.21 -6.63 6.76
C ARG A 39 -9.65 -7.38 7.97
N ILE A 40 -9.39 -8.67 7.77
CA ILE A 40 -8.86 -9.50 8.83
C ILE A 40 -7.33 -9.46 8.78
N VAL A 41 -6.74 -9.49 9.97
CA VAL A 41 -5.29 -9.45 10.08
C VAL A 41 -4.72 -10.83 9.75
N ARG A 42 -5.47 -11.86 10.13
CA ARG A 42 -5.05 -13.23 9.89
C ARG A 42 -5.21 -13.56 8.39
N GLY A 43 -4.07 -13.62 7.71
CA GLY A 43 -4.08 -13.92 6.29
C GLY A 43 -3.30 -12.86 5.50
N ASN A 44 -3.80 -11.64 5.58
CA ASN A 44 -3.17 -10.53 4.89
C ASN A 44 -2.31 -9.73 5.87
N GLU A 45 -1.22 -9.17 5.35
CA GLU A 45 -0.32 -8.39 6.17
C GLU A 45 -1.09 -7.30 6.91
N ILE A 46 -1.64 -6.37 6.14
CA ILE A 46 -2.40 -5.27 6.71
C ILE A 46 -3.89 -5.61 6.65
N ALA A 47 -4.60 -5.21 7.69
CA ALA A 47 -6.03 -5.46 7.77
C ALA A 47 -6.68 -4.39 8.65
N ILE A 48 -7.59 -3.65 8.05
CA ILE A 48 -8.30 -2.59 8.75
C ILE A 48 -9.73 -3.04 9.04
N LYS A 49 -10.06 -3.06 10.32
CA LYS A 49 -11.39 -3.48 10.74
C LYS A 49 -12.34 -2.27 10.68
N ASP A 50 -12.50 -1.75 9.47
CA ASP A 50 -13.37 -0.60 9.26
C ASP A 50 -14.69 -1.07 8.66
N ALA A 51 -14.79 -2.37 8.48
CA ALA A 51 -16.00 -2.97 7.93
C ALA A 51 -16.00 -2.77 6.41
N GLY A 52 -15.95 -1.50 6.01
CA GLY A 52 -15.95 -1.17 4.59
C GLY A 52 -14.99 -2.07 3.82
N ILE A 53 -13.99 -2.58 4.54
CA ILE A 53 -13.01 -3.46 3.93
C ILE A 53 -13.44 -4.92 4.13
N SER A 54 -13.00 -5.76 3.21
CA SER A 54 -13.32 -7.18 3.28
C SER A 54 -12.04 -8.00 3.46
N THR A 55 -12.21 -9.19 4.03
CA THR A 55 -11.09 -10.07 4.26
C THR A 55 -10.09 -9.98 3.12
N LYS A 56 -10.58 -10.26 1.92
CA LYS A 56 -9.73 -10.20 0.73
C LYS A 56 -10.17 -9.03 -0.15
N HIS A 57 -9.84 -7.83 0.30
CA HIS A 57 -10.20 -6.63 -0.43
C HIS A 57 -9.27 -6.47 -1.64
N LEU A 58 -7.99 -6.28 -1.34
CA LEU A 58 -7.00 -6.11 -2.38
C LEU A 58 -5.62 -6.49 -1.84
N ARG A 59 -4.66 -6.56 -2.74
CA ARG A 59 -3.30 -6.90 -2.37
C ARG A 59 -2.29 -5.99 -3.08
N ILE A 60 -1.27 -5.61 -2.34
CA ILE A 60 -0.24 -4.73 -2.89
C ILE A 60 1.02 -5.56 -3.17
N GLU A 61 1.64 -5.26 -4.30
CA GLU A 61 2.86 -5.95 -4.69
C GLU A 61 3.80 -5.01 -5.43
N SER A 62 4.96 -5.54 -5.81
CA SER A 62 5.95 -4.76 -6.52
C SER A 62 6.59 -5.60 -7.63
N ASP A 63 6.79 -4.96 -8.76
CA ASP A 63 7.39 -5.63 -9.90
C ASP A 63 8.90 -5.53 -9.81
N SER A 64 9.54 -5.59 -10.98
CA SER A 64 10.99 -5.50 -11.04
C SER A 64 11.50 -4.47 -10.03
N GLY A 65 11.33 -3.21 -10.39
CA GLY A 65 11.77 -2.12 -9.53
C GLY A 65 10.69 -1.05 -9.42
N ASN A 66 9.46 -1.49 -9.20
CA ASN A 66 8.34 -0.58 -9.07
C ASN A 66 7.25 -1.23 -8.22
N TRP A 67 6.30 -0.41 -7.80
CA TRP A 67 5.21 -0.89 -6.97
C TRP A 67 3.91 -0.77 -7.79
N VAL A 68 3.02 -1.72 -7.56
CA VAL A 68 1.74 -1.73 -8.26
C VAL A 68 0.63 -2.16 -7.29
N ILE A 69 -0.57 -1.69 -7.58
CA ILE A 69 -1.72 -2.03 -6.75
C ILE A 69 -2.80 -2.67 -7.62
N GLN A 70 -3.49 -3.64 -7.04
CA GLN A 70 -4.55 -4.34 -7.74
C GLN A 70 -5.74 -4.56 -6.81
N ASP A 71 -6.91 -4.11 -7.29
CA ASP A 71 -8.13 -4.26 -6.52
C ASP A 71 -8.71 -5.65 -6.74
N LEU A 72 -8.56 -6.49 -5.73
CA LEU A 72 -9.06 -7.85 -5.81
C LEU A 72 -10.60 -7.83 -5.78
N GLY A 73 -11.16 -7.17 -6.78
CA GLY A 73 -12.61 -7.06 -6.89
C GLY A 73 -13.25 -6.93 -5.50
N SER A 74 -12.84 -5.90 -4.78
CA SER A 74 -13.37 -5.65 -3.45
C SER A 74 -14.89 -5.55 -3.50
N SER A 75 -15.47 -5.27 -2.33
CA SER A 75 -16.91 -5.16 -2.24
C SER A 75 -17.39 -3.93 -3.01
N ASN A 76 -16.92 -2.77 -2.57
CA ASN A 76 -17.29 -1.52 -3.21
C ASN A 76 -16.28 -1.20 -4.32
N GLY A 77 -15.02 -1.07 -3.92
CA GLY A 77 -13.96 -0.78 -4.86
C GLY A 77 -12.84 0.01 -4.19
N THR A 78 -11.73 0.14 -4.91
CA THR A 78 -10.58 0.87 -4.40
C THR A 78 -10.41 2.18 -5.15
N LEU A 79 -10.06 3.22 -4.40
CA LEU A 79 -9.85 4.53 -4.99
C LEU A 79 -8.38 4.92 -4.87
N LEU A 80 -7.87 5.54 -5.92
CA LEU A 80 -6.49 5.96 -5.94
C LEU A 80 -6.41 7.46 -6.29
N ASN A 81 -6.11 8.25 -5.28
CA ASN A 81 -6.00 9.69 -5.45
C ASN A 81 -7.36 10.25 -5.87
N SER A 82 -7.69 10.04 -7.14
CA SER A 82 -8.96 10.50 -7.67
C SER A 82 -9.39 9.64 -8.85
N ASN A 83 -9.58 8.36 -8.56
CA ASN A 83 -9.99 7.41 -9.59
C ASN A 83 -10.24 6.04 -8.94
N ALA A 84 -11.31 5.41 -9.39
CA ALA A 84 -11.67 4.10 -8.86
C ALA A 84 -10.87 3.02 -9.59
N LEU A 85 -10.10 2.27 -8.82
CA LEU A 85 -9.28 1.21 -9.38
C LEU A 85 -10.19 0.13 -9.98
N ASP A 86 -9.56 -0.78 -10.69
CA ASP A 86 -10.30 -1.86 -11.32
C ASP A 86 -9.61 -3.19 -11.01
N PRO A 87 -10.41 -4.29 -11.04
CA PRO A 87 -9.89 -5.62 -10.76
C PRO A 87 -9.09 -6.14 -11.95
N GLU A 88 -9.58 -5.85 -13.14
CA GLU A 88 -8.92 -6.28 -14.35
C GLU A 88 -7.93 -5.22 -14.83
N THR A 89 -7.32 -4.54 -13.87
CA THR A 89 -6.36 -3.50 -14.19
C THR A 89 -5.39 -3.30 -13.02
N SER A 90 -4.15 -2.98 -13.37
CA SER A 90 -3.12 -2.77 -12.38
C SER A 90 -2.49 -1.38 -12.55
N VAL A 91 -2.49 -0.62 -11.47
CA VAL A 91 -1.92 0.72 -11.50
C VAL A 91 -0.61 0.73 -10.72
N ASN A 92 0.32 1.54 -11.21
CA ASN A 92 1.62 1.64 -10.57
C ASN A 92 1.55 2.70 -9.46
N LEU A 93 1.77 2.24 -8.24
CA LEU A 93 1.73 3.12 -7.09
C LEU A 93 2.75 4.24 -7.28
N GLY A 94 2.59 5.30 -6.49
CA GLY A 94 3.49 6.43 -6.57
C GLY A 94 3.62 7.12 -5.21
N ASP A 95 4.76 7.77 -5.01
CA ASP A 95 5.02 8.46 -3.76
C ASP A 95 4.12 9.69 -3.67
N GLY A 96 3.11 9.57 -2.81
CA GLY A 96 2.17 10.66 -2.62
C GLY A 96 0.77 10.27 -3.10
N ASP A 97 0.57 8.97 -3.26
CA ASP A 97 -0.70 8.45 -3.72
C ASP A 97 -1.58 8.13 -2.50
N VAL A 98 -2.86 8.41 -2.64
CA VAL A 98 -3.81 8.15 -1.57
C VAL A 98 -4.76 7.03 -1.99
N ILE A 99 -4.72 5.95 -1.21
CA ILE A 99 -5.56 4.80 -1.49
C ILE A 99 -6.79 4.83 -0.57
N LYS A 100 -7.91 5.19 -1.15
CA LYS A 100 -9.16 5.27 -0.40
C LYS A 100 -9.93 3.96 -0.57
N LEU A 101 -9.92 3.15 0.48
CA LEU A 101 -10.62 1.88 0.45
C LEU A 101 -11.57 1.80 1.64
N GLY A 102 -12.53 0.89 1.53
CA GLY A 102 -13.50 0.71 2.58
C GLY A 102 -14.51 1.85 2.60
N GLU A 103 -14.77 2.35 3.80
CA GLU A 103 -15.71 3.46 3.97
C GLU A 103 -14.97 4.79 3.95
N TYR A 104 -14.13 4.98 4.96
CA TYR A 104 -13.35 6.21 5.07
C TYR A 104 -11.91 5.91 5.46
N THR A 105 -11.31 4.97 4.75
CA THR A 105 -9.93 4.58 5.02
C THR A 105 -9.03 4.98 3.84
N SER A 106 -8.11 5.88 4.12
CA SER A 106 -7.18 6.35 3.10
C SER A 106 -5.75 5.95 3.48
N ILE A 107 -5.03 5.44 2.49
CA ILE A 107 -3.66 5.03 2.70
C ILE A 107 -2.74 5.83 1.77
N LEU A 108 -1.68 6.36 2.35
CA LEU A 108 -0.72 7.15 1.59
C LEU A 108 0.46 6.25 1.20
N VAL A 109 0.97 6.50 0.00
CA VAL A 109 2.08 5.73 -0.51
C VAL A 109 3.33 6.61 -0.54
N ASN A 110 4.30 6.25 0.30
CA ASN A 110 5.54 7.00 0.38
C ASN A 110 6.72 6.06 0.11
N PHE A 111 7.62 6.52 -0.74
CA PHE A 111 8.78 5.74 -1.09
C PHE A 111 9.97 6.07 -0.17
N VAL A 112 10.26 5.13 0.71
CA VAL A 112 11.35 5.30 1.65
C VAL A 112 12.63 4.69 1.06
N SER A 113 13.54 5.56 0.65
CA SER A 113 14.79 5.12 0.07
C SER A 113 15.87 5.06 1.14
N GLY A 114 16.19 6.23 1.68
CA GLY A 114 17.20 6.34 2.72
C GLY A 114 17.61 7.79 2.95
N PRO A 115 18.52 7.99 3.94
CA PRO A 115 19.00 9.31 4.27
C PRO A 115 19.98 9.83 3.22
N SER A 116 19.61 10.95 2.61
CA SER A 116 20.45 11.55 1.58
C SER A 116 21.77 12.03 2.20
N SER A 117 22.74 12.25 1.33
CA SER A 117 24.05 12.71 1.77
C SER A 117 24.36 14.08 1.15
N GLY A 118 25.29 14.77 1.78
CA GLY A 118 25.69 16.09 1.31
C GLY A 118 27.03 16.03 0.56
N GLY A 1 29.44 16.49 8.55
CA GLY A 1 28.76 15.21 8.38
C GLY A 1 29.32 14.45 7.18
N SER A 2 28.62 13.38 6.82
CA SER A 2 29.03 12.57 5.69
C SER A 2 27.80 12.17 4.86
N SER A 3 28.07 11.76 3.63
CA SER A 3 27.00 11.35 2.73
C SER A 3 26.58 9.91 3.01
N GLY A 4 25.40 9.57 2.54
CA GLY A 4 24.88 8.23 2.74
C GLY A 4 25.52 7.23 1.78
N SER A 5 24.69 6.43 1.15
CA SER A 5 25.16 5.44 0.20
C SER A 5 23.98 4.79 -0.53
N SER A 6 24.09 4.72 -1.84
CA SER A 6 23.05 4.13 -2.65
C SER A 6 23.38 2.66 -2.94
N GLY A 7 22.71 1.79 -2.21
CA GLY A 7 22.93 0.36 -2.37
C GLY A 7 21.72 -0.30 -3.06
N MET A 8 20.88 -0.92 -2.23
CA MET A 8 19.69 -1.58 -2.75
C MET A 8 18.86 -0.63 -3.60
N VAL A 9 17.97 -1.22 -4.40
CA VAL A 9 17.12 -0.44 -5.27
C VAL A 9 15.67 -0.58 -4.80
N THR A 10 14.78 0.11 -5.50
CA THR A 10 13.37 0.08 -5.17
C THR A 10 13.13 0.61 -3.75
N PRO A 11 12.37 1.72 -3.68
CA PRO A 11 12.06 2.34 -2.39
C PRO A 11 11.02 1.53 -1.62
N SER A 12 11.25 1.41 -0.32
CA SER A 12 10.34 0.66 0.53
C SER A 12 8.94 1.25 0.44
N LEU A 13 7.95 0.40 0.72
CA LEU A 13 6.57 0.82 0.67
C LEU A 13 6.14 1.32 2.05
N ARG A 14 5.92 2.62 2.12
CA ARG A 14 5.51 3.23 3.38
C ARG A 14 4.04 3.64 3.30
N LEU A 15 3.19 2.81 3.89
CA LEU A 15 1.76 3.08 3.89
C LEU A 15 1.40 3.91 5.13
N VAL A 16 0.98 5.14 4.87
CA VAL A 16 0.61 6.04 5.95
C VAL A 16 -0.92 6.13 6.03
N PHE A 17 -1.43 5.84 7.22
CA PHE A 17 -2.86 5.88 7.45
C PHE A 17 -3.33 7.31 7.75
N VAL A 18 -3.68 8.02 6.69
CA VAL A 18 -4.14 9.39 6.83
C VAL A 18 -5.58 9.39 7.34
N LYS A 19 -6.31 8.35 6.96
CA LYS A 19 -7.70 8.22 7.38
C LYS A 19 -7.95 6.79 7.86
N GLY A 20 -9.21 6.51 8.17
CA GLY A 20 -9.59 5.20 8.64
C GLY A 20 -9.44 5.08 10.15
N PRO A 21 -9.63 3.83 10.66
CA PRO A 21 -9.51 3.57 12.08
C PRO A 21 -8.05 3.56 12.52
N ARG A 22 -7.17 3.44 11.54
CA ARG A 22 -5.74 3.42 11.80
C ARG A 22 -5.13 4.80 11.58
N GLU A 23 -5.99 5.75 11.25
CA GLU A 23 -5.56 7.11 11.00
C GLU A 23 -4.49 7.52 12.00
N GLY A 24 -3.30 7.80 11.48
CA GLY A 24 -2.19 8.20 12.32
C GLY A 24 -1.14 7.09 12.41
N ASP A 25 -1.42 6.00 11.70
CA ASP A 25 -0.51 4.87 11.69
C ASP A 25 0.28 4.85 10.38
N ALA A 26 1.41 4.17 10.40
CA ALA A 26 2.25 4.08 9.22
C ALA A 26 3.07 2.79 9.29
N LEU A 27 3.17 2.13 8.13
CA LEU A 27 3.92 0.89 8.04
C LEU A 27 4.98 1.01 6.96
N ASP A 28 5.87 0.04 6.94
CA ASP A 28 6.96 0.03 5.96
C ASP A 28 7.31 -1.42 5.62
N TYR A 29 7.51 -1.65 4.33
CA TYR A 29 7.86 -2.98 3.86
C TYR A 29 8.95 -2.91 2.78
N LYS A 30 9.72 -3.98 2.72
CA LYS A 30 10.81 -4.06 1.74
C LYS A 30 10.23 -4.18 0.33
N PRO A 31 11.08 -3.90 -0.68
CA PRO A 31 10.66 -3.97 -2.07
C PRO A 31 10.55 -5.42 -2.52
N GLY A 32 9.42 -5.72 -3.17
CA GLY A 32 9.17 -7.06 -3.67
C GLY A 32 8.38 -7.88 -2.65
N SER A 33 7.93 -7.20 -1.61
CA SER A 33 7.16 -7.85 -0.57
C SER A 33 5.66 -7.57 -0.76
N THR A 34 4.92 -8.64 -1.01
CA THR A 34 3.49 -8.52 -1.22
C THR A 34 2.79 -8.11 0.08
N ILE A 35 2.16 -6.95 0.03
CA ILE A 35 1.44 -6.44 1.19
C ILE A 35 -0.06 -6.63 1.01
N ARG A 36 -0.54 -7.75 1.54
CA ARG A 36 -1.96 -8.07 1.44
C ARG A 36 -2.76 -7.27 2.47
N VAL A 37 -3.46 -6.26 1.97
CA VAL A 37 -4.27 -5.41 2.83
C VAL A 37 -5.72 -5.91 2.81
N GLY A 38 -6.24 -6.17 4.00
CA GLY A 38 -7.60 -6.64 4.14
C GLY A 38 -8.25 -6.13 5.42
N ARG A 39 -9.23 -6.87 5.89
CA ARG A 39 -9.93 -6.51 7.11
C ARG A 39 -9.46 -7.38 8.28
N ILE A 40 -9.30 -8.66 8.00
CA ILE A 40 -8.86 -9.61 9.00
C ILE A 40 -7.33 -9.71 8.96
N VAL A 41 -6.74 -9.79 10.15
CA VAL A 41 -5.30 -9.89 10.27
C VAL A 41 -4.84 -11.23 9.69
N ARG A 42 -5.65 -12.25 9.94
CA ARG A 42 -5.33 -13.58 9.46
C ARG A 42 -4.95 -13.54 7.97
N GLY A 43 -3.75 -14.05 7.69
CA GLY A 43 -3.25 -14.06 6.32
C GLY A 43 -3.44 -12.70 5.65
N ASN A 44 -2.69 -11.72 6.15
CA ASN A 44 -2.77 -10.38 5.60
C ASN A 44 -1.69 -9.51 6.26
N GLU A 45 -1.01 -8.75 5.42
CA GLU A 45 0.04 -7.87 5.90
C GLU A 45 -0.55 -6.75 6.76
N ILE A 46 -1.73 -6.29 6.36
CA ILE A 46 -2.40 -5.23 7.08
C ILE A 46 -3.90 -5.55 7.17
N ALA A 47 -4.48 -5.23 8.31
CA ALA A 47 -5.90 -5.47 8.53
C ALA A 47 -6.53 -4.24 9.18
N ILE A 48 -7.47 -3.64 8.46
CA ILE A 48 -8.16 -2.46 8.97
C ILE A 48 -9.59 -2.83 9.33
N LYS A 49 -9.94 -2.59 10.59
CA LYS A 49 -11.27 -2.89 11.07
C LYS A 49 -12.17 -1.67 10.87
N ASP A 50 -12.44 -1.36 9.61
CA ASP A 50 -13.28 -0.22 9.28
C ASP A 50 -14.62 -0.73 8.73
N ALA A 51 -14.70 -2.05 8.59
CA ALA A 51 -15.92 -2.66 8.08
C ALA A 51 -15.93 -2.59 6.55
N GLY A 52 -15.85 -1.37 6.05
CA GLY A 52 -15.84 -1.15 4.62
C GLY A 52 -14.83 -2.06 3.92
N ILE A 53 -13.85 -2.49 4.70
CA ILE A 53 -12.81 -3.37 4.18
C ILE A 53 -13.20 -4.82 4.44
N SER A 54 -12.78 -5.69 3.52
CA SER A 54 -13.09 -7.11 3.64
C SER A 54 -11.80 -7.90 3.84
N THR A 55 -11.96 -9.15 4.24
CA THR A 55 -10.82 -10.01 4.47
C THR A 55 -9.81 -9.90 3.34
N LYS A 56 -10.30 -10.15 2.13
CA LYS A 56 -9.44 -10.07 0.95
C LYS A 56 -9.91 -8.91 0.08
N HIS A 57 -9.71 -7.71 0.60
CA HIS A 57 -10.09 -6.51 -0.13
C HIS A 57 -9.25 -6.37 -1.39
N LEU A 58 -7.97 -6.15 -1.18
CA LEU A 58 -7.04 -5.99 -2.29
C LEU A 58 -5.66 -6.52 -1.89
N ARG A 59 -4.77 -6.58 -2.87
CA ARG A 59 -3.43 -7.06 -2.61
C ARG A 59 -2.40 -6.15 -3.29
N ILE A 60 -1.42 -5.72 -2.52
CA ILE A 60 -0.38 -4.86 -3.02
C ILE A 60 0.91 -5.66 -3.21
N GLU A 61 1.57 -5.41 -4.33
CA GLU A 61 2.82 -6.10 -4.64
C GLU A 61 3.70 -5.23 -5.54
N SER A 62 4.94 -5.65 -5.68
CA SER A 62 5.89 -4.93 -6.51
C SER A 62 6.11 -5.68 -7.83
N ASP A 63 6.83 -5.02 -8.73
CA ASP A 63 7.12 -5.60 -10.02
C ASP A 63 8.60 -5.39 -10.36
N SER A 64 9.42 -6.33 -9.95
CA SER A 64 10.85 -6.25 -10.20
C SER A 64 11.47 -5.16 -9.32
N GLY A 65 11.19 -3.92 -9.69
CA GLY A 65 11.72 -2.79 -8.95
C GLY A 65 10.71 -1.64 -8.92
N ASN A 66 9.43 -2.01 -8.87
CA ASN A 66 8.37 -1.02 -8.84
C ASN A 66 7.23 -1.53 -7.94
N TRP A 67 6.36 -0.62 -7.58
CA TRP A 67 5.22 -0.97 -6.73
C TRP A 67 3.95 -0.88 -7.58
N VAL A 68 3.08 -1.85 -7.38
CA VAL A 68 1.84 -1.91 -8.12
C VAL A 68 0.70 -2.28 -7.16
N ILE A 69 -0.51 -1.87 -7.53
CA ILE A 69 -1.68 -2.16 -6.73
C ILE A 69 -2.74 -2.85 -7.58
N GLN A 70 -3.49 -3.73 -6.94
CA GLN A 70 -4.54 -4.46 -7.64
C GLN A 70 -5.77 -4.59 -6.75
N ASP A 71 -6.92 -4.20 -7.32
CA ASP A 71 -8.17 -4.26 -6.59
C ASP A 71 -8.77 -5.66 -6.74
N LEU A 72 -8.67 -6.44 -5.67
CA LEU A 72 -9.21 -7.79 -5.67
C LEU A 72 -10.73 -7.74 -5.63
N GLY A 73 -11.29 -7.06 -6.62
CA GLY A 73 -12.73 -6.92 -6.71
C GLY A 73 -13.37 -6.92 -5.32
N SER A 74 -12.83 -6.07 -4.47
CA SER A 74 -13.34 -5.95 -3.11
C SER A 74 -14.86 -6.05 -3.11
N SER A 75 -15.50 -4.89 -3.20
CA SER A 75 -16.95 -4.82 -3.22
C SER A 75 -17.40 -3.45 -3.71
N ASN A 76 -16.94 -2.42 -3.02
CA ASN A 76 -17.28 -1.06 -3.37
C ASN A 76 -16.29 -0.53 -4.41
N GLY A 77 -15.06 -1.01 -4.30
CA GLY A 77 -14.01 -0.60 -5.22
C GLY A 77 -12.94 0.23 -4.50
N THR A 78 -11.79 0.34 -5.14
CA THR A 78 -10.68 1.08 -4.57
C THR A 78 -10.49 2.40 -5.32
N LEU A 79 -10.04 3.41 -4.59
CA LEU A 79 -9.80 4.71 -5.19
C LEU A 79 -8.31 5.07 -5.06
N LEU A 80 -7.75 5.53 -6.16
CA LEU A 80 -6.35 5.90 -6.19
C LEU A 80 -6.23 7.39 -6.51
N ASN A 81 -5.83 8.15 -5.50
CA ASN A 81 -5.67 9.59 -5.65
C ASN A 81 -7.02 10.20 -6.04
N SER A 82 -7.30 10.16 -7.34
CA SER A 82 -8.54 10.70 -7.86
C SER A 82 -9.04 9.85 -9.03
N ASN A 83 -9.31 8.60 -8.73
CA ASN A 83 -9.80 7.67 -9.74
C ASN A 83 -10.04 6.31 -9.10
N ALA A 84 -11.10 5.65 -9.55
CA ALA A 84 -11.46 4.35 -9.04
C ALA A 84 -10.61 3.28 -9.73
N LEU A 85 -9.90 2.51 -8.92
CA LEU A 85 -9.04 1.46 -9.46
C LEU A 85 -9.91 0.44 -10.21
N ASP A 86 -9.24 -0.61 -10.69
CA ASP A 86 -9.94 -1.66 -11.43
C ASP A 86 -9.34 -3.01 -11.05
N PRO A 87 -10.24 -4.03 -11.00
CA PRO A 87 -9.82 -5.39 -10.65
C PRO A 87 -9.09 -6.04 -11.82
N GLU A 88 -9.57 -5.76 -13.03
CA GLU A 88 -8.96 -6.31 -14.22
C GLU A 88 -7.88 -5.37 -14.75
N THR A 89 -7.20 -4.72 -13.83
CA THR A 89 -6.14 -3.78 -14.19
C THR A 89 -5.18 -3.59 -13.02
N SER A 90 -3.92 -3.37 -13.36
CA SER A 90 -2.89 -3.17 -12.34
C SER A 90 -2.19 -1.83 -12.58
N VAL A 91 -2.24 -0.99 -11.56
CA VAL A 91 -1.61 0.32 -11.64
C VAL A 91 -0.32 0.31 -10.82
N ASN A 92 0.64 1.10 -11.28
CA ASN A 92 1.92 1.20 -10.60
C ASN A 92 1.86 2.30 -9.54
N LEU A 93 1.97 1.89 -8.29
CA LEU A 93 1.92 2.82 -7.18
C LEU A 93 2.91 3.97 -7.44
N GLY A 94 2.54 5.14 -6.97
CA GLY A 94 3.38 6.31 -7.14
C GLY A 94 3.77 6.92 -5.79
N ASP A 95 4.32 8.12 -5.85
CA ASP A 95 4.74 8.82 -4.65
C ASP A 95 3.66 9.81 -4.23
N GLY A 96 3.17 9.63 -3.01
CA GLY A 96 2.14 10.50 -2.47
C GLY A 96 0.76 10.11 -3.02
N ASP A 97 0.60 8.82 -3.30
CA ASP A 97 -0.64 8.31 -3.83
C ASP A 97 -1.58 7.98 -2.67
N VAL A 98 -2.74 8.64 -2.67
CA VAL A 98 -3.72 8.43 -1.63
C VAL A 98 -4.67 7.31 -2.06
N ILE A 99 -4.71 6.27 -1.24
CA ILE A 99 -5.57 5.13 -1.51
C ILE A 99 -6.79 5.18 -0.60
N LYS A 100 -7.93 5.47 -1.21
CA LYS A 100 -9.18 5.55 -0.46
C LYS A 100 -9.94 4.24 -0.62
N LEU A 101 -9.92 3.45 0.45
CA LEU A 101 -10.61 2.17 0.46
C LEU A 101 -11.54 2.10 1.65
N GLY A 102 -12.49 1.18 1.58
CA GLY A 102 -13.46 1.00 2.65
C GLY A 102 -14.44 2.17 2.70
N GLU A 103 -14.77 2.57 3.92
CA GLU A 103 -15.69 3.68 4.12
C GLU A 103 -14.92 4.99 4.26
N TYR A 104 -14.22 5.11 5.38
CA TYR A 104 -13.45 6.31 5.65
C TYR A 104 -11.99 5.96 5.94
N THR A 105 -11.44 5.10 5.10
CA THR A 105 -10.05 4.68 5.25
C THR A 105 -9.21 5.15 4.07
N SER A 106 -8.17 5.90 4.38
CA SER A 106 -7.28 6.42 3.35
C SER A 106 -5.83 6.06 3.69
N ILE A 107 -5.12 5.58 2.67
CA ILE A 107 -3.74 5.21 2.84
C ILE A 107 -2.85 6.07 1.94
N LEU A 108 -1.71 6.46 2.48
CA LEU A 108 -0.78 7.30 1.73
C LEU A 108 0.45 6.46 1.35
N VAL A 109 0.81 6.55 0.08
CA VAL A 109 1.95 5.81 -0.42
C VAL A 109 3.17 6.74 -0.46
N ASN A 110 4.17 6.38 0.34
CA ASN A 110 5.40 7.17 0.40
C ASN A 110 6.60 6.26 0.08
N PHE A 111 7.33 6.66 -0.95
CA PHE A 111 8.49 5.90 -1.37
C PHE A 111 9.72 6.28 -0.54
N VAL A 112 10.12 5.35 0.33
CA VAL A 112 11.28 5.58 1.18
C VAL A 112 12.54 5.12 0.46
N SER A 113 13.61 5.88 0.65
CA SER A 113 14.87 5.57 0.02
C SER A 113 15.97 6.50 0.54
N GLY A 114 16.87 5.94 1.32
CA GLY A 114 17.96 6.71 1.89
C GLY A 114 17.51 7.46 3.15
N PRO A 115 18.52 7.89 3.94
CA PRO A 115 18.23 8.62 5.18
C PRO A 115 17.82 10.06 4.87
N SER A 116 17.30 10.72 5.90
CA SER A 116 16.85 12.09 5.76
C SER A 116 17.92 12.91 5.00
N SER A 117 19.10 12.96 5.58
CA SER A 117 20.20 13.69 4.99
C SER A 117 19.77 15.13 4.69
N GLY A 118 19.89 15.96 5.71
CA GLY A 118 19.51 17.36 5.57
C GLY A 118 18.03 17.51 5.22
N GLY A 1 38.99 5.20 8.17
CA GLY A 1 37.57 5.42 8.39
C GLY A 1 36.73 4.73 7.31
N SER A 2 36.39 5.50 6.30
CA SER A 2 35.59 4.98 5.20
C SER A 2 34.22 4.55 5.71
N SER A 3 33.30 4.37 4.77
CA SER A 3 31.95 3.96 5.11
C SER A 3 31.31 3.24 3.93
N GLY A 4 30.35 2.37 4.24
CA GLY A 4 29.66 1.62 3.21
C GLY A 4 28.22 2.12 3.05
N SER A 5 27.90 2.49 1.81
CA SER A 5 26.57 2.98 1.51
C SER A 5 25.76 1.90 0.77
N SER A 6 24.52 1.75 1.18
CA SER A 6 23.65 0.77 0.57
C SER A 6 22.78 1.43 -0.50
N GLY A 7 22.98 0.98 -1.73
CA GLY A 7 22.23 1.52 -2.86
C GLY A 7 21.07 0.60 -3.24
N MET A 8 19.87 1.16 -3.19
CA MET A 8 18.67 0.40 -3.52
C MET A 8 18.03 0.93 -4.80
N VAL A 9 17.38 0.03 -5.52
CA VAL A 9 16.71 0.39 -6.76
C VAL A 9 15.20 0.38 -6.54
N THR A 10 14.81 -0.04 -5.35
CA THR A 10 13.40 -0.10 -5.01
C THR A 10 13.18 0.44 -3.60
N PRO A 11 12.43 1.56 -3.52
CA PRO A 11 12.13 2.19 -2.24
C PRO A 11 11.07 1.40 -1.48
N SER A 12 11.26 1.31 -0.17
CA SER A 12 10.32 0.59 0.68
C SER A 12 8.93 1.19 0.55
N LEU A 13 7.92 0.36 0.81
CA LEU A 13 6.54 0.81 0.73
C LEU A 13 6.10 1.31 2.11
N ARG A 14 5.90 2.62 2.17
CA ARG A 14 5.47 3.25 3.41
C ARG A 14 4.00 3.63 3.33
N LEU A 15 3.16 2.78 3.91
CA LEU A 15 1.72 3.02 3.90
C LEU A 15 1.36 3.90 5.11
N VAL A 16 0.98 5.13 4.81
CA VAL A 16 0.61 6.07 5.85
C VAL A 16 -0.91 6.13 5.94
N PHE A 17 -1.42 5.91 7.15
CA PHE A 17 -2.85 5.94 7.39
C PHE A 17 -3.33 7.37 7.66
N VAL A 18 -3.66 8.05 6.57
CA VAL A 18 -4.14 9.42 6.66
C VAL A 18 -5.58 9.43 7.17
N LYS A 19 -6.28 8.33 6.89
CA LYS A 19 -7.66 8.19 7.31
C LYS A 19 -7.91 6.75 7.73
N GLY A 20 -9.11 6.52 8.27
CA GLY A 20 -9.49 5.19 8.71
C GLY A 20 -9.36 5.06 10.23
N PRO A 21 -9.52 3.81 10.72
CA PRO A 21 -9.42 3.54 12.14
C PRO A 21 -7.96 3.57 12.61
N ARG A 22 -7.06 3.48 11.64
CA ARG A 22 -5.64 3.49 11.93
C ARG A 22 -5.05 4.88 11.63
N GLU A 23 -5.94 5.81 11.30
CA GLU A 23 -5.52 7.16 10.98
C GLU A 23 -4.42 7.61 11.95
N GLY A 24 -3.26 7.90 11.37
CA GLY A 24 -2.12 8.34 12.16
C GLY A 24 -1.06 7.24 12.27
N ASP A 25 -1.30 6.16 11.54
CA ASP A 25 -0.38 5.04 11.54
C ASP A 25 0.43 5.06 10.25
N ALA A 26 1.55 4.34 10.29
CA ALA A 26 2.43 4.27 9.14
C ALA A 26 3.25 2.98 9.20
N LEU A 27 3.17 2.22 8.12
CA LEU A 27 3.91 0.96 8.04
C LEU A 27 5.01 1.07 6.98
N ASP A 28 5.86 0.06 6.95
CA ASP A 28 6.95 0.03 5.99
C ASP A 28 7.26 -1.42 5.63
N TYR A 29 7.43 -1.64 4.34
CA TYR A 29 7.73 -2.98 3.84
C TYR A 29 8.86 -2.93 2.79
N LYS A 30 9.62 -4.01 2.75
CA LYS A 30 10.73 -4.11 1.82
C LYS A 30 10.18 -4.28 0.41
N PRO A 31 11.07 -4.05 -0.60
CA PRO A 31 10.68 -4.17 -1.99
C PRO A 31 10.55 -5.65 -2.39
N GLY A 32 9.49 -5.93 -3.14
CA GLY A 32 9.24 -7.29 -3.59
C GLY A 32 8.45 -8.08 -2.55
N SER A 33 7.87 -7.34 -1.62
CA SER A 33 7.09 -7.97 -0.56
C SER A 33 5.60 -7.63 -0.74
N THR A 34 4.86 -8.62 -1.21
CA THR A 34 3.44 -8.43 -1.43
C THR A 34 2.73 -8.12 -0.11
N ILE A 35 2.05 -6.97 -0.09
CA ILE A 35 1.33 -6.54 1.10
C ILE A 35 -0.17 -6.71 0.87
N ARG A 36 -0.72 -7.77 1.45
CA ARG A 36 -2.14 -8.05 1.32
C ARG A 36 -2.93 -7.28 2.36
N VAL A 37 -3.60 -6.22 1.88
CA VAL A 37 -4.40 -5.38 2.77
C VAL A 37 -5.83 -5.90 2.77
N GLY A 38 -6.29 -6.29 3.95
CA GLY A 38 -7.64 -6.81 4.11
C GLY A 38 -8.28 -6.27 5.39
N ARG A 39 -9.22 -7.04 5.92
CA ARG A 39 -9.92 -6.65 7.13
C ARG A 39 -9.49 -7.54 8.30
N ILE A 40 -9.26 -8.81 7.98
CA ILE A 40 -8.85 -9.77 8.99
C ILE A 40 -7.33 -9.91 8.97
N VAL A 41 -6.74 -9.90 10.16
CA VAL A 41 -5.31 -10.03 10.29
C VAL A 41 -4.86 -11.36 9.69
N ARG A 42 -5.67 -12.38 9.92
CA ARG A 42 -5.38 -13.71 9.42
C ARG A 42 -5.03 -13.64 7.93
N GLY A 43 -3.82 -14.08 7.61
CA GLY A 43 -3.36 -14.07 6.23
C GLY A 43 -3.59 -12.71 5.58
N ASN A 44 -2.86 -11.72 6.07
CA ASN A 44 -2.97 -10.36 5.54
C ASN A 44 -1.90 -9.49 6.18
N GLU A 45 -1.17 -8.78 5.32
CA GLU A 45 -0.11 -7.90 5.79
C GLU A 45 -0.70 -6.74 6.59
N ILE A 46 -1.89 -6.33 6.18
CA ILE A 46 -2.57 -5.23 6.86
C ILE A 46 -4.06 -5.57 7.00
N ALA A 47 -4.59 -5.24 8.18
CA ALA A 47 -5.99 -5.49 8.46
C ALA A 47 -6.62 -4.26 9.09
N ILE A 48 -7.64 -3.74 8.41
CA ILE A 48 -8.33 -2.57 8.90
C ILE A 48 -9.74 -2.96 9.36
N LYS A 49 -10.10 -2.48 10.55
CA LYS A 49 -11.40 -2.78 11.11
C LYS A 49 -12.33 -1.58 10.88
N ASP A 50 -12.73 -1.41 9.62
CA ASP A 50 -13.61 -0.32 9.26
C ASP A 50 -14.88 -0.89 8.63
N ALA A 51 -14.90 -2.21 8.52
CA ALA A 51 -16.06 -2.89 7.94
C ALA A 51 -15.98 -2.79 6.41
N GLY A 52 -15.95 -1.55 5.93
CA GLY A 52 -15.89 -1.30 4.50
C GLY A 52 -14.85 -2.21 3.84
N ILE A 53 -13.89 -2.64 4.63
CA ILE A 53 -12.85 -3.51 4.13
C ILE A 53 -13.22 -4.97 4.39
N SER A 54 -12.89 -5.81 3.44
CA SER A 54 -13.20 -7.23 3.55
C SER A 54 -11.90 -8.03 3.71
N THR A 55 -12.05 -9.24 4.24
CA THR A 55 -10.91 -10.11 4.45
C THR A 55 -9.93 -10.01 3.27
N LYS A 56 -10.44 -10.34 2.10
CA LYS A 56 -9.62 -10.29 0.89
C LYS A 56 -10.08 -9.11 0.03
N HIS A 57 -9.81 -7.91 0.53
CA HIS A 57 -10.19 -6.70 -0.17
C HIS A 57 -9.30 -6.53 -1.42
N LEU A 58 -8.02 -6.32 -1.16
CA LEU A 58 -7.06 -6.13 -2.24
C LEU A 58 -5.67 -6.56 -1.76
N ARG A 59 -4.75 -6.62 -2.70
CA ARG A 59 -3.38 -7.02 -2.39
C ARG A 59 -2.40 -6.08 -3.09
N ILE A 60 -1.30 -5.80 -2.38
CA ILE A 60 -0.27 -4.93 -2.91
C ILE A 60 0.96 -5.75 -3.25
N GLU A 61 1.57 -5.43 -4.38
CA GLU A 61 2.77 -6.13 -4.82
C GLU A 61 3.68 -5.18 -5.61
N SER A 62 4.94 -5.57 -5.71
CA SER A 62 5.91 -4.77 -6.42
C SER A 62 6.45 -5.56 -7.64
N ASP A 63 6.64 -4.83 -8.72
CA ASP A 63 7.15 -5.44 -9.94
C ASP A 63 8.58 -4.95 -10.20
N SER A 64 8.96 -4.97 -11.47
CA SER A 64 10.28 -4.54 -11.86
C SER A 64 10.64 -3.24 -11.13
N GLY A 65 11.34 -3.41 -10.01
CA GLY A 65 11.76 -2.27 -9.21
C GLY A 65 10.68 -1.18 -9.19
N ASN A 66 9.46 -1.62 -8.91
CA ASN A 66 8.33 -0.70 -8.87
C ASN A 66 7.23 -1.30 -7.99
N TRP A 67 6.29 -0.44 -7.61
CA TRP A 67 5.18 -0.87 -6.79
C TRP A 67 3.90 -0.75 -7.60
N VAL A 68 2.99 -1.68 -7.36
CA VAL A 68 1.72 -1.69 -8.07
C VAL A 68 0.60 -2.13 -7.11
N ILE A 69 -0.59 -1.66 -7.40
CA ILE A 69 -1.75 -1.99 -6.58
C ILE A 69 -2.83 -2.62 -7.46
N GLN A 70 -3.57 -3.54 -6.86
CA GLN A 70 -4.65 -4.22 -7.57
C GLN A 70 -5.83 -4.45 -6.63
N ASP A 71 -7.00 -4.01 -7.10
CA ASP A 71 -8.22 -4.16 -6.33
C ASP A 71 -8.83 -5.53 -6.60
N LEU A 72 -8.77 -6.38 -5.59
CA LEU A 72 -9.31 -7.73 -5.71
C LEU A 72 -10.84 -7.68 -5.60
N GLY A 73 -11.42 -6.85 -6.46
CA GLY A 73 -12.87 -6.70 -6.47
C GLY A 73 -13.45 -6.89 -5.07
N SER A 74 -13.14 -5.94 -4.21
CA SER A 74 -13.64 -5.99 -2.84
C SER A 74 -15.07 -5.46 -2.78
N SER A 75 -15.90 -6.00 -3.66
CA SER A 75 -17.30 -5.60 -3.71
C SER A 75 -17.43 -4.12 -3.39
N ASN A 76 -16.66 -3.32 -4.12
CA ASN A 76 -16.68 -1.88 -3.91
C ASN A 76 -15.70 -1.22 -4.88
N GLY A 77 -14.43 -1.58 -4.73
CA GLY A 77 -13.39 -1.02 -5.58
C GLY A 77 -12.42 -0.16 -4.78
N THR A 78 -11.25 0.07 -5.35
CA THR A 78 -10.24 0.88 -4.71
C THR A 78 -10.05 2.20 -5.46
N LEU A 79 -9.85 3.25 -4.68
CA LEU A 79 -9.65 4.58 -5.26
C LEU A 79 -8.19 4.99 -5.10
N LEU A 80 -7.67 5.62 -6.13
CA LEU A 80 -6.28 6.07 -6.12
C LEU A 80 -6.22 7.55 -6.47
N ASN A 81 -5.94 8.36 -5.46
CA ASN A 81 -5.86 9.80 -5.64
C ASN A 81 -7.24 10.34 -6.00
N SER A 82 -7.68 10.02 -7.20
CA SER A 82 -8.98 10.48 -7.67
C SER A 82 -9.41 9.64 -8.88
N ASN A 83 -9.46 8.33 -8.68
CA ASN A 83 -9.84 7.43 -9.75
C ASN A 83 -10.04 6.02 -9.17
N ALA A 84 -11.12 5.38 -9.60
CA ALA A 84 -11.44 4.04 -9.13
C ALA A 84 -10.58 3.03 -9.90
N LEU A 85 -9.75 2.31 -9.15
CA LEU A 85 -8.89 1.31 -9.74
C LEU A 85 -9.74 0.19 -10.33
N ASP A 86 -9.08 -0.67 -11.10
CA ASP A 86 -9.76 -1.79 -11.73
C ASP A 86 -9.18 -3.10 -11.20
N PRO A 87 -10.07 -4.12 -11.08
CA PRO A 87 -9.67 -5.42 -10.59
C PRO A 87 -8.88 -6.18 -11.66
N GLU A 88 -9.21 -5.89 -12.91
CA GLU A 88 -8.54 -6.54 -14.03
C GLU A 88 -7.39 -5.67 -14.53
N THR A 89 -7.12 -4.61 -13.80
CA THR A 89 -6.05 -3.70 -14.17
C THR A 89 -5.22 -3.33 -12.94
N SER A 90 -3.91 -3.34 -13.11
CA SER A 90 -3.00 -3.00 -12.02
C SER A 90 -2.25 -1.72 -12.35
N VAL A 91 -2.32 -0.77 -11.42
CA VAL A 91 -1.65 0.51 -11.59
C VAL A 91 -0.37 0.54 -10.74
N ASN A 92 0.60 1.30 -11.21
CA ASN A 92 1.86 1.42 -10.51
C ASN A 92 1.75 2.53 -9.46
N LEU A 93 1.79 2.13 -8.20
CA LEU A 93 1.70 3.08 -7.10
C LEU A 93 2.69 4.22 -7.32
N GLY A 94 2.49 5.29 -6.59
CA GLY A 94 3.36 6.46 -6.69
C GLY A 94 3.47 7.18 -5.35
N ASP A 95 4.59 7.87 -5.20
CA ASP A 95 4.84 8.61 -3.97
C ASP A 95 3.83 9.76 -3.85
N GLY A 96 2.98 9.66 -2.85
CA GLY A 96 1.97 10.67 -2.61
C GLY A 96 0.60 10.21 -3.12
N ASP A 97 0.50 8.91 -3.35
CA ASP A 97 -0.75 8.32 -3.83
C ASP A 97 -1.63 7.96 -2.64
N VAL A 98 -2.85 8.49 -2.66
CA VAL A 98 -3.80 8.23 -1.59
C VAL A 98 -4.72 7.08 -2.01
N ILE A 99 -4.75 6.06 -1.16
CA ILE A 99 -5.59 4.90 -1.43
C ILE A 99 -6.82 4.94 -0.53
N LYS A 100 -7.95 5.27 -1.14
CA LYS A 100 -9.20 5.34 -0.40
C LYS A 100 -9.97 4.03 -0.56
N LEU A 101 -9.95 3.24 0.51
CA LEU A 101 -10.63 1.96 0.49
C LEU A 101 -11.58 1.89 1.70
N GLY A 102 -12.53 0.97 1.60
CA GLY A 102 -13.50 0.79 2.66
C GLY A 102 -14.52 1.94 2.68
N GLU A 103 -14.72 2.48 3.87
CA GLU A 103 -15.66 3.57 4.05
C GLU A 103 -14.90 4.91 4.15
N TYR A 104 -14.12 5.02 5.23
CA TYR A 104 -13.35 6.22 5.46
C TYR A 104 -11.89 5.88 5.79
N THR A 105 -11.31 5.02 4.96
CA THR A 105 -9.94 4.61 5.17
C THR A 105 -9.08 5.05 3.98
N SER A 106 -8.09 5.89 4.28
CA SER A 106 -7.19 6.39 3.25
C SER A 106 -5.74 6.02 3.60
N ILE A 107 -5.04 5.51 2.60
CA ILE A 107 -3.66 5.11 2.77
C ILE A 107 -2.77 5.91 1.82
N LEU A 108 -1.75 6.53 2.40
CA LEU A 108 -0.83 7.34 1.60
C LEU A 108 0.40 6.49 1.25
N VAL A 109 0.82 6.61 0.01
CA VAL A 109 1.98 5.87 -0.46
C VAL A 109 3.20 6.80 -0.49
N ASN A 110 4.22 6.39 0.26
CA ASN A 110 5.44 7.17 0.34
C ASN A 110 6.64 6.25 0.07
N PHE A 111 7.41 6.63 -0.94
CA PHE A 111 8.59 5.86 -1.32
C PHE A 111 9.78 6.23 -0.45
N VAL A 112 10.19 5.28 0.39
CA VAL A 112 11.31 5.50 1.28
C VAL A 112 12.59 5.00 0.59
N SER A 113 13.59 5.87 0.57
CA SER A 113 14.87 5.53 -0.03
C SER A 113 15.77 4.85 0.99
N GLY A 114 15.78 3.53 0.94
CA GLY A 114 16.59 2.74 1.85
C GLY A 114 16.29 3.10 3.31
N PRO A 115 17.22 2.69 4.20
CA PRO A 115 17.05 2.97 5.62
C PRO A 115 17.33 4.43 5.94
N SER A 116 18.40 4.94 5.34
CA SER A 116 18.78 6.34 5.55
C SER A 116 19.62 6.82 4.37
N SER A 117 19.13 7.88 3.72
CA SER A 117 19.83 8.46 2.59
C SER A 117 20.96 9.36 3.07
N GLY A 118 22.19 8.93 2.79
CA GLY A 118 23.35 9.69 3.19
C GLY A 118 23.72 10.72 2.13
N GLY A 1 32.58 -1.02 10.26
CA GLY A 1 32.25 -1.15 8.85
C GLY A 1 32.22 0.22 8.16
N SER A 2 32.87 0.29 7.01
CA SER A 2 32.92 1.53 6.26
C SER A 2 32.05 1.41 5.01
N SER A 3 31.58 2.56 4.54
CA SER A 3 30.73 2.60 3.36
C SER A 3 29.44 1.82 3.61
N GLY A 4 28.46 2.10 2.78
CA GLY A 4 27.16 1.44 2.91
C GLY A 4 26.23 1.84 1.76
N SER A 5 25.25 2.65 2.10
CA SER A 5 24.28 3.11 1.11
C SER A 5 24.93 4.12 0.17
N SER A 6 24.43 4.17 -1.05
CA SER A 6 24.95 5.09 -2.04
C SER A 6 23.86 5.44 -3.05
N GLY A 7 23.30 4.41 -3.66
CA GLY A 7 22.24 4.59 -4.64
C GLY A 7 20.98 3.85 -4.23
N MET A 8 20.15 3.55 -5.23
CA MET A 8 18.91 2.85 -4.99
C MET A 8 18.31 2.31 -6.28
N VAL A 9 17.28 1.51 -6.14
CA VAL A 9 16.61 0.92 -7.29
C VAL A 9 15.12 0.78 -7.00
N THR A 10 14.82 0.16 -5.86
CA THR A 10 13.44 -0.03 -5.45
C THR A 10 13.21 0.52 -4.04
N PRO A 11 12.36 1.57 -3.97
CA PRO A 11 12.05 2.20 -2.70
C PRO A 11 11.11 1.33 -1.88
N SER A 12 11.17 1.51 -0.56
CA SER A 12 10.33 0.75 0.35
C SER A 12 8.89 1.27 0.28
N LEU A 13 7.95 0.35 0.47
CA LEU A 13 6.54 0.71 0.44
C LEU A 13 6.08 1.04 1.86
N ARG A 14 5.79 2.32 2.06
CA ARG A 14 5.33 2.78 3.36
C ARG A 14 3.88 3.23 3.29
N LEU A 15 3.00 2.43 3.88
CA LEU A 15 1.59 2.74 3.89
C LEU A 15 1.26 3.61 5.11
N VAL A 16 0.84 4.83 4.84
CA VAL A 16 0.49 5.75 5.90
C VAL A 16 -1.03 5.93 5.94
N PHE A 17 -1.60 5.67 7.12
CA PHE A 17 -3.03 5.79 7.31
C PHE A 17 -3.42 7.23 7.67
N VAL A 18 -3.69 8.01 6.64
CA VAL A 18 -4.07 9.40 6.84
C VAL A 18 -5.54 9.47 7.27
N LYS A 19 -6.30 8.49 6.82
CA LYS A 19 -7.72 8.42 7.15
C LYS A 19 -8.07 7.00 7.58
N GLY A 20 -9.36 6.76 7.70
CA GLY A 20 -9.85 5.45 8.11
C GLY A 20 -9.72 5.26 9.62
N PRO A 21 -9.93 4.00 10.06
CA PRO A 21 -9.85 3.67 11.48
C PRO A 21 -8.40 3.62 11.95
N ARG A 22 -7.51 3.36 10.99
CA ARG A 22 -6.09 3.28 11.29
C ARG A 22 -5.46 4.67 11.20
N GLU A 23 -6.29 5.65 10.88
CA GLU A 23 -5.83 7.02 10.76
C GLU A 23 -4.80 7.34 11.86
N GLY A 24 -3.58 7.59 11.43
CA GLY A 24 -2.51 7.90 12.35
C GLY A 24 -1.49 6.77 12.42
N ASP A 25 -1.79 5.70 11.70
CA ASP A 25 -0.91 4.54 11.66
C ASP A 25 -0.12 4.55 10.35
N ALA A 26 1.02 3.88 10.39
CA ALA A 26 1.89 3.81 9.21
C ALA A 26 2.74 2.54 9.30
N LEU A 27 3.09 2.02 8.13
CA LEU A 27 3.90 0.82 8.05
C LEU A 27 4.95 0.99 6.95
N ASP A 28 5.89 0.06 6.94
CA ASP A 28 6.96 0.10 5.95
C ASP A 28 7.39 -1.34 5.62
N TYR A 29 7.70 -1.56 4.35
CA TYR A 29 8.12 -2.87 3.89
C TYR A 29 9.24 -2.76 2.86
N LYS A 30 9.93 -3.87 2.65
CA LYS A 30 11.03 -3.91 1.70
C LYS A 30 10.46 -4.15 0.29
N PRO A 31 11.33 -3.91 -0.72
CA PRO A 31 10.93 -4.09 -2.11
C PRO A 31 10.86 -5.58 -2.47
N GLY A 32 9.73 -5.95 -3.07
CA GLY A 32 9.53 -7.34 -3.47
C GLY A 32 8.75 -8.11 -2.40
N SER A 33 8.08 -7.35 -1.54
CA SER A 33 7.29 -7.94 -0.48
C SER A 33 5.81 -7.58 -0.66
N THR A 34 5.02 -8.59 -0.97
CA THR A 34 3.60 -8.40 -1.17
C THR A 34 2.92 -8.02 0.15
N ILE A 35 2.10 -6.99 0.09
CA ILE A 35 1.39 -6.52 1.27
C ILE A 35 -0.11 -6.67 1.05
N ARG A 36 -0.64 -7.80 1.52
CA ARG A 36 -2.06 -8.07 1.38
C ARG A 36 -2.86 -7.24 2.38
N VAL A 37 -3.54 -6.24 1.85
CA VAL A 37 -4.34 -5.36 2.69
C VAL A 37 -5.79 -5.86 2.70
N GLY A 38 -6.26 -6.18 3.89
CA GLY A 38 -7.62 -6.68 4.05
C GLY A 38 -8.26 -6.12 5.32
N ARG A 39 -9.18 -6.91 5.88
CA ARG A 39 -9.86 -6.52 7.09
C ARG A 39 -9.31 -7.29 8.29
N ILE A 40 -8.71 -8.43 8.00
CA ILE A 40 -8.13 -9.26 9.03
C ILE A 40 -6.61 -9.16 8.99
N VAL A 41 -5.99 -9.42 10.13
CA VAL A 41 -4.55 -9.35 10.24
C VAL A 41 -3.96 -10.75 9.98
N ARG A 42 -4.71 -11.75 10.42
CA ARG A 42 -4.28 -13.13 10.24
C ARG A 42 -3.67 -13.33 8.85
N GLY A 43 -4.54 -13.65 7.90
CA GLY A 43 -4.11 -13.87 6.53
C GLY A 43 -4.07 -12.55 5.76
N ASN A 44 -3.13 -11.70 6.12
CA ASN A 44 -2.97 -10.41 5.47
C ASN A 44 -1.83 -9.64 6.13
N GLU A 45 -1.08 -8.93 5.31
CA GLU A 45 0.05 -8.15 5.80
C GLU A 45 -0.46 -6.95 6.61
N ILE A 46 -1.60 -6.42 6.17
CA ILE A 46 -2.20 -5.28 6.84
C ILE A 46 -3.71 -5.47 6.91
N ALA A 47 -4.29 -5.01 8.02
CA ALA A 47 -5.72 -5.12 8.21
C ALA A 47 -6.26 -3.77 8.70
N ILE A 48 -7.51 -3.51 8.34
CA ILE A 48 -8.16 -2.28 8.73
C ILE A 48 -9.58 -2.58 9.22
N LYS A 49 -9.82 -2.22 10.48
CA LYS A 49 -11.13 -2.45 11.07
C LYS A 49 -12.06 -1.29 10.72
N ASP A 50 -12.42 -1.22 9.45
CA ASP A 50 -13.30 -0.17 8.97
C ASP A 50 -14.61 -0.79 8.49
N ALA A 51 -14.61 -2.11 8.41
CA ALA A 51 -15.79 -2.83 7.97
C ALA A 51 -15.84 -2.83 6.44
N GLY A 52 -15.83 -1.63 5.88
CA GLY A 52 -15.88 -1.48 4.44
C GLY A 52 -14.83 -2.36 3.76
N ILE A 53 -13.82 -2.73 4.54
CA ILE A 53 -12.75 -3.57 4.02
C ILE A 53 -13.09 -5.03 4.29
N SER A 54 -12.72 -5.88 3.34
CA SER A 54 -12.98 -7.30 3.46
C SER A 54 -11.68 -8.05 3.71
N THR A 55 -11.81 -9.31 4.06
CA THR A 55 -10.65 -10.15 4.33
C THR A 55 -9.64 -10.04 3.19
N LYS A 56 -10.13 -10.25 1.98
CA LYS A 56 -9.29 -10.18 0.80
C LYS A 56 -9.75 -9.03 -0.09
N HIS A 57 -9.66 -7.83 0.46
CA HIS A 57 -10.07 -6.64 -0.26
C HIS A 57 -9.22 -6.49 -1.53
N LEU A 58 -7.92 -6.27 -1.31
CA LEU A 58 -7.00 -6.11 -2.40
C LEU A 58 -5.61 -6.62 -1.99
N ARG A 59 -4.72 -6.66 -2.96
CA ARG A 59 -3.37 -7.12 -2.71
C ARG A 59 -2.35 -6.18 -3.33
N ILE A 60 -1.36 -5.80 -2.53
CA ILE A 60 -0.32 -4.89 -3.01
C ILE A 60 0.96 -5.69 -3.27
N GLU A 61 1.55 -5.44 -4.43
CA GLU A 61 2.77 -6.13 -4.81
C GLU A 61 3.70 -5.17 -5.56
N SER A 62 4.94 -5.61 -5.74
CA SER A 62 5.92 -4.81 -6.45
C SER A 62 6.58 -5.63 -7.56
N ASP A 63 6.70 -5.00 -8.72
CA ASP A 63 7.30 -5.67 -9.86
C ASP A 63 8.06 -4.64 -10.71
N SER A 64 8.94 -5.15 -11.56
CA SER A 64 9.73 -4.29 -12.42
C SER A 64 10.28 -3.11 -11.62
N GLY A 65 10.94 -3.44 -10.52
CA GLY A 65 11.52 -2.42 -9.65
C GLY A 65 10.53 -1.27 -9.42
N ASN A 66 9.28 -1.65 -9.20
CA ASN A 66 8.23 -0.67 -8.95
C ASN A 66 7.11 -1.32 -8.12
N TRP A 67 6.21 -0.47 -7.66
CA TRP A 67 5.10 -0.93 -6.85
C TRP A 67 3.81 -0.75 -7.66
N VAL A 68 2.92 -1.72 -7.53
CA VAL A 68 1.66 -1.69 -8.25
C VAL A 68 0.53 -2.08 -7.30
N ILE A 69 -0.67 -1.66 -7.66
CA ILE A 69 -1.84 -1.96 -6.84
C ILE A 69 -2.88 -2.68 -7.71
N GLN A 70 -3.61 -3.58 -7.06
CA GLN A 70 -4.64 -4.34 -7.76
C GLN A 70 -5.84 -4.55 -6.84
N ASP A 71 -7.00 -4.13 -7.35
CA ASP A 71 -8.23 -4.26 -6.59
C ASP A 71 -8.80 -5.66 -6.80
N LEU A 72 -8.66 -6.49 -5.76
CA LEU A 72 -9.15 -7.85 -5.82
C LEU A 72 -10.69 -7.83 -5.82
N GLY A 73 -11.24 -7.20 -6.83
CA GLY A 73 -12.69 -7.10 -6.95
C GLY A 73 -13.34 -6.97 -5.58
N SER A 74 -12.78 -6.10 -4.77
CA SER A 74 -13.30 -5.87 -3.43
C SER A 74 -14.81 -5.64 -3.48
N SER A 75 -15.40 -5.47 -2.32
CA SER A 75 -16.83 -5.24 -2.22
C SER A 75 -17.17 -3.83 -2.72
N ASN A 76 -16.63 -2.85 -2.02
CA ASN A 76 -16.87 -1.46 -2.39
C ASN A 76 -15.98 -1.09 -3.57
N GLY A 77 -14.67 -1.09 -3.32
CA GLY A 77 -13.71 -0.76 -4.36
C GLY A 77 -12.56 0.07 -3.79
N THR A 78 -11.59 0.33 -4.65
CA THR A 78 -10.43 1.11 -4.25
C THR A 78 -10.35 2.42 -5.05
N LEU A 79 -9.90 3.46 -4.38
CA LEU A 79 -9.78 4.76 -5.02
C LEU A 79 -8.32 5.22 -4.94
N LEU A 80 -7.81 5.65 -6.09
CA LEU A 80 -6.44 6.12 -6.16
C LEU A 80 -6.42 7.56 -6.71
N ASN A 81 -6.21 8.50 -5.81
CA ASN A 81 -6.16 9.90 -6.19
C ASN A 81 -7.41 10.24 -7.00
N SER A 82 -8.51 10.48 -6.28
CA SER A 82 -9.76 10.81 -6.92
C SER A 82 -9.93 10.01 -8.21
N ASN A 83 -9.71 8.70 -8.09
CA ASN A 83 -9.82 7.81 -9.24
C ASN A 83 -10.13 6.40 -8.74
N ALA A 84 -11.13 5.80 -9.38
CA ALA A 84 -11.54 4.45 -9.01
C ALA A 84 -10.71 3.44 -9.81
N LEU A 85 -10.09 2.53 -9.07
CA LEU A 85 -9.26 1.51 -9.70
C LEU A 85 -10.16 0.45 -10.35
N ASP A 86 -9.53 -0.59 -10.87
CA ASP A 86 -10.26 -1.67 -11.52
C ASP A 86 -9.57 -3.00 -11.19
N PRO A 87 -10.41 -4.07 -11.16
CA PRO A 87 -9.90 -5.40 -10.86
C PRO A 87 -9.15 -5.97 -12.06
N GLU A 88 -9.63 -5.62 -13.25
CA GLU A 88 -9.01 -6.10 -14.47
C GLU A 88 -7.97 -5.08 -14.97
N THR A 89 -7.36 -4.40 -14.01
CA THR A 89 -6.34 -3.41 -14.34
C THR A 89 -5.35 -3.27 -13.18
N SER A 90 -4.11 -2.98 -13.54
CA SER A 90 -3.06 -2.81 -12.55
C SER A 90 -2.33 -1.49 -12.77
N VAL A 91 -2.37 -0.65 -11.75
CA VAL A 91 -1.73 0.65 -11.83
C VAL A 91 -0.43 0.61 -11.01
N ASN A 92 0.46 1.55 -11.33
CA ASN A 92 1.73 1.63 -10.64
C ASN A 92 1.64 2.68 -9.53
N LEU A 93 1.80 2.22 -8.31
CA LEU A 93 1.75 3.09 -7.15
C LEU A 93 2.74 4.25 -7.34
N GLY A 94 2.61 5.24 -6.48
CA GLY A 94 3.48 6.41 -6.54
C GLY A 94 3.53 7.12 -5.19
N ASP A 95 4.65 7.80 -4.97
CA ASP A 95 4.84 8.53 -3.72
C ASP A 95 3.88 9.72 -3.68
N GLY A 96 2.95 9.66 -2.75
CA GLY A 96 1.97 10.72 -2.59
C GLY A 96 0.60 10.28 -3.10
N ASP A 97 0.48 8.98 -3.33
CA ASP A 97 -0.77 8.42 -3.82
C ASP A 97 -1.67 8.07 -2.64
N VAL A 98 -2.87 8.63 -2.67
CA VAL A 98 -3.84 8.39 -1.60
C VAL A 98 -4.77 7.25 -2.03
N ILE A 99 -4.68 6.15 -1.29
CA ILE A 99 -5.51 4.99 -1.58
C ILE A 99 -6.75 5.02 -0.68
N LYS A 100 -7.89 5.28 -1.30
CA LYS A 100 -9.14 5.34 -0.58
C LYS A 100 -9.90 4.03 -0.76
N LEU A 101 -9.89 3.22 0.29
CA LEU A 101 -10.56 1.94 0.26
C LEU A 101 -11.52 1.84 1.46
N GLY A 102 -12.44 0.89 1.36
CA GLY A 102 -13.42 0.69 2.42
C GLY A 102 -14.42 1.85 2.46
N GLU A 103 -14.77 2.24 3.69
CA GLU A 103 -15.71 3.32 3.89
C GLU A 103 -14.99 4.67 3.77
N TYR A 104 -14.17 4.96 4.76
CA TYR A 104 -13.42 6.20 4.77
C TYR A 104 -11.97 5.97 5.22
N THR A 105 -11.32 5.05 4.52
CA THR A 105 -9.93 4.72 4.83
C THR A 105 -9.01 5.20 3.69
N SER A 106 -8.09 6.06 4.06
CA SER A 106 -7.15 6.60 3.10
C SER A 106 -5.72 6.19 3.47
N ILE A 107 -5.00 5.68 2.48
CA ILE A 107 -3.63 5.25 2.69
C ILE A 107 -2.70 6.04 1.77
N LEU A 108 -1.67 6.61 2.38
CA LEU A 108 -0.71 7.39 1.63
C LEU A 108 0.50 6.51 1.27
N VAL A 109 0.89 6.58 0.01
CA VAL A 109 2.02 5.80 -0.47
C VAL A 109 3.28 6.65 -0.42
N ASN A 110 4.21 6.23 0.43
CA ASN A 110 5.47 6.94 0.58
C ASN A 110 6.63 5.99 0.29
N PHE A 111 7.57 6.49 -0.50
CA PHE A 111 8.73 5.69 -0.87
C PHE A 111 9.92 6.01 0.04
N VAL A 112 10.29 5.03 0.85
CA VAL A 112 11.40 5.18 1.77
C VAL A 112 12.66 4.58 1.15
N SER A 113 13.59 5.45 0.79
CA SER A 113 14.84 5.01 0.19
C SER A 113 15.94 4.96 1.25
N GLY A 114 15.88 3.92 2.06
CA GLY A 114 16.87 3.75 3.12
C GLY A 114 16.45 4.49 4.38
N PRO A 115 17.46 4.71 5.28
CA PRO A 115 17.21 5.41 6.53
C PRO A 115 17.02 6.92 6.29
N SER A 116 16.81 7.64 7.38
CA SER A 116 16.63 9.07 7.31
C SER A 116 17.95 9.79 7.57
N SER A 117 18.61 10.18 6.48
CA SER A 117 19.87 10.86 6.58
C SER A 117 19.64 12.37 6.77
N GLY A 118 20.34 12.92 7.76
CA GLY A 118 20.21 14.33 8.07
C GLY A 118 19.14 14.57 9.13
N GLY A 1 25.98 -2.25 13.38
CA GLY A 1 27.25 -2.59 12.76
C GLY A 1 27.44 -1.80 11.47
N SER A 2 28.63 -1.95 10.90
CA SER A 2 28.96 -1.28 9.65
C SER A 2 28.99 -2.28 8.49
N SER A 3 28.65 -1.79 7.31
CA SER A 3 28.64 -2.62 6.12
C SER A 3 28.30 -1.79 4.90
N GLY A 4 29.20 -1.83 3.92
CA GLY A 4 29.00 -1.07 2.69
C GLY A 4 27.70 -1.50 1.99
N SER A 5 27.81 -2.52 1.17
CA SER A 5 26.66 -3.03 0.45
C SER A 5 26.16 -1.97 -0.54
N SER A 6 25.28 -2.40 -1.42
CA SER A 6 24.71 -1.51 -2.42
C SER A 6 23.22 -1.26 -2.13
N GLY A 7 22.81 -0.02 -2.34
CA GLY A 7 21.43 0.35 -2.10
C GLY A 7 20.50 -0.28 -3.13
N MET A 8 19.21 -0.22 -2.85
CA MET A 8 18.22 -0.78 -3.74
C MET A 8 17.38 0.31 -4.40
N VAL A 9 17.47 0.37 -5.73
CA VAL A 9 16.74 1.36 -6.49
C VAL A 9 15.27 1.34 -6.05
N THR A 10 14.80 0.16 -5.70
CA THR A 10 13.42 0.00 -5.27
C THR A 10 13.23 0.60 -3.87
N PRO A 11 12.42 1.69 -3.83
CA PRO A 11 12.14 2.36 -2.57
C PRO A 11 11.17 1.55 -1.72
N SER A 12 11.36 1.64 -0.42
CA SER A 12 10.50 0.92 0.52
C SER A 12 9.07 1.44 0.41
N LEU A 13 8.13 0.51 0.58
CA LEU A 13 6.72 0.87 0.50
C LEU A 13 6.21 1.21 1.90
N ARG A 14 5.92 2.49 2.08
CA ARG A 14 5.42 2.97 3.36
C ARG A 14 3.94 3.37 3.24
N LEU A 15 3.11 2.64 3.98
CA LEU A 15 1.68 2.91 3.95
C LEU A 15 1.31 3.75 5.19
N VAL A 16 0.97 5.00 4.93
CA VAL A 16 0.59 5.91 6.00
C VAL A 16 -0.93 6.03 6.04
N PHE A 17 -1.48 5.78 7.23
CA PHE A 17 -2.91 5.86 7.42
C PHE A 17 -3.35 7.29 7.72
N VAL A 18 -3.62 8.03 6.66
CA VAL A 18 -4.05 9.42 6.78
C VAL A 18 -5.50 9.46 7.25
N LYS A 19 -6.25 8.45 6.83
CA LYS A 19 -7.65 8.35 7.20
C LYS A 19 -7.97 6.92 7.64
N GLY A 20 -9.24 6.68 7.88
CA GLY A 20 -9.69 5.36 8.31
C GLY A 20 -9.62 5.23 9.83
N PRO A 21 -9.84 3.97 10.31
CA PRO A 21 -9.80 3.71 11.74
C PRO A 21 -8.36 3.70 12.26
N ARG A 22 -7.43 3.48 11.34
CA ARG A 22 -6.02 3.45 11.69
C ARG A 22 -5.38 4.82 11.47
N GLU A 23 -6.23 5.77 11.10
CA GLU A 23 -5.76 7.13 10.85
C GLU A 23 -4.74 7.54 11.91
N GLY A 24 -3.51 7.75 11.44
CA GLY A 24 -2.43 8.14 12.33
C GLY A 24 -1.36 7.04 12.42
N ASP A 25 -1.61 5.97 11.68
CA ASP A 25 -0.69 4.85 11.66
C ASP A 25 0.12 4.87 10.36
N ALA A 26 1.25 4.17 10.39
CA ALA A 26 2.11 4.11 9.23
C ALA A 26 2.95 2.82 9.29
N LEU A 27 3.06 2.17 8.13
CA LEU A 27 3.82 0.94 8.05
C LEU A 27 4.88 1.08 6.95
N ASP A 28 5.80 0.12 6.94
CA ASP A 28 6.86 0.12 5.94
C ASP A 28 7.27 -1.32 5.63
N TYR A 29 7.65 -1.53 4.38
CA TYR A 29 8.07 -2.86 3.94
C TYR A 29 9.24 -2.77 2.96
N LYS A 30 9.75 -3.93 2.59
CA LYS A 30 10.87 -3.99 1.66
C LYS A 30 10.33 -4.22 0.25
N PRO A 31 11.23 -3.98 -0.75
CA PRO A 31 10.86 -4.14 -2.14
C PRO A 31 10.80 -5.63 -2.52
N GLY A 32 9.66 -6.02 -3.06
CA GLY A 32 9.46 -7.40 -3.47
C GLY A 32 8.62 -8.16 -2.45
N SER A 33 8.06 -7.40 -1.51
CA SER A 33 7.23 -7.99 -0.47
C SER A 33 5.77 -7.62 -0.71
N THR A 34 4.95 -8.65 -0.89
CA THR A 34 3.54 -8.46 -1.13
C THR A 34 2.82 -8.05 0.17
N ILE A 35 2.06 -6.98 0.08
CA ILE A 35 1.34 -6.48 1.23
C ILE A 35 -0.17 -6.64 0.99
N ARG A 36 -0.70 -7.74 1.49
CA ARG A 36 -2.12 -8.04 1.33
C ARG A 36 -2.93 -7.22 2.34
N VAL A 37 -3.65 -6.24 1.81
CA VAL A 37 -4.48 -5.39 2.66
C VAL A 37 -5.92 -5.92 2.66
N GLY A 38 -6.37 -6.29 3.84
CA GLY A 38 -7.72 -6.81 4.00
C GLY A 38 -8.38 -6.26 5.26
N ARG A 39 -9.34 -7.03 5.77
CA ARG A 39 -10.06 -6.62 6.97
C ARG A 39 -9.56 -7.41 8.17
N ILE A 40 -9.15 -8.65 7.91
CA ILE A 40 -8.64 -9.51 8.96
C ILE A 40 -7.11 -9.56 8.88
N VAL A 41 -6.49 -9.62 10.05
CA VAL A 41 -5.04 -9.67 10.12
C VAL A 41 -4.56 -11.05 9.65
N ARG A 42 -5.36 -12.06 9.95
CA ARG A 42 -5.03 -13.42 9.55
C ARG A 42 -5.18 -13.58 8.04
N GLY A 43 -4.04 -13.80 7.39
CA GLY A 43 -4.04 -13.97 5.94
C GLY A 43 -3.50 -12.72 5.24
N ASN A 44 -4.15 -11.60 5.53
CA ASN A 44 -3.75 -10.33 4.94
C ASN A 44 -2.73 -9.64 5.85
N GLU A 45 -1.78 -8.98 5.22
CA GLU A 45 -0.74 -8.28 5.95
C GLU A 45 -1.36 -7.18 6.83
N ILE A 46 -1.97 -6.21 6.17
CA ILE A 46 -2.60 -5.11 6.87
C ILE A 46 -4.10 -5.36 6.95
N ALA A 47 -4.66 -5.03 8.12
CA ALA A 47 -6.08 -5.22 8.34
C ALA A 47 -6.69 -3.91 8.86
N ILE A 48 -7.83 -3.56 8.30
CA ILE A 48 -8.53 -2.34 8.69
C ILE A 48 -9.96 -2.69 9.12
N LYS A 49 -10.25 -2.43 10.38
CA LYS A 49 -11.57 -2.70 10.92
C LYS A 49 -12.48 -1.51 10.64
N ASP A 50 -12.84 -1.35 9.38
CA ASP A 50 -13.70 -0.25 8.98
C ASP A 50 -14.98 -0.82 8.34
N ALA A 51 -15.01 -2.15 8.24
CA ALA A 51 -16.15 -2.83 7.65
C ALA A 51 -16.08 -2.70 6.13
N GLY A 52 -16.00 -1.46 5.66
CA GLY A 52 -15.92 -1.21 4.23
C GLY A 52 -14.90 -2.12 3.56
N ILE A 53 -13.96 -2.59 4.37
CA ILE A 53 -12.92 -3.48 3.86
C ILE A 53 -13.31 -4.94 4.15
N SER A 54 -13.03 -5.79 3.18
CA SER A 54 -13.35 -7.21 3.31
C SER A 54 -12.08 -8.00 3.56
N THR A 55 -12.26 -9.20 4.07
CA THR A 55 -11.14 -10.09 4.36
C THR A 55 -10.11 -10.03 3.22
N LYS A 56 -10.60 -10.28 2.02
CA LYS A 56 -9.74 -10.26 0.85
C LYS A 56 -10.17 -9.12 -0.08
N HIS A 57 -9.91 -7.91 0.37
CA HIS A 57 -10.25 -6.73 -0.41
C HIS A 57 -9.32 -6.60 -1.61
N LEU A 58 -8.05 -6.41 -1.30
CA LEU A 58 -7.05 -6.28 -2.35
C LEU A 58 -5.67 -6.65 -1.78
N ARG A 59 -4.70 -6.71 -2.69
CA ARG A 59 -3.35 -7.06 -2.30
C ARG A 59 -2.34 -6.15 -2.99
N ILE A 60 -1.28 -5.81 -2.27
CA ILE A 60 -0.25 -4.94 -2.80
C ILE A 60 0.98 -5.78 -3.15
N GLU A 61 1.52 -5.54 -4.33
CA GLU A 61 2.70 -6.26 -4.79
C GLU A 61 3.64 -5.32 -5.53
N SER A 62 4.85 -5.80 -5.77
CA SER A 62 5.86 -5.02 -6.47
C SER A 62 6.36 -5.79 -7.69
N ASP A 63 6.57 -5.05 -8.77
CA ASP A 63 7.05 -5.65 -10.01
C ASP A 63 8.50 -5.21 -10.25
N SER A 64 8.86 -5.19 -11.53
CA SER A 64 10.21 -4.80 -11.91
C SER A 64 10.61 -3.51 -11.18
N GLY A 65 11.27 -3.70 -10.04
CA GLY A 65 11.71 -2.56 -9.25
C GLY A 65 10.64 -1.46 -9.23
N ASN A 66 9.41 -1.87 -8.98
CA ASN A 66 8.30 -0.94 -8.93
C ASN A 66 7.18 -1.53 -8.08
N TRP A 67 6.25 -0.66 -7.70
CA TRP A 67 5.13 -1.08 -6.87
C TRP A 67 3.85 -0.92 -7.71
N VAL A 68 2.92 -1.84 -7.48
CA VAL A 68 1.65 -1.80 -8.21
C VAL A 68 0.53 -2.22 -7.26
N ILE A 69 -0.67 -1.77 -7.59
CA ILE A 69 -1.85 -2.09 -6.78
C ILE A 69 -2.90 -2.75 -7.67
N GLN A 70 -3.60 -3.72 -7.09
CA GLN A 70 -4.64 -4.43 -7.82
C GLN A 70 -5.82 -4.73 -6.88
N ASP A 71 -6.97 -4.20 -7.25
CA ASP A 71 -8.18 -4.41 -6.46
C ASP A 71 -8.72 -5.81 -6.72
N LEU A 72 -8.60 -6.65 -5.72
CA LEU A 72 -9.09 -8.03 -5.82
C LEU A 72 -10.61 -8.02 -5.88
N GLY A 73 -11.14 -7.43 -6.95
CA GLY A 73 -12.57 -7.36 -7.15
C GLY A 73 -13.29 -7.15 -5.81
N SER A 74 -12.75 -6.23 -5.02
CA SER A 74 -13.33 -5.92 -3.73
C SER A 74 -14.74 -5.34 -3.91
N SER A 75 -15.40 -5.12 -2.78
CA SER A 75 -16.74 -4.57 -2.81
C SER A 75 -16.68 -3.03 -2.76
N ASN A 76 -15.89 -2.48 -3.67
CA ASN A 76 -15.74 -1.04 -3.74
C ASN A 76 -14.97 -0.68 -5.02
N GLY A 77 -13.84 -1.34 -5.20
CA GLY A 77 -13.01 -1.10 -6.36
C GLY A 77 -11.77 -0.27 -5.99
N THR A 78 -11.73 0.14 -4.73
CA THR A 78 -10.62 0.93 -4.24
C THR A 78 -10.48 2.22 -5.06
N LEU A 79 -9.91 3.23 -4.42
CA LEU A 79 -9.72 4.52 -5.07
C LEU A 79 -8.26 4.93 -4.94
N LEU A 80 -7.74 5.53 -6.02
CA LEU A 80 -6.36 5.98 -6.03
C LEU A 80 -6.31 7.46 -6.43
N ASN A 81 -6.10 8.29 -5.42
CA ASN A 81 -6.04 9.73 -5.65
C ASN A 81 -7.41 10.23 -6.10
N SER A 82 -7.78 9.83 -7.31
CA SER A 82 -9.06 10.24 -7.87
C SER A 82 -9.46 9.30 -9.00
N ASN A 83 -9.44 8.01 -8.70
CA ASN A 83 -9.80 7.01 -9.68
C ASN A 83 -10.07 5.67 -8.98
N ALA A 84 -11.11 4.99 -9.44
CA ALA A 84 -11.47 3.71 -8.86
C ALA A 84 -10.64 2.61 -9.51
N LEU A 85 -9.91 1.88 -8.67
CA LEU A 85 -9.07 0.80 -9.15
C LEU A 85 -9.95 -0.28 -9.78
N ASP A 86 -9.31 -1.13 -10.58
CA ASP A 86 -10.04 -2.21 -11.25
C ASP A 86 -9.34 -3.53 -10.94
N PRO A 87 -10.11 -4.64 -11.09
CA PRO A 87 -9.58 -5.96 -10.84
C PRO A 87 -8.66 -6.41 -11.96
N GLU A 88 -9.24 -6.55 -13.15
CA GLU A 88 -8.48 -6.97 -14.31
C GLU A 88 -7.39 -5.95 -14.64
N THR A 89 -7.65 -4.71 -14.24
CA THR A 89 -6.71 -3.63 -14.49
C THR A 89 -5.84 -3.39 -13.26
N SER A 90 -4.58 -3.04 -13.51
CA SER A 90 -3.64 -2.79 -12.44
C SER A 90 -2.99 -1.42 -12.63
N VAL A 91 -2.72 -0.77 -11.50
CA VAL A 91 -2.11 0.54 -11.52
C VAL A 91 -0.80 0.50 -10.74
N ASN A 92 0.14 1.33 -11.18
CA ASN A 92 1.44 1.39 -10.53
C ASN A 92 1.40 2.44 -9.42
N LEU A 93 1.73 2.00 -8.21
CA LEU A 93 1.73 2.88 -7.07
C LEU A 93 2.65 4.06 -7.35
N GLY A 94 2.65 5.01 -6.41
CA GLY A 94 3.49 6.19 -6.54
C GLY A 94 3.57 6.95 -5.21
N ASP A 95 4.66 7.70 -5.06
CA ASP A 95 4.87 8.47 -3.86
C ASP A 95 3.87 9.62 -3.81
N GLY A 96 3.00 9.58 -2.80
CA GLY A 96 2.00 10.61 -2.64
C GLY A 96 0.64 10.14 -3.17
N ASP A 97 0.55 8.84 -3.42
CA ASP A 97 -0.67 8.26 -3.93
C ASP A 97 -1.59 7.90 -2.76
N VAL A 98 -2.78 8.48 -2.79
CA VAL A 98 -3.76 8.24 -1.74
C VAL A 98 -4.66 7.07 -2.15
N ILE A 99 -4.69 6.06 -1.29
CA ILE A 99 -5.50 4.89 -1.55
C ILE A 99 -6.74 4.92 -0.65
N LYS A 100 -7.87 5.22 -1.28
CA LYS A 100 -9.13 5.28 -0.56
C LYS A 100 -9.90 3.98 -0.75
N LEU A 101 -9.91 3.17 0.29
CA LEU A 101 -10.61 1.90 0.24
C LEU A 101 -11.60 1.82 1.41
N GLY A 102 -12.47 0.82 1.34
CA GLY A 102 -13.48 0.63 2.37
C GLY A 102 -14.53 1.74 2.33
N GLU A 103 -14.62 2.47 3.43
CA GLU A 103 -15.57 3.55 3.54
C GLU A 103 -14.84 4.90 3.63
N TYR A 104 -14.19 5.10 4.76
CA TYR A 104 -13.44 6.34 4.99
C TYR A 104 -12.00 6.04 5.40
N THR A 105 -11.36 5.16 4.62
CA THR A 105 -9.99 4.79 4.90
C THR A 105 -9.08 5.24 3.75
N SER A 106 -8.06 6.01 4.12
CA SER A 106 -7.12 6.50 3.13
C SER A 106 -5.69 6.08 3.51
N ILE A 107 -4.94 5.68 2.50
CA ILE A 107 -3.58 5.25 2.72
C ILE A 107 -2.63 6.06 1.81
N LEU A 108 -1.62 6.63 2.43
CA LEU A 108 -0.65 7.43 1.70
C LEU A 108 0.55 6.56 1.33
N VAL A 109 0.94 6.64 0.07
CA VAL A 109 2.07 5.87 -0.42
C VAL A 109 3.32 6.75 -0.44
N ASN A 110 4.29 6.36 0.37
CA ASN A 110 5.54 7.10 0.46
C ASN A 110 6.71 6.17 0.16
N PHE A 111 7.63 6.67 -0.66
CA PHE A 111 8.80 5.89 -1.03
C PHE A 111 10.01 6.29 -0.19
N VAL A 112 10.37 5.40 0.72
CA VAL A 112 11.51 5.65 1.60
C VAL A 112 12.77 5.10 0.95
N SER A 113 13.69 6.00 0.66
CA SER A 113 14.95 5.61 0.04
C SER A 113 16.09 5.75 1.05
N GLY A 114 16.27 4.70 1.83
CA GLY A 114 17.32 4.68 2.84
C GLY A 114 16.77 4.27 4.20
N PRO A 115 17.69 3.74 5.05
CA PRO A 115 17.30 3.30 6.39
C PRO A 115 17.07 4.49 7.32
N SER A 116 15.86 4.57 7.84
CA SER A 116 15.50 5.66 8.74
C SER A 116 14.48 5.16 9.77
N SER A 117 14.99 4.76 10.93
CA SER A 117 14.15 4.26 11.99
C SER A 117 13.60 5.43 12.81
N GLY A 118 14.18 6.61 12.57
CA GLY A 118 13.77 7.81 13.27
C GLY A 118 14.31 9.06 12.59
N GLY A 1 27.58 9.61 12.89
CA GLY A 1 27.95 8.33 13.48
C GLY A 1 27.88 7.20 12.46
N SER A 2 29.01 6.96 11.81
CA SER A 2 29.09 5.91 10.81
C SER A 2 27.96 6.08 9.79
N SER A 3 28.32 6.65 8.64
CA SER A 3 27.35 6.88 7.59
C SER A 3 27.95 6.46 6.23
N GLY A 4 27.08 6.39 5.24
CA GLY A 4 27.50 6.00 3.91
C GLY A 4 26.30 5.87 2.96
N SER A 5 25.88 4.64 2.74
CA SER A 5 24.75 4.38 1.86
C SER A 5 25.05 4.90 0.46
N SER A 6 24.45 4.24 -0.52
CA SER A 6 24.64 4.61 -1.91
C SER A 6 23.87 3.67 -2.83
N GLY A 7 23.33 4.24 -3.89
CA GLY A 7 22.57 3.45 -4.85
C GLY A 7 21.07 3.58 -4.59
N MET A 8 20.31 2.68 -5.21
CA MET A 8 18.87 2.68 -5.04
C MET A 8 18.23 1.52 -5.81
N VAL A 9 17.78 0.53 -5.05
CA VAL A 9 17.15 -0.64 -5.63
C VAL A 9 15.73 -0.78 -5.08
N THR A 10 14.81 -0.07 -5.70
CA THR A 10 13.41 -0.11 -5.28
C THR A 10 13.27 0.47 -3.88
N PRO A 11 12.47 1.58 -3.79
CA PRO A 11 12.24 2.24 -2.52
C PRO A 11 11.28 1.42 -1.65
N SER A 12 11.35 1.68 -0.35
CA SER A 12 10.49 0.98 0.59
C SER A 12 9.06 1.50 0.48
N LEU A 13 8.12 0.56 0.59
CA LEU A 13 6.72 0.92 0.50
C LEU A 13 6.17 1.21 1.90
N ARG A 14 5.86 2.47 2.13
CA ARG A 14 5.34 2.91 3.41
C ARG A 14 3.88 3.33 3.27
N LEU A 15 3.02 2.59 3.96
CA LEU A 15 1.59 2.89 3.92
C LEU A 15 1.22 3.73 5.15
N VAL A 16 0.93 5.00 4.88
CA VAL A 16 0.56 5.92 5.94
C VAL A 16 -0.97 6.07 5.96
N PHE A 17 -1.54 5.81 7.13
CA PHE A 17 -2.98 5.92 7.30
C PHE A 17 -3.40 7.36 7.58
N VAL A 18 -3.66 8.09 6.51
CA VAL A 18 -4.07 9.48 6.63
C VAL A 18 -5.52 9.55 7.12
N LYS A 19 -6.29 8.53 6.74
CA LYS A 19 -7.68 8.46 7.13
C LYS A 19 -8.01 7.04 7.57
N GLY A 20 -9.30 6.81 7.80
CA GLY A 20 -9.75 5.49 8.21
C GLY A 20 -9.64 5.33 9.74
N PRO A 21 -9.82 4.05 10.19
CA PRO A 21 -9.74 3.74 11.60
C PRO A 21 -8.28 3.75 12.09
N ARG A 22 -7.39 3.37 11.18
CA ARG A 22 -5.97 3.32 11.50
C ARG A 22 -5.35 4.70 11.32
N GLU A 23 -6.19 5.66 10.92
CA GLU A 23 -5.73 7.02 10.71
C GLU A 23 -4.72 7.41 11.79
N GLY A 24 -3.50 7.71 11.34
CA GLY A 24 -2.44 8.09 12.25
C GLY A 24 -1.38 7.00 12.36
N ASP A 25 -1.66 5.89 11.71
CA ASP A 25 -0.73 4.76 11.71
C ASP A 25 0.01 4.71 10.38
N ALA A 26 1.15 4.04 10.40
CA ALA A 26 1.96 3.91 9.20
C ALA A 26 2.81 2.63 9.30
N LEU A 27 3.09 2.06 8.14
CA LEU A 27 3.88 0.84 8.09
C LEU A 27 4.93 0.96 6.98
N ASP A 28 5.83 0.00 6.93
CA ASP A 28 6.87 -0.01 5.93
C ASP A 28 7.22 -1.46 5.57
N TYR A 29 7.64 -1.64 4.33
CA TYR A 29 7.99 -2.96 3.84
C TYR A 29 9.12 -2.89 2.81
N LYS A 30 9.87 -3.97 2.71
CA LYS A 30 10.97 -4.04 1.76
C LYS A 30 10.42 -4.24 0.35
N PRO A 31 11.30 -3.95 -0.65
CA PRO A 31 10.91 -4.10 -2.05
C PRO A 31 10.86 -5.56 -2.46
N GLY A 32 9.73 -5.94 -3.05
CA GLY A 32 9.55 -7.31 -3.49
C GLY A 32 8.71 -8.11 -2.48
N SER A 33 8.03 -7.37 -1.61
CA SER A 33 7.20 -7.99 -0.60
C SER A 33 5.73 -7.62 -0.83
N THR A 34 4.92 -8.65 -1.03
CA THR A 34 3.51 -8.44 -1.27
C THR A 34 2.79 -8.12 0.04
N ILE A 35 2.14 -6.96 0.04
CA ILE A 35 1.41 -6.52 1.23
C ILE A 35 -0.08 -6.70 0.99
N ARG A 36 -0.64 -7.72 1.64
CA ARG A 36 -2.05 -8.03 1.51
C ARG A 36 -2.85 -7.20 2.52
N VAL A 37 -3.51 -6.16 2.00
CA VAL A 37 -4.31 -5.30 2.84
C VAL A 37 -5.76 -5.81 2.87
N GLY A 38 -6.24 -6.06 4.07
CA GLY A 38 -7.60 -6.55 4.24
C GLY A 38 -8.22 -6.03 5.54
N ARG A 39 -9.23 -6.74 6.01
CA ARG A 39 -9.90 -6.35 7.24
C ARG A 39 -9.35 -7.15 8.42
N ILE A 40 -8.84 -8.33 8.10
CA ILE A 40 -8.27 -9.20 9.13
C ILE A 40 -6.75 -9.19 9.02
N VAL A 41 -6.11 -9.72 10.05
CA VAL A 41 -4.66 -9.77 10.09
C VAL A 41 -4.20 -11.18 9.73
N ARG A 42 -5.07 -12.14 9.99
CA ARG A 42 -4.76 -13.53 9.70
C ARG A 42 -3.94 -13.64 8.41
N GLY A 43 -4.65 -13.77 7.30
CA GLY A 43 -4.00 -13.88 6.01
C GLY A 43 -3.93 -12.51 5.31
N ASN A 44 -3.23 -11.59 5.95
CA ASN A 44 -3.08 -10.26 5.40
C ASN A 44 -1.97 -9.53 6.15
N GLU A 45 -1.19 -8.77 5.39
CA GLU A 45 -0.08 -8.01 5.97
C GLU A 45 -0.63 -6.88 6.85
N ILE A 46 -1.62 -6.19 6.32
CA ILE A 46 -2.23 -5.08 7.04
C ILE A 46 -3.74 -5.31 7.13
N ALA A 47 -4.28 -4.96 8.29
CA ALA A 47 -5.70 -5.13 8.53
C ALA A 47 -6.28 -3.81 9.05
N ILE A 48 -7.35 -3.38 8.40
CA ILE A 48 -8.01 -2.14 8.79
C ILE A 48 -9.42 -2.45 9.29
N LYS A 49 -9.71 -1.94 10.48
CA LYS A 49 -11.02 -2.16 11.08
C LYS A 49 -11.94 -1.00 10.72
N ASP A 50 -12.31 -0.96 9.44
CA ASP A 50 -13.18 0.09 8.95
C ASP A 50 -14.53 -0.52 8.55
N ALA A 51 -14.58 -1.84 8.59
CA ALA A 51 -15.79 -2.56 8.23
C ALA A 51 -15.91 -2.62 6.71
N GLY A 52 -15.93 -1.44 6.10
CA GLY A 52 -16.04 -1.35 4.65
C GLY A 52 -15.00 -2.23 3.97
N ILE A 53 -13.95 -2.55 4.71
CA ILE A 53 -12.89 -3.38 4.18
C ILE A 53 -13.20 -4.85 4.48
N SER A 54 -12.86 -5.70 3.52
CA SER A 54 -13.10 -7.13 3.67
C SER A 54 -11.77 -7.86 3.89
N THR A 55 -11.89 -9.04 4.49
CA THR A 55 -10.71 -9.84 4.77
C THR A 55 -9.75 -9.82 3.57
N LYS A 56 -10.29 -10.10 2.40
CA LYS A 56 -9.51 -10.10 1.19
C LYS A 56 -9.97 -8.97 0.28
N HIS A 57 -9.74 -7.75 0.73
CA HIS A 57 -10.14 -6.58 -0.03
C HIS A 57 -9.27 -6.47 -1.29
N LEU A 58 -7.98 -6.28 -1.06
CA LEU A 58 -7.03 -6.15 -2.15
C LEU A 58 -5.64 -6.57 -1.68
N ARG A 59 -4.72 -6.66 -2.64
CA ARG A 59 -3.36 -7.04 -2.32
C ARG A 59 -2.37 -6.07 -2.97
N ILE A 60 -1.26 -5.85 -2.27
CA ILE A 60 -0.24 -4.95 -2.78
C ILE A 60 1.02 -5.75 -3.10
N GLU A 61 1.59 -5.45 -4.26
CA GLU A 61 2.80 -6.14 -4.69
C GLU A 61 3.70 -5.19 -5.48
N SER A 62 4.92 -5.63 -5.73
CA SER A 62 5.88 -4.83 -6.47
C SER A 62 6.49 -5.65 -7.61
N ASP A 63 6.70 -4.98 -8.73
CA ASP A 63 7.27 -5.63 -9.90
C ASP A 63 8.02 -4.61 -10.73
N SER A 64 8.98 -5.11 -11.51
CA SER A 64 9.78 -4.24 -12.36
C SER A 64 10.26 -3.02 -11.56
N GLY A 65 10.98 -3.30 -10.49
CA GLY A 65 11.51 -2.24 -9.64
C GLY A 65 10.46 -1.13 -9.45
N ASN A 66 9.22 -1.56 -9.28
CA ASN A 66 8.13 -0.63 -9.08
C ASN A 66 7.05 -1.29 -8.22
N TRP A 67 6.12 -0.47 -7.75
CA TRP A 67 5.03 -0.95 -6.92
C TRP A 67 3.73 -0.81 -7.71
N VAL A 68 2.83 -1.75 -7.49
CA VAL A 68 1.54 -1.74 -8.17
C VAL A 68 0.45 -2.15 -7.19
N ILE A 69 -0.77 -1.74 -7.51
CA ILE A 69 -1.92 -2.05 -6.67
C ILE A 69 -3.01 -2.69 -7.53
N GLN A 70 -3.72 -3.63 -6.92
CA GLN A 70 -4.80 -4.31 -7.60
C GLN A 70 -5.97 -4.57 -6.65
N ASP A 71 -7.14 -4.10 -7.06
CA ASP A 71 -8.33 -4.27 -6.25
C ASP A 71 -8.92 -5.67 -6.50
N LEU A 72 -8.80 -6.53 -5.50
CA LEU A 72 -9.31 -7.88 -5.61
C LEU A 72 -10.84 -7.85 -5.56
N GLY A 73 -11.41 -7.13 -6.52
CA GLY A 73 -12.86 -7.01 -6.61
C GLY A 73 -13.49 -7.04 -5.21
N SER A 74 -12.93 -6.23 -4.32
CA SER A 74 -13.43 -6.16 -2.96
C SER A 74 -14.96 -6.21 -2.97
N SER A 75 -15.57 -5.07 -3.27
CA SER A 75 -17.01 -4.99 -3.31
C SER A 75 -17.44 -3.58 -3.74
N ASN A 76 -16.97 -2.59 -2.99
CA ASN A 76 -17.30 -1.21 -3.29
C ASN A 76 -16.34 -0.68 -4.35
N GLY A 77 -15.08 -1.07 -4.23
CA GLY A 77 -14.06 -0.65 -5.17
C GLY A 77 -12.98 0.16 -4.46
N THR A 78 -11.83 0.25 -5.13
CA THR A 78 -10.71 0.99 -4.58
C THR A 78 -10.53 2.31 -5.32
N LEU A 79 -10.06 3.32 -4.58
CA LEU A 79 -9.85 4.63 -5.15
C LEU A 79 -8.38 5.00 -5.04
N LEU A 80 -7.87 5.62 -6.09
CA LEU A 80 -6.47 6.03 -6.12
C LEU A 80 -6.39 7.53 -6.42
N ASN A 81 -6.11 8.29 -5.38
CA ASN A 81 -6.00 9.74 -5.52
C ASN A 81 -7.36 10.31 -5.91
N SER A 82 -7.75 10.04 -7.15
CA SER A 82 -9.03 10.52 -7.65
C SER A 82 -9.48 9.68 -8.84
N ASN A 83 -9.64 8.39 -8.60
CA ASN A 83 -10.06 7.47 -9.64
C ASN A 83 -10.28 6.09 -9.04
N ALA A 84 -11.39 5.47 -9.43
CA ALA A 84 -11.73 4.15 -8.94
C ALA A 84 -10.91 3.10 -9.69
N LEU A 85 -10.12 2.36 -8.94
CA LEU A 85 -9.29 1.32 -9.52
C LEU A 85 -10.18 0.23 -10.11
N ASP A 86 -9.54 -0.68 -10.85
CA ASP A 86 -10.27 -1.78 -11.47
C ASP A 86 -9.63 -3.11 -11.05
N PRO A 87 -10.49 -4.16 -10.96
CA PRO A 87 -10.02 -5.47 -10.57
C PRO A 87 -9.27 -6.14 -11.72
N GLU A 88 -9.77 -5.93 -12.93
CA GLU A 88 -9.15 -6.51 -14.11
C GLU A 88 -8.12 -5.54 -14.70
N THR A 89 -7.51 -4.77 -13.80
CA THR A 89 -6.50 -3.81 -14.21
C THR A 89 -5.52 -3.54 -13.07
N SER A 90 -4.27 -3.36 -13.44
CA SER A 90 -3.23 -3.10 -12.46
C SER A 90 -2.60 -1.73 -12.72
N VAL A 91 -2.51 -0.93 -11.66
CA VAL A 91 -1.94 0.40 -11.77
C VAL A 91 -0.68 0.47 -10.91
N ASN A 92 0.25 1.30 -11.35
CA ASN A 92 1.51 1.47 -10.63
C ASN A 92 1.33 2.53 -9.55
N LEU A 93 1.86 2.22 -8.37
CA LEU A 93 1.77 3.13 -7.24
C LEU A 93 2.79 4.26 -7.43
N GLY A 94 2.68 5.25 -6.56
CA GLY A 94 3.59 6.39 -6.61
C GLY A 94 3.65 7.09 -5.25
N ASP A 95 4.76 7.78 -5.03
CA ASP A 95 4.97 8.50 -3.78
C ASP A 95 4.01 9.69 -3.73
N GLY A 96 3.06 9.61 -2.80
CA GLY A 96 2.09 10.66 -2.63
C GLY A 96 0.71 10.23 -3.15
N ASP A 97 0.59 8.93 -3.39
CA ASP A 97 -0.66 8.38 -3.89
C ASP A 97 -1.55 8.01 -2.71
N VAL A 98 -2.75 8.56 -2.71
CA VAL A 98 -3.71 8.29 -1.66
C VAL A 98 -4.65 7.17 -2.10
N ILE A 99 -4.74 6.15 -1.26
CA ILE A 99 -5.61 5.01 -1.54
C ILE A 99 -6.83 5.06 -0.62
N LYS A 100 -7.96 5.42 -1.20
CA LYS A 100 -9.20 5.50 -0.44
C LYS A 100 -9.98 4.20 -0.61
N LEU A 101 -9.96 3.39 0.43
CA LEU A 101 -10.66 2.12 0.42
C LEU A 101 -11.61 2.04 1.61
N GLY A 102 -12.53 1.09 1.54
CA GLY A 102 -13.50 0.91 2.60
C GLY A 102 -14.48 2.08 2.66
N GLU A 103 -14.85 2.44 3.88
CA GLU A 103 -15.77 3.54 4.09
C GLU A 103 -15.04 4.89 3.99
N TYR A 104 -14.13 5.09 4.93
CA TYR A 104 -13.36 6.33 4.96
C TYR A 104 -11.91 6.06 5.36
N THR A 105 -11.31 5.09 4.68
CA THR A 105 -9.93 4.73 4.95
C THR A 105 -9.02 5.15 3.79
N SER A 106 -8.11 6.06 4.10
CA SER A 106 -7.18 6.56 3.09
C SER A 106 -5.75 6.16 3.47
N ILE A 107 -5.02 5.66 2.47
CA ILE A 107 -3.65 5.25 2.68
C ILE A 107 -2.73 6.05 1.76
N LEU A 108 -1.63 6.51 2.33
CA LEU A 108 -0.66 7.29 1.57
C LEU A 108 0.53 6.40 1.20
N VAL A 109 0.99 6.56 -0.03
CA VAL A 109 2.12 5.78 -0.52
C VAL A 109 3.37 6.66 -0.50
N ASN A 110 4.33 6.25 0.32
CA ASN A 110 5.58 6.98 0.44
C ASN A 110 6.75 6.05 0.14
N PHE A 111 7.73 6.57 -0.56
CA PHE A 111 8.91 5.80 -0.92
C PHE A 111 10.10 6.18 -0.05
N VAL A 112 10.45 5.27 0.85
CA VAL A 112 11.56 5.49 1.75
C VAL A 112 12.84 4.92 1.14
N SER A 113 13.71 5.82 0.71
CA SER A 113 14.96 5.43 0.10
C SER A 113 16.11 5.55 1.12
N GLY A 114 16.31 4.47 1.86
CA GLY A 114 17.36 4.44 2.86
C GLY A 114 16.82 4.84 4.23
N PRO A 115 17.69 4.68 5.27
CA PRO A 115 17.31 5.01 6.62
C PRO A 115 17.30 6.53 6.83
N SER A 116 16.65 6.95 7.91
CA SER A 116 16.57 8.36 8.24
C SER A 116 16.19 8.55 9.70
N SER A 117 17.09 9.20 10.43
CA SER A 117 16.86 9.45 11.85
C SER A 117 16.18 10.79 12.04
N GLY A 118 14.85 10.77 11.93
CA GLY A 118 14.07 11.98 12.08
C GLY A 118 13.03 12.12 10.96
N GLY A 1 37.52 8.85 7.23
CA GLY A 1 36.95 8.06 6.14
C GLY A 1 35.50 8.47 5.86
N SER A 2 35.06 8.18 4.65
CA SER A 2 33.71 8.51 4.24
C SER A 2 33.38 7.82 2.91
N SER A 3 32.11 7.49 2.76
CA SER A 3 31.65 6.82 1.55
C SER A 3 31.36 7.87 0.47
N GLY A 4 31.21 7.38 -0.76
CA GLY A 4 30.94 8.25 -1.88
C GLY A 4 29.45 8.27 -2.22
N SER A 5 29.16 8.38 -3.50
CA SER A 5 27.78 8.42 -3.96
C SER A 5 27.13 7.05 -3.78
N SER A 6 25.82 7.02 -3.94
CA SER A 6 25.07 5.77 -3.79
C SER A 6 24.01 5.69 -4.89
N GLY A 7 23.63 4.45 -5.21
CA GLY A 7 22.63 4.22 -6.22
C GLY A 7 21.22 4.40 -5.66
N MET A 8 20.23 4.06 -6.48
CA MET A 8 18.85 4.19 -6.08
C MET A 8 18.01 3.01 -6.58
N VAL A 9 17.86 2.02 -5.71
CA VAL A 9 17.10 0.83 -6.06
C VAL A 9 15.64 1.03 -5.65
N THR A 10 14.87 -0.05 -5.77
CA THR A 10 13.46 -0.01 -5.41
C THR A 10 13.28 0.60 -4.02
N PRO A 11 12.42 1.66 -3.96
CA PRO A 11 12.16 2.34 -2.70
C PRO A 11 11.24 1.50 -1.82
N SER A 12 11.32 1.73 -0.52
CA SER A 12 10.51 1.01 0.43
C SER A 12 9.06 1.48 0.34
N LEU A 13 8.15 0.54 0.54
CA LEU A 13 6.73 0.84 0.48
C LEU A 13 6.21 1.17 1.89
N ARG A 14 5.86 2.42 2.07
CA ARG A 14 5.36 2.88 3.36
C ARG A 14 3.90 3.29 3.24
N LEU A 15 3.05 2.54 3.95
CA LEU A 15 1.62 2.83 3.93
C LEU A 15 1.25 3.66 5.15
N VAL A 16 0.94 4.92 4.89
CA VAL A 16 0.56 5.83 5.96
C VAL A 16 -0.97 5.98 6.00
N PHE A 17 -1.52 5.72 7.17
CA PHE A 17 -2.97 5.83 7.35
C PHE A 17 -3.38 7.27 7.62
N VAL A 18 -3.67 7.98 6.54
CA VAL A 18 -4.07 9.38 6.64
C VAL A 18 -5.52 9.44 7.16
N LYS A 19 -6.28 8.42 6.80
CA LYS A 19 -7.67 8.35 7.20
C LYS A 19 -7.98 6.94 7.69
N GLY A 20 -9.26 6.68 7.93
CA GLY A 20 -9.71 5.38 8.40
C GLY A 20 -9.61 5.30 9.92
N PRO A 21 -9.85 4.07 10.44
CA PRO A 21 -9.80 3.83 11.88
C PRO A 21 -8.36 3.79 12.37
N ARG A 22 -7.44 3.57 11.43
CA ARG A 22 -6.03 3.50 11.76
C ARG A 22 -5.36 4.86 11.51
N GLU A 23 -6.19 5.82 11.12
CA GLU A 23 -5.69 7.16 10.84
C GLU A 23 -4.64 7.56 11.87
N GLY A 24 -3.42 7.74 11.38
CA GLY A 24 -2.31 8.13 12.23
C GLY A 24 -1.27 7.02 12.31
N ASP A 25 -1.57 5.92 11.63
CA ASP A 25 -0.67 4.77 11.62
C ASP A 25 0.12 4.77 10.31
N ALA A 26 1.27 4.12 10.35
CA ALA A 26 2.12 4.03 9.18
C ALA A 26 2.98 2.77 9.27
N LEU A 27 3.11 2.10 8.12
CA LEU A 27 3.90 0.88 8.07
C LEU A 27 4.95 1.01 6.96
N ASP A 28 5.85 0.05 6.94
CA ASP A 28 6.92 0.04 5.94
C ASP A 28 7.30 -1.40 5.61
N TYR A 29 7.69 -1.61 4.37
CA TYR A 29 8.09 -2.93 3.91
C TYR A 29 9.21 -2.85 2.89
N LYS A 30 9.75 -4.01 2.55
CA LYS A 30 10.84 -4.08 1.58
C LYS A 30 10.26 -4.33 0.20
N PRO A 31 11.12 -4.11 -0.83
CA PRO A 31 10.71 -4.31 -2.21
C PRO A 31 10.63 -5.80 -2.56
N GLY A 32 9.50 -6.19 -3.13
CA GLY A 32 9.29 -7.57 -3.51
C GLY A 32 8.48 -8.32 -2.44
N SER A 33 7.89 -7.53 -1.54
CA SER A 33 7.08 -8.10 -0.48
C SER A 33 5.61 -7.74 -0.69
N THR A 34 4.83 -8.75 -1.04
CA THR A 34 3.41 -8.56 -1.28
C THR A 34 2.70 -8.19 0.03
N ILE A 35 2.04 -7.05 0.00
CA ILE A 35 1.31 -6.57 1.17
C ILE A 35 -0.18 -6.70 0.93
N ARG A 36 -0.73 -7.81 1.38
CA ARG A 36 -2.16 -8.07 1.21
C ARG A 36 -2.96 -7.29 2.26
N VAL A 37 -3.63 -6.25 1.78
CA VAL A 37 -4.44 -5.42 2.66
C VAL A 37 -5.87 -5.94 2.68
N GLY A 38 -6.30 -6.34 3.87
CA GLY A 38 -7.65 -6.86 4.04
C GLY A 38 -8.32 -6.26 5.28
N ARG A 39 -9.15 -7.07 5.91
CA ARG A 39 -9.86 -6.62 7.11
C ARG A 39 -9.43 -7.46 8.32
N ILE A 40 -8.69 -8.53 8.04
CA ILE A 40 -8.22 -9.40 9.09
C ILE A 40 -6.71 -9.62 8.92
N VAL A 41 -5.98 -9.29 9.97
CA VAL A 41 -4.54 -9.44 9.95
C VAL A 41 -4.18 -10.91 9.64
N ARG A 42 -5.09 -11.79 10.02
CA ARG A 42 -4.88 -13.21 9.79
C ARG A 42 -4.12 -13.43 8.49
N GLY A 43 -4.87 -13.55 7.40
CA GLY A 43 -4.28 -13.76 6.10
C GLY A 43 -4.20 -12.46 5.31
N ASN A 44 -3.49 -11.49 5.89
CA ASN A 44 -3.33 -10.20 5.26
C ASN A 44 -2.20 -9.44 5.94
N GLU A 45 -1.36 -8.83 5.12
CA GLU A 45 -0.23 -8.06 5.62
C GLU A 45 -0.71 -6.90 6.50
N ILE A 46 -1.84 -6.35 6.10
CA ILE A 46 -2.43 -5.23 6.83
C ILE A 46 -3.94 -5.41 6.90
N ALA A 47 -4.48 -5.20 8.10
CA ALA A 47 -5.91 -5.33 8.31
C ALA A 47 -6.45 -4.03 8.92
N ILE A 48 -7.60 -3.61 8.41
CA ILE A 48 -8.23 -2.39 8.88
C ILE A 48 -9.64 -2.71 9.37
N LYS A 49 -9.95 -2.23 10.56
CA LYS A 49 -11.25 -2.45 11.16
C LYS A 49 -12.19 -1.30 10.79
N ASP A 50 -12.52 -1.23 9.51
CA ASP A 50 -13.40 -0.19 9.02
C ASP A 50 -14.69 -0.81 8.50
N ALA A 51 -14.68 -2.13 8.42
CA ALA A 51 -15.84 -2.87 7.95
C ALA A 51 -15.88 -2.81 6.42
N GLY A 52 -15.88 -1.58 5.91
CA GLY A 52 -15.92 -1.38 4.47
C GLY A 52 -14.92 -2.28 3.76
N ILE A 53 -13.90 -2.69 4.50
CA ILE A 53 -12.87 -3.55 3.95
C ILE A 53 -13.22 -5.01 4.26
N SER A 54 -12.97 -5.87 3.27
CA SER A 54 -13.26 -7.28 3.43
C SER A 54 -11.96 -8.06 3.65
N THR A 55 -12.10 -9.23 4.25
CA THR A 55 -10.95 -10.08 4.52
C THR A 55 -9.95 -10.00 3.37
N LYS A 56 -10.45 -10.25 2.17
CA LYS A 56 -9.60 -10.21 0.98
C LYS A 56 -10.08 -9.09 0.06
N HIS A 57 -9.87 -7.86 0.52
CA HIS A 57 -10.27 -6.70 -0.25
C HIS A 57 -9.37 -6.56 -1.49
N LEU A 58 -8.09 -6.34 -1.23
CA LEU A 58 -7.14 -6.20 -2.32
C LEU A 58 -5.75 -6.61 -1.82
N ARG A 59 -4.82 -6.68 -2.75
CA ARG A 59 -3.45 -7.06 -2.42
C ARG A 59 -2.46 -6.10 -3.09
N ILE A 60 -1.36 -5.86 -2.38
CA ILE A 60 -0.33 -4.98 -2.89
C ILE A 60 0.92 -5.79 -3.24
N GLU A 61 1.47 -5.51 -4.40
CA GLU A 61 2.66 -6.21 -4.86
C GLU A 61 3.59 -5.25 -5.61
N SER A 62 4.82 -5.70 -5.83
CA SER A 62 5.80 -4.90 -6.52
C SER A 62 6.43 -5.71 -7.66
N ASP A 63 6.62 -5.04 -8.79
CA ASP A 63 7.20 -5.67 -9.95
C ASP A 63 8.09 -4.67 -10.69
N SER A 64 9.05 -5.21 -11.43
CA SER A 64 9.96 -4.38 -12.19
C SER A 64 10.40 -3.18 -11.35
N GLY A 65 11.06 -3.47 -10.25
CA GLY A 65 11.53 -2.43 -9.35
C GLY A 65 10.49 -1.32 -9.21
N ASN A 66 9.23 -1.74 -9.13
CA ASN A 66 8.14 -0.79 -8.99
C ASN A 66 7.03 -1.42 -8.14
N TRP A 67 6.12 -0.56 -7.70
CA TRP A 67 5.01 -1.01 -6.87
C TRP A 67 3.72 -0.83 -7.68
N VAL A 68 2.81 -1.78 -7.50
CA VAL A 68 1.54 -1.72 -8.19
C VAL A 68 0.42 -2.17 -7.24
N ILE A 69 -0.78 -1.69 -7.51
CA ILE A 69 -1.93 -2.04 -6.70
C ILE A 69 -2.99 -2.71 -7.57
N GLN A 70 -3.69 -3.66 -6.97
CA GLN A 70 -4.73 -4.38 -7.68
C GLN A 70 -5.93 -4.62 -6.76
N ASP A 71 -7.08 -4.15 -7.22
CA ASP A 71 -8.31 -4.31 -6.45
C ASP A 71 -8.89 -5.70 -6.71
N LEU A 72 -8.77 -6.55 -5.70
CA LEU A 72 -9.28 -7.91 -5.80
C LEU A 72 -10.81 -7.87 -5.81
N GLY A 73 -11.35 -7.22 -6.82
CA GLY A 73 -12.79 -7.11 -6.96
C GLY A 73 -13.46 -6.93 -5.60
N SER A 74 -12.85 -6.08 -4.78
CA SER A 74 -13.37 -5.80 -3.46
C SER A 74 -14.86 -5.48 -3.54
N SER A 75 -15.52 -5.57 -2.38
CA SER A 75 -16.94 -5.30 -2.31
C SER A 75 -17.18 -3.81 -2.06
N ASN A 76 -16.82 -3.01 -3.06
CA ASN A 76 -16.98 -1.57 -2.97
C ASN A 76 -16.16 -0.89 -4.06
N GLY A 77 -14.90 -1.30 -4.15
CA GLY A 77 -14.00 -0.75 -5.13
C GLY A 77 -12.91 0.11 -4.48
N THR A 78 -11.72 0.08 -5.07
CA THR A 78 -10.61 0.83 -4.54
C THR A 78 -10.44 2.14 -5.32
N LEU A 79 -9.98 3.16 -4.61
CA LEU A 79 -9.78 4.47 -5.22
C LEU A 79 -8.30 4.86 -5.09
N LEU A 80 -7.79 5.49 -6.14
CA LEU A 80 -6.41 5.93 -6.15
C LEU A 80 -6.35 7.41 -6.50
N ASN A 81 -6.12 8.23 -5.47
CA ASN A 81 -6.04 9.66 -5.66
C ASN A 81 -7.42 10.20 -6.06
N SER A 82 -7.82 9.84 -7.28
CA SER A 82 -9.10 10.27 -7.80
C SER A 82 -9.51 9.40 -8.99
N ASN A 83 -9.59 8.10 -8.73
CA ASN A 83 -9.97 7.16 -9.77
C ASN A 83 -10.17 5.78 -9.14
N ALA A 84 -11.28 5.15 -9.53
CA ALA A 84 -11.60 3.83 -9.01
C ALA A 84 -10.75 2.79 -9.74
N LEU A 85 -9.98 2.04 -8.96
CA LEU A 85 -9.12 1.01 -9.52
C LEU A 85 -9.99 -0.10 -10.12
N ASP A 86 -9.35 -0.94 -10.91
CA ASP A 86 -10.05 -2.04 -11.55
C ASP A 86 -9.38 -3.36 -11.16
N PRO A 87 -10.20 -4.45 -11.18
CA PRO A 87 -9.71 -5.76 -10.83
C PRO A 87 -8.85 -6.36 -11.95
N GLU A 88 -9.31 -6.13 -13.17
CA GLU A 88 -8.60 -6.63 -14.34
C GLU A 88 -7.53 -5.63 -14.77
N THR A 89 -7.26 -4.67 -13.90
CA THR A 89 -6.28 -3.65 -14.17
C THR A 89 -5.45 -3.36 -12.91
N SER A 90 -4.16 -3.14 -13.13
CA SER A 90 -3.26 -2.85 -12.03
C SER A 90 -2.45 -1.59 -12.34
N VAL A 91 -2.52 -0.64 -11.41
CA VAL A 91 -1.80 0.62 -11.57
C VAL A 91 -0.52 0.58 -10.74
N ASN A 92 0.41 1.46 -11.10
CA ASN A 92 1.68 1.53 -10.39
C ASN A 92 1.60 2.60 -9.31
N LEU A 93 1.85 2.18 -8.09
CA LEU A 93 1.81 3.09 -6.95
C LEU A 93 2.81 4.22 -7.19
N GLY A 94 2.69 5.26 -6.37
CA GLY A 94 3.57 6.40 -6.47
C GLY A 94 3.66 7.15 -5.14
N ASP A 95 4.79 7.82 -4.94
CA ASP A 95 5.02 8.56 -3.72
C ASP A 95 4.03 9.73 -3.65
N GLY A 96 3.06 9.58 -2.76
CA GLY A 96 2.04 10.61 -2.59
C GLY A 96 0.70 10.15 -3.14
N ASP A 97 0.56 8.84 -3.27
CA ASP A 97 -0.68 8.26 -3.79
C ASP A 97 -1.60 7.93 -2.63
N VAL A 98 -2.82 8.46 -2.70
CA VAL A 98 -3.81 8.22 -1.67
C VAL A 98 -4.71 7.07 -2.10
N ILE A 99 -4.73 6.03 -1.27
CA ILE A 99 -5.54 4.86 -1.55
C ILE A 99 -6.78 4.88 -0.65
N LYS A 100 -7.91 5.16 -1.26
CA LYS A 100 -9.17 5.21 -0.52
C LYS A 100 -9.91 3.88 -0.70
N LEU A 101 -9.90 3.09 0.36
CA LEU A 101 -10.57 1.80 0.33
C LEU A 101 -11.56 1.72 1.50
N GLY A 102 -12.48 0.77 1.39
CA GLY A 102 -13.48 0.59 2.42
C GLY A 102 -14.52 1.71 2.39
N GLU A 103 -14.70 2.35 3.55
CA GLU A 103 -15.65 3.44 3.67
C GLU A 103 -14.91 4.78 3.70
N TYR A 104 -14.19 4.99 4.80
CA TYR A 104 -13.44 6.22 4.97
C TYR A 104 -12.00 5.93 5.39
N THR A 105 -11.36 5.05 4.64
CA THR A 105 -9.99 4.68 4.90
C THR A 105 -9.08 5.12 3.76
N SER A 106 -8.11 5.95 4.10
CA SER A 106 -7.16 6.46 3.11
C SER A 106 -5.74 6.05 3.50
N ILE A 107 -5.00 5.59 2.50
CA ILE A 107 -3.63 5.17 2.72
C ILE A 107 -2.70 5.98 1.82
N LEU A 108 -1.66 6.53 2.42
CA LEU A 108 -0.69 7.32 1.68
C LEU A 108 0.51 6.45 1.30
N VAL A 109 0.97 6.61 0.07
CA VAL A 109 2.10 5.85 -0.41
C VAL A 109 3.34 6.73 -0.41
N ASN A 110 4.32 6.33 0.41
CA ASN A 110 5.56 7.08 0.52
C ASN A 110 6.73 6.13 0.23
N PHE A 111 7.66 6.65 -0.58
CA PHE A 111 8.84 5.87 -0.94
C PHE A 111 10.03 6.25 -0.08
N VAL A 112 10.38 5.36 0.84
CA VAL A 112 11.50 5.60 1.73
C VAL A 112 12.78 5.08 1.08
N SER A 113 13.61 6.01 0.63
CA SER A 113 14.86 5.66 -0.02
C SER A 113 16.02 5.83 0.97
N GLY A 114 16.11 7.04 1.52
CA GLY A 114 17.16 7.34 2.47
C GLY A 114 17.20 8.84 2.78
N PRO A 115 18.28 9.26 3.51
CA PRO A 115 18.45 10.65 3.87
C PRO A 115 18.90 11.48 2.66
N SER A 116 18.60 12.77 2.74
CA SER A 116 18.97 13.68 1.66
C SER A 116 20.17 14.54 2.08
N SER A 117 21.21 14.48 1.27
CA SER A 117 22.43 15.24 1.55
C SER A 117 23.05 15.72 0.24
N GLY A 118 22.79 16.98 -0.08
CA GLY A 118 23.32 17.57 -1.29
C GLY A 118 23.23 19.10 -1.25
N GLY A 1 29.55 -19.10 -10.03
CA GLY A 1 29.03 -17.74 -9.99
C GLY A 1 29.49 -17.01 -8.71
N SER A 2 29.34 -15.71 -8.73
CA SER A 2 29.74 -14.88 -7.60
C SER A 2 28.68 -13.81 -7.33
N SER A 3 28.54 -13.46 -6.07
CA SER A 3 27.56 -12.44 -5.67
C SER A 3 27.95 -11.10 -6.28
N GLY A 4 26.95 -10.39 -6.76
CA GLY A 4 27.16 -9.09 -7.37
C GLY A 4 27.30 -8.01 -6.30
N SER A 5 27.24 -6.76 -6.75
CA SER A 5 27.35 -5.63 -5.85
C SER A 5 26.00 -5.35 -5.19
N SER A 6 26.06 -5.02 -3.90
CA SER A 6 24.85 -4.72 -3.15
C SER A 6 24.32 -3.34 -3.54
N GLY A 7 23.01 -3.21 -3.46
CA GLY A 7 22.36 -1.95 -3.80
C GLY A 7 20.91 -2.18 -4.24
N MET A 8 20.04 -1.29 -3.79
CA MET A 8 18.63 -1.38 -4.13
C MET A 8 18.11 -0.04 -4.68
N VAL A 9 17.48 -0.13 -5.84
CA VAL A 9 16.93 1.06 -6.48
C VAL A 9 15.42 1.14 -6.19
N THR A 10 14.92 0.07 -5.58
CA THR A 10 13.50 0.01 -5.25
C THR A 10 13.25 0.57 -3.85
N PRO A 11 12.43 1.66 -3.81
CA PRO A 11 12.11 2.30 -2.55
C PRO A 11 11.11 1.46 -1.75
N SER A 12 11.26 1.52 -0.43
CA SER A 12 10.39 0.78 0.46
C SER A 12 8.96 1.32 0.37
N LEU A 13 8.01 0.44 0.61
CA LEU A 13 6.60 0.82 0.56
C LEU A 13 6.14 1.25 1.96
N ARG A 14 5.85 2.54 2.09
CA ARG A 14 5.41 3.09 3.35
C ARG A 14 3.94 3.51 3.26
N LEU A 15 3.08 2.67 3.83
CA LEU A 15 1.65 2.94 3.82
C LEU A 15 1.29 3.78 5.05
N VAL A 16 0.91 5.02 4.79
CA VAL A 16 0.53 5.93 5.86
C VAL A 16 -0.99 6.10 5.87
N PHE A 17 -1.57 5.82 7.04
CA PHE A 17 -3.02 5.94 7.20
C PHE A 17 -3.41 7.38 7.53
N VAL A 18 -3.70 8.14 6.48
CA VAL A 18 -4.11 9.52 6.65
C VAL A 18 -5.56 9.58 7.15
N LYS A 19 -6.30 8.56 6.77
CA LYS A 19 -7.70 8.47 7.17
C LYS A 19 -8.01 7.06 7.67
N GLY A 20 -9.28 6.83 7.96
CA GLY A 20 -9.71 5.53 8.45
C GLY A 20 -9.62 5.46 9.98
N PRO A 21 -9.94 4.26 10.52
CA PRO A 21 -9.90 4.04 11.96
C PRO A 21 -8.46 3.93 12.46
N ARG A 22 -7.55 3.71 11.51
CA ARG A 22 -6.15 3.57 11.84
C ARG A 22 -5.41 4.89 11.55
N GLU A 23 -6.18 5.88 11.14
CA GLU A 23 -5.62 7.19 10.82
C GLU A 23 -4.51 7.54 11.83
N GLY A 24 -3.32 7.78 11.30
CA GLY A 24 -2.19 8.13 12.13
C GLY A 24 -1.20 6.97 12.23
N ASP A 25 -1.50 5.91 11.50
CA ASP A 25 -0.65 4.73 11.50
C ASP A 25 0.19 4.71 10.21
N ALA A 26 1.33 4.06 10.30
CA ALA A 26 2.23 3.96 9.17
C ALA A 26 3.04 2.67 9.26
N LEU A 27 3.31 2.09 8.10
CA LEU A 27 4.06 0.85 8.03
C LEU A 27 5.20 1.00 7.02
N ASP A 28 6.03 -0.03 6.95
CA ASP A 28 7.16 -0.02 6.03
C ASP A 28 7.45 -1.46 5.60
N TYR A 29 7.80 -1.60 4.33
CA TYR A 29 8.12 -2.91 3.77
C TYR A 29 9.21 -2.80 2.72
N LYS A 30 9.95 -3.89 2.57
CA LYS A 30 11.03 -3.94 1.60
C LYS A 30 10.45 -4.13 0.20
N PRO A 31 11.31 -3.86 -0.83
CA PRO A 31 10.89 -3.99 -2.21
C PRO A 31 10.81 -5.46 -2.61
N GLY A 32 9.67 -5.84 -3.18
CA GLY A 32 9.46 -7.20 -3.61
C GLY A 32 8.67 -7.99 -2.57
N SER A 33 8.06 -7.26 -1.66
CA SER A 33 7.27 -7.88 -0.60
C SER A 33 5.80 -7.52 -0.76
N THR A 34 5.00 -8.53 -1.06
CA THR A 34 3.57 -8.33 -1.24
C THR A 34 2.91 -7.96 0.08
N ILE A 35 2.25 -6.81 0.08
CA ILE A 35 1.58 -6.31 1.26
C ILE A 35 0.07 -6.44 1.07
N ARG A 36 -0.48 -7.54 1.56
CA ARG A 36 -1.90 -7.79 1.44
C ARG A 36 -2.67 -6.94 2.46
N VAL A 37 -3.52 -6.07 1.94
CA VAL A 37 -4.31 -5.20 2.78
C VAL A 37 -5.77 -5.68 2.78
N GLY A 38 -6.24 -6.06 3.96
CA GLY A 38 -7.60 -6.54 4.10
C GLY A 38 -8.24 -5.99 5.39
N ARG A 39 -9.22 -6.74 5.89
CA ARG A 39 -9.91 -6.35 7.10
C ARG A 39 -9.46 -7.22 8.27
N ILE A 40 -9.06 -8.44 7.95
CA ILE A 40 -8.59 -9.37 8.97
C ILE A 40 -7.08 -9.51 8.87
N VAL A 41 -6.44 -9.49 10.03
CA VAL A 41 -4.99 -9.63 10.09
C VAL A 41 -4.58 -11.01 9.59
N ARG A 42 -5.42 -11.99 9.90
CA ARG A 42 -5.16 -13.35 9.49
C ARG A 42 -5.37 -13.50 7.98
N GLY A 43 -4.25 -13.70 7.28
CA GLY A 43 -4.31 -13.85 5.83
C GLY A 43 -3.62 -12.68 5.13
N ASN A 44 -4.04 -11.48 5.51
CA ASN A 44 -3.47 -10.27 4.94
C ASN A 44 -2.49 -9.64 5.93
N GLU A 45 -1.51 -8.93 5.38
CA GLU A 45 -0.51 -8.27 6.20
C GLU A 45 -1.15 -7.16 7.03
N ILE A 46 -1.68 -6.17 6.33
CA ILE A 46 -2.32 -5.04 6.97
C ILE A 46 -3.82 -5.31 7.09
N ALA A 47 -4.37 -4.97 8.24
CA ALA A 47 -5.80 -5.17 8.48
C ALA A 47 -6.36 -3.92 9.16
N ILE A 48 -7.57 -3.55 8.74
CA ILE A 48 -8.23 -2.39 9.30
C ILE A 48 -9.64 -2.79 9.75
N LYS A 49 -9.92 -2.52 11.02
CA LYS A 49 -11.21 -2.84 11.59
C LYS A 49 -12.25 -1.83 11.10
N ASP A 50 -12.50 -1.88 9.80
CA ASP A 50 -13.46 -0.96 9.19
C ASP A 50 -14.41 -1.77 8.29
N ALA A 51 -15.65 -1.86 8.75
CA ALA A 51 -16.67 -2.60 8.00
C ALA A 51 -16.51 -2.30 6.51
N GLY A 52 -16.02 -1.10 6.22
CA GLY A 52 -15.80 -0.69 4.85
C GLY A 52 -14.89 -1.67 4.11
N ILE A 53 -13.82 -2.04 4.77
CA ILE A 53 -12.86 -2.97 4.19
C ILE A 53 -13.38 -4.40 4.37
N SER A 54 -12.73 -5.32 3.67
CA SER A 54 -13.12 -6.72 3.75
C SER A 54 -11.87 -7.59 3.85
N THR A 55 -12.11 -8.88 4.09
CA THR A 55 -11.02 -9.83 4.23
C THR A 55 -10.38 -10.12 2.86
N LYS A 56 -9.17 -9.62 2.69
CA LYS A 56 -8.46 -9.81 1.44
C LYS A 56 -8.98 -8.81 0.40
N HIS A 57 -9.45 -7.68 0.89
CA HIS A 57 -9.98 -6.64 0.02
C HIS A 57 -9.12 -6.54 -1.24
N LEU A 58 -7.84 -6.28 -1.02
CA LEU A 58 -6.90 -6.17 -2.13
C LEU A 58 -5.50 -6.58 -1.65
N ARG A 59 -4.59 -6.68 -2.61
CA ARG A 59 -3.22 -7.07 -2.30
C ARG A 59 -2.25 -6.14 -3.02
N ILE A 60 -1.25 -5.68 -2.27
CA ILE A 60 -0.25 -4.79 -2.82
C ILE A 60 1.03 -5.60 -3.11
N GLU A 61 1.62 -5.32 -4.27
CA GLU A 61 2.83 -6.00 -4.68
C GLU A 61 3.73 -5.06 -5.48
N SER A 62 4.92 -5.55 -5.78
CA SER A 62 5.88 -4.75 -6.54
C SER A 62 6.28 -5.50 -7.81
N ASP A 63 6.33 -4.76 -8.91
CA ASP A 63 6.70 -5.34 -10.19
C ASP A 63 8.16 -4.98 -10.50
N SER A 64 8.44 -4.90 -11.79
CA SER A 64 9.79 -4.58 -12.24
C SER A 64 10.30 -3.34 -11.49
N GLY A 65 10.99 -3.60 -10.40
CA GLY A 65 11.54 -2.53 -9.58
C GLY A 65 10.54 -1.38 -9.45
N ASN A 66 9.30 -1.75 -9.13
CA ASN A 66 8.26 -0.75 -8.97
C ASN A 66 7.15 -1.33 -8.09
N TRP A 67 6.29 -0.44 -7.63
CA TRP A 67 5.18 -0.85 -6.77
C TRP A 67 3.89 -0.72 -7.57
N VAL A 68 2.99 -1.67 -7.34
CA VAL A 68 1.71 -1.68 -8.04
C VAL A 68 0.62 -2.14 -7.07
N ILE A 69 -0.61 -1.72 -7.38
CA ILE A 69 -1.75 -2.09 -6.55
C ILE A 69 -2.79 -2.79 -7.41
N GLN A 70 -3.50 -3.72 -6.80
CA GLN A 70 -4.54 -4.47 -7.49
C GLN A 70 -5.74 -4.69 -6.58
N ASP A 71 -6.90 -4.29 -7.08
CA ASP A 71 -8.13 -4.44 -6.32
C ASP A 71 -8.71 -5.84 -6.57
N LEU A 72 -8.67 -6.65 -5.52
CA LEU A 72 -9.18 -8.01 -5.61
C LEU A 72 -10.72 -7.97 -5.64
N GLY A 73 -11.24 -7.26 -6.63
CA GLY A 73 -12.67 -7.14 -6.80
C GLY A 73 -13.37 -7.11 -5.43
N SER A 74 -12.80 -6.31 -4.53
CA SER A 74 -13.37 -6.18 -3.19
C SER A 74 -14.81 -5.70 -3.28
N SER A 75 -15.60 -6.12 -2.30
CA SER A 75 -17.00 -5.73 -2.25
C SER A 75 -17.13 -4.24 -1.94
N ASN A 76 -16.83 -3.44 -2.96
CA ASN A 76 -16.90 -1.99 -2.82
C ASN A 76 -16.08 -1.34 -3.93
N GLY A 77 -14.77 -1.53 -3.83
CA GLY A 77 -13.85 -0.96 -4.81
C GLY A 77 -12.77 -0.13 -4.14
N THR A 78 -11.66 0.03 -4.84
CA THR A 78 -10.55 0.80 -4.32
C THR A 78 -10.38 2.11 -5.12
N LEU A 79 -10.00 3.15 -4.40
CA LEU A 79 -9.81 4.45 -5.02
C LEU A 79 -8.33 4.84 -4.90
N LEU A 80 -7.85 5.54 -5.92
CA LEU A 80 -6.48 5.99 -5.96
C LEU A 80 -6.43 7.49 -6.23
N ASN A 81 -6.17 8.25 -5.17
CA ASN A 81 -6.10 9.69 -5.28
C ASN A 81 -7.49 10.24 -5.58
N SER A 82 -7.98 9.93 -6.77
CA SER A 82 -9.29 10.39 -7.20
C SER A 82 -9.75 9.60 -8.42
N ASN A 83 -9.53 8.29 -8.36
CA ASN A 83 -9.92 7.42 -9.46
C ASN A 83 -10.11 5.99 -8.93
N ALA A 84 -11.22 5.39 -9.35
CA ALA A 84 -11.53 4.03 -8.93
C ALA A 84 -10.66 3.05 -9.70
N LEU A 85 -9.91 2.25 -8.95
CA LEU A 85 -9.03 1.26 -9.55
C LEU A 85 -9.88 0.17 -10.21
N ASP A 86 -9.19 -0.76 -10.86
CA ASP A 86 -9.86 -1.86 -11.52
C ASP A 86 -9.24 -3.18 -11.07
N PRO A 87 -10.10 -4.24 -11.02
CA PRO A 87 -9.64 -5.55 -10.61
C PRO A 87 -8.84 -6.22 -11.72
N GLU A 88 -9.25 -5.97 -12.95
CA GLU A 88 -8.57 -6.53 -14.11
C GLU A 88 -7.47 -5.59 -14.59
N THR A 89 -7.01 -4.74 -13.69
CA THR A 89 -5.96 -3.79 -14.01
C THR A 89 -5.16 -3.43 -12.77
N SER A 90 -3.85 -3.32 -12.95
CA SER A 90 -2.97 -2.97 -11.85
C SER A 90 -2.21 -1.68 -12.18
N VAL A 91 -2.32 -0.73 -11.27
CA VAL A 91 -1.65 0.56 -11.44
C VAL A 91 -0.39 0.59 -10.59
N ASN A 92 0.61 1.31 -11.08
CA ASN A 92 1.87 1.42 -10.38
C ASN A 92 1.77 2.53 -9.33
N LEU A 93 1.84 2.12 -8.07
CA LEU A 93 1.75 3.08 -6.97
C LEU A 93 2.72 4.23 -7.22
N GLY A 94 2.51 5.31 -6.48
CA GLY A 94 3.37 6.48 -6.62
C GLY A 94 3.59 7.14 -5.25
N ASP A 95 4.64 7.95 -5.20
CA ASP A 95 4.98 8.65 -3.97
C ASP A 95 3.98 9.79 -3.74
N GLY A 96 3.02 9.53 -2.87
CA GLY A 96 2.01 10.52 -2.56
C GLY A 96 0.63 10.08 -3.08
N ASP A 97 0.51 8.79 -3.32
CA ASP A 97 -0.73 8.22 -3.82
C ASP A 97 -1.62 7.85 -2.62
N VAL A 98 -2.83 8.42 -2.63
CA VAL A 98 -3.78 8.16 -1.57
C VAL A 98 -4.70 7.02 -1.98
N ILE A 99 -4.73 5.99 -1.15
CA ILE A 99 -5.57 4.83 -1.42
C ILE A 99 -6.80 4.88 -0.53
N LYS A 100 -7.92 5.24 -1.13
CA LYS A 100 -9.18 5.34 -0.41
C LYS A 100 -9.96 4.03 -0.57
N LEU A 101 -9.96 3.24 0.49
CA LEU A 101 -10.66 1.97 0.48
C LEU A 101 -11.63 1.92 1.65
N GLY A 102 -12.56 0.97 1.57
CA GLY A 102 -13.55 0.80 2.62
C GLY A 102 -14.54 1.97 2.62
N GLU A 103 -14.78 2.51 3.81
CA GLU A 103 -15.70 3.61 3.96
C GLU A 103 -14.93 4.94 3.94
N TYR A 104 -14.16 5.16 5.00
CA TYR A 104 -13.38 6.38 5.12
C TYR A 104 -11.93 6.07 5.51
N THR A 105 -11.34 5.14 4.77
CA THR A 105 -9.97 4.75 5.02
C THR A 105 -9.06 5.14 3.85
N SER A 106 -8.13 6.03 4.14
CA SER A 106 -7.19 6.50 3.13
C SER A 106 -5.76 6.11 3.51
N ILE A 107 -5.06 5.55 2.53
CA ILE A 107 -3.69 5.14 2.76
C ILE A 107 -2.76 5.90 1.80
N LEU A 108 -1.78 6.57 2.39
CA LEU A 108 -0.83 7.34 1.61
C LEU A 108 0.38 6.47 1.28
N VAL A 109 0.82 6.57 0.04
CA VAL A 109 1.96 5.80 -0.42
C VAL A 109 3.19 6.71 -0.46
N ASN A 110 4.21 6.31 0.30
CA ASN A 110 5.44 7.07 0.35
C ASN A 110 6.62 6.13 0.09
N PHE A 111 7.46 6.54 -0.86
CA PHE A 111 8.62 5.75 -1.23
C PHE A 111 9.82 6.15 -0.37
N VAL A 112 10.20 5.25 0.52
CA VAL A 112 11.33 5.48 1.40
C VAL A 112 12.62 5.01 0.72
N SER A 113 13.44 5.97 0.35
CA SER A 113 14.70 5.66 -0.32
C SER A 113 15.86 5.75 0.68
N GLY A 114 16.76 4.80 0.58
CA GLY A 114 17.91 4.75 1.45
C GLY A 114 19.06 5.61 0.90
N PRO A 115 20.02 5.93 1.80
CA PRO A 115 21.17 6.74 1.42
C PRO A 115 22.16 5.92 0.61
N SER A 116 21.78 5.64 -0.63
CA SER A 116 22.63 4.87 -1.53
C SER A 116 23.71 5.77 -2.14
N SER A 117 24.96 5.48 -1.78
CA SER A 117 26.08 6.25 -2.28
C SER A 117 27.05 5.33 -3.03
N GLY A 118 27.65 5.89 -4.07
CA GLY A 118 28.60 5.14 -4.87
C GLY A 118 27.95 3.88 -5.45
N GLY A 1 38.18 1.04 4.47
CA GLY A 1 36.86 1.40 3.98
C GLY A 1 36.15 2.33 4.97
N SER A 2 34.96 2.77 4.58
CA SER A 2 34.17 3.65 5.41
C SER A 2 32.68 3.40 5.18
N SER A 3 31.88 3.88 6.13
CA SER A 3 30.44 3.71 6.04
C SER A 3 29.95 4.13 4.65
N GLY A 4 28.85 3.52 4.23
CA GLY A 4 28.28 3.81 2.93
C GLY A 4 28.63 2.73 1.91
N SER A 5 28.91 3.17 0.69
CA SER A 5 29.25 2.26 -0.38
C SER A 5 28.11 1.30 -0.65
N SER A 6 27.50 1.44 -1.82
CA SER A 6 26.39 0.59 -2.20
C SER A 6 25.17 0.90 -1.34
N GLY A 7 24.06 1.18 -2.00
CA GLY A 7 22.83 1.48 -1.31
C GLY A 7 21.81 0.36 -1.47
N MET A 8 20.67 0.71 -2.05
CA MET A 8 19.61 -0.26 -2.27
C MET A 8 18.68 0.20 -3.39
N VAL A 9 18.15 -0.80 -4.11
CA VAL A 9 17.25 -0.51 -5.21
C VAL A 9 15.80 -0.68 -4.74
N THR A 10 14.90 0.00 -5.44
CA THR A 10 13.50 -0.07 -5.10
C THR A 10 13.25 0.48 -3.69
N PRO A 11 12.48 1.59 -3.62
CA PRO A 11 12.17 2.21 -2.35
C PRO A 11 11.13 1.39 -1.57
N SER A 12 11.24 1.44 -0.25
CA SER A 12 10.32 0.71 0.60
C SER A 12 8.92 1.31 0.49
N LEU A 13 7.93 0.47 0.74
CA LEU A 13 6.54 0.90 0.67
C LEU A 13 6.09 1.37 2.05
N ARG A 14 5.89 2.67 2.16
CA ARG A 14 5.46 3.27 3.42
C ARG A 14 3.98 3.63 3.36
N LEU A 15 3.16 2.78 3.96
CA LEU A 15 1.72 3.00 3.98
C LEU A 15 1.36 3.86 5.20
N VAL A 16 0.99 5.10 4.91
CA VAL A 16 0.62 6.02 5.98
C VAL A 16 -0.91 6.10 6.06
N PHE A 17 -1.42 5.85 7.25
CA PHE A 17 -2.86 5.89 7.47
C PHE A 17 -3.33 7.32 7.72
N VAL A 18 -3.70 7.99 6.63
CA VAL A 18 -4.17 9.36 6.71
C VAL A 18 -5.61 9.36 7.21
N LYS A 19 -6.31 8.28 6.90
CA LYS A 19 -7.71 8.16 7.32
C LYS A 19 -7.94 6.74 7.86
N GLY A 20 -9.19 6.49 8.22
CA GLY A 20 -9.56 5.18 8.74
C GLY A 20 -9.42 5.14 10.26
N PRO A 21 -9.60 3.92 10.83
CA PRO A 21 -9.49 3.73 12.27
C PRO A 21 -8.03 3.75 12.70
N ARG A 22 -7.14 3.61 11.73
CA ARG A 22 -5.72 3.61 12.00
C ARG A 22 -5.11 4.97 11.66
N GLU A 23 -5.98 5.91 11.34
CA GLU A 23 -5.55 7.25 10.99
C GLU A 23 -4.47 7.72 11.96
N GLY A 24 -3.27 7.92 11.43
CA GLY A 24 -2.15 8.37 12.23
C GLY A 24 -1.09 7.28 12.35
N ASP A 25 -1.33 6.18 11.65
CA ASP A 25 -0.41 5.06 11.68
C ASP A 25 0.41 5.05 10.39
N ALA A 26 1.48 4.26 10.41
CA ALA A 26 2.35 4.16 9.25
C ALA A 26 3.14 2.85 9.32
N LEU A 27 3.32 2.24 8.17
CA LEU A 27 4.04 0.98 8.09
C LEU A 27 5.14 1.10 7.03
N ASP A 28 5.97 0.07 6.97
CA ASP A 28 7.07 0.04 6.02
C ASP A 28 7.33 -1.40 5.60
N TYR A 29 7.62 -1.57 4.31
CA TYR A 29 7.89 -2.89 3.77
C TYR A 29 8.98 -2.82 2.68
N LYS A 30 9.78 -3.87 2.64
CA LYS A 30 10.86 -3.94 1.66
C LYS A 30 10.27 -4.19 0.27
N PRO A 31 11.12 -3.95 -0.75
CA PRO A 31 10.70 -4.14 -2.14
C PRO A 31 10.62 -5.63 -2.48
N GLY A 32 9.49 -6.01 -3.05
CA GLY A 32 9.29 -7.40 -3.45
C GLY A 32 8.50 -8.16 -2.38
N SER A 33 7.89 -7.39 -1.48
CA SER A 33 7.11 -7.97 -0.40
C SER A 33 5.63 -7.63 -0.59
N THR A 34 4.87 -8.62 -1.02
CA THR A 34 3.45 -8.44 -1.25
C THR A 34 2.74 -8.07 0.07
N ILE A 35 2.08 -6.92 0.04
CA ILE A 35 1.37 -6.45 1.21
C ILE A 35 -0.14 -6.65 1.00
N ARG A 36 -0.65 -7.68 1.65
CA ARG A 36 -2.08 -7.98 1.55
C ARG A 36 -2.87 -7.16 2.56
N VAL A 37 -3.60 -6.18 2.03
CA VAL A 37 -4.41 -5.32 2.88
C VAL A 37 -5.87 -5.81 2.85
N GLY A 38 -6.40 -6.05 4.03
CA GLY A 38 -7.76 -6.52 4.16
C GLY A 38 -8.40 -6.01 5.45
N ARG A 39 -9.38 -6.77 5.94
CA ARG A 39 -10.07 -6.39 7.16
C ARG A 39 -9.59 -7.25 8.32
N ILE A 40 -9.36 -8.52 8.03
CA ILE A 40 -8.89 -9.45 9.04
C ILE A 40 -7.38 -9.65 8.89
N VAL A 41 -6.70 -9.67 10.02
CA VAL A 41 -5.25 -9.86 10.03
C VAL A 41 -4.92 -11.26 9.51
N ARG A 42 -5.79 -12.20 9.86
CA ARG A 42 -5.60 -13.58 9.44
C ARG A 42 -5.14 -13.63 7.98
N GLY A 43 -3.86 -13.94 7.80
CA GLY A 43 -3.29 -14.03 6.47
C GLY A 43 -3.43 -12.70 5.73
N ASN A 44 -2.78 -11.68 6.28
CA ASN A 44 -2.82 -10.36 5.68
C ASN A 44 -1.77 -9.47 6.33
N GLU A 45 -1.01 -8.79 5.50
CA GLU A 45 0.05 -7.91 5.98
C GLU A 45 -0.56 -6.76 6.80
N ILE A 46 -1.69 -6.26 6.30
CA ILE A 46 -2.38 -5.16 6.98
C ILE A 46 -3.88 -5.45 7.01
N ALA A 47 -4.46 -5.22 8.18
CA ALA A 47 -5.89 -5.46 8.36
C ALA A 47 -6.49 -4.31 9.16
N ILE A 48 -7.35 -3.55 8.51
CA ILE A 48 -8.00 -2.43 9.16
C ILE A 48 -9.43 -2.81 9.54
N LYS A 49 -9.62 -3.07 10.83
CA LYS A 49 -10.92 -3.45 11.34
C LYS A 49 -11.86 -2.24 11.28
N ASP A 50 -12.08 -1.77 10.07
CA ASP A 50 -12.96 -0.63 9.86
C ASP A 50 -14.39 -1.10 9.66
N ALA A 51 -14.65 -1.59 8.45
CA ALA A 51 -15.97 -2.09 8.10
C ALA A 51 -16.10 -2.16 6.57
N GLY A 52 -15.94 -1.01 5.94
CA GLY A 52 -16.04 -0.93 4.50
C GLY A 52 -15.04 -1.87 3.83
N ILE A 53 -14.07 -2.31 4.62
CA ILE A 53 -13.05 -3.22 4.12
C ILE A 53 -13.49 -4.66 4.32
N SER A 54 -12.89 -5.55 3.56
CA SER A 54 -13.22 -6.97 3.64
C SER A 54 -11.94 -7.78 3.84
N THR A 55 -12.14 -9.06 4.14
CA THR A 55 -11.02 -9.96 4.35
C THR A 55 -9.98 -9.79 3.24
N LYS A 56 -10.42 -10.10 2.03
CA LYS A 56 -9.55 -9.99 0.87
C LYS A 56 -10.01 -8.82 0.00
N HIS A 57 -9.81 -7.62 0.54
CA HIS A 57 -10.20 -6.41 -0.18
C HIS A 57 -9.35 -6.26 -1.43
N LEU A 58 -8.06 -6.05 -1.22
CA LEU A 58 -7.13 -5.88 -2.32
C LEU A 58 -5.76 -6.42 -1.90
N ARG A 59 -4.86 -6.47 -2.87
CA ARG A 59 -3.51 -6.96 -2.62
C ARG A 59 -2.48 -6.03 -3.27
N ILE A 60 -1.46 -5.69 -2.48
CA ILE A 60 -0.41 -4.81 -2.97
C ILE A 60 0.85 -5.64 -3.22
N GLU A 61 1.46 -5.40 -4.38
CA GLU A 61 2.67 -6.10 -4.74
C GLU A 61 3.58 -5.20 -5.58
N SER A 62 4.78 -5.70 -5.84
CA SER A 62 5.75 -4.95 -6.63
C SER A 62 6.04 -5.68 -7.94
N ASP A 63 6.60 -4.93 -8.88
CA ASP A 63 6.94 -5.49 -10.18
C ASP A 63 8.43 -5.33 -10.44
N SER A 64 9.17 -6.38 -10.09
CA SER A 64 10.62 -6.37 -10.27
C SER A 64 11.25 -5.34 -9.35
N GLY A 65 11.07 -4.07 -9.71
CA GLY A 65 11.62 -2.98 -8.92
C GLY A 65 10.64 -1.81 -8.87
N ASN A 66 9.36 -2.13 -8.85
CA ASN A 66 8.33 -1.12 -8.79
C ASN A 66 7.17 -1.61 -7.91
N TRP A 67 6.33 -0.68 -7.52
CA TRP A 67 5.19 -1.00 -6.67
C TRP A 67 3.92 -0.86 -7.51
N VAL A 68 3.04 -1.83 -7.36
CA VAL A 68 1.79 -1.84 -8.10
C VAL A 68 0.66 -2.25 -7.17
N ILE A 69 -0.53 -1.72 -7.45
CA ILE A 69 -1.70 -2.03 -6.65
C ILE A 69 -2.76 -2.69 -7.53
N GLN A 70 -3.52 -3.58 -6.92
CA GLN A 70 -4.57 -4.29 -7.62
C GLN A 70 -5.82 -4.42 -6.75
N ASP A 71 -6.94 -4.02 -7.33
CA ASP A 71 -8.21 -4.08 -6.63
C ASP A 71 -8.83 -5.46 -6.79
N LEU A 72 -8.74 -6.25 -5.74
CA LEU A 72 -9.28 -7.60 -5.76
C LEU A 72 -10.81 -7.54 -5.74
N GLY A 73 -11.36 -6.85 -6.73
CA GLY A 73 -12.80 -6.70 -6.83
C GLY A 73 -13.44 -6.65 -5.44
N SER A 74 -12.85 -5.84 -4.58
CA SER A 74 -13.34 -5.70 -3.22
C SER A 74 -14.84 -5.36 -3.26
N SER A 75 -15.49 -5.58 -2.13
CA SER A 75 -16.92 -5.30 -2.01
C SER A 75 -17.13 -3.81 -1.74
N ASN A 76 -16.73 -3.00 -2.72
CA ASN A 76 -16.87 -1.57 -2.61
C ASN A 76 -16.04 -0.89 -3.70
N GLY A 77 -14.80 -1.32 -3.82
CA GLY A 77 -13.90 -0.77 -4.82
C GLY A 77 -12.81 0.09 -4.16
N THR A 78 -11.69 0.17 -4.85
CA THR A 78 -10.57 0.96 -4.35
C THR A 78 -10.42 2.25 -5.16
N LEU A 79 -9.96 3.29 -4.47
CA LEU A 79 -9.76 4.58 -5.10
C LEU A 79 -8.30 4.98 -4.99
N LEU A 80 -7.77 5.51 -6.09
CA LEU A 80 -6.38 5.94 -6.13
C LEU A 80 -6.33 7.43 -6.49
N ASN A 81 -5.94 8.23 -5.50
CA ASN A 81 -5.83 9.66 -5.69
C ASN A 81 -7.21 10.22 -6.08
N SER A 82 -7.49 10.16 -7.37
CA SER A 82 -8.76 10.65 -7.88
C SER A 82 -9.23 9.78 -9.04
N ASN A 83 -9.43 8.49 -8.74
CA ASN A 83 -9.88 7.55 -9.75
C ASN A 83 -10.07 6.18 -9.10
N ALA A 84 -11.10 5.49 -9.57
CA ALA A 84 -11.40 4.16 -9.05
C ALA A 84 -10.56 3.12 -9.78
N LEU A 85 -9.79 2.37 -9.00
CA LEU A 85 -8.93 1.34 -9.56
C LEU A 85 -9.80 0.26 -10.21
N ASP A 86 -9.14 -0.59 -10.98
CA ASP A 86 -9.83 -1.67 -11.67
C ASP A 86 -9.24 -3.01 -11.23
N PRO A 87 -10.12 -4.04 -11.18
CA PRO A 87 -9.70 -5.37 -10.78
C PRO A 87 -8.91 -6.05 -11.89
N GLU A 88 -9.33 -5.78 -13.13
CA GLU A 88 -8.67 -6.36 -14.28
C GLU A 88 -7.55 -5.44 -14.77
N THR A 89 -7.19 -4.50 -13.91
CA THR A 89 -6.13 -3.55 -14.24
C THR A 89 -5.26 -3.28 -13.02
N SER A 90 -3.96 -3.23 -13.26
CA SER A 90 -3.01 -2.96 -12.19
C SER A 90 -2.11 -1.78 -12.55
N VAL A 91 -2.08 -0.81 -11.66
CA VAL A 91 -1.28 0.38 -11.87
C VAL A 91 -0.06 0.35 -10.93
N ASN A 92 0.91 1.19 -11.25
CA ASN A 92 2.12 1.27 -10.45
C ASN A 92 1.98 2.38 -9.40
N LEU A 93 1.92 1.96 -8.15
CA LEU A 93 1.79 2.91 -7.06
C LEU A 93 2.79 4.06 -7.25
N GLY A 94 2.46 5.19 -6.65
CA GLY A 94 3.32 6.36 -6.76
C GLY A 94 3.46 7.06 -5.40
N ASP A 95 4.51 7.84 -5.28
CA ASP A 95 4.77 8.56 -4.04
C ASP A 95 3.76 9.71 -3.91
N GLY A 96 2.91 9.58 -2.90
CA GLY A 96 1.90 10.60 -2.65
C GLY A 96 0.53 10.13 -3.17
N ASP A 97 0.42 8.84 -3.38
CA ASP A 97 -0.83 8.26 -3.86
C ASP A 97 -1.71 7.91 -2.68
N VAL A 98 -2.90 8.50 -2.66
CA VAL A 98 -3.85 8.25 -1.59
C VAL A 98 -4.78 7.11 -1.99
N ILE A 99 -4.79 6.09 -1.15
CA ILE A 99 -5.64 4.92 -1.41
C ILE A 99 -6.85 4.98 -0.49
N LYS A 100 -7.98 5.37 -1.07
CA LYS A 100 -9.22 5.47 -0.33
C LYS A 100 -10.00 4.16 -0.46
N LEU A 101 -9.96 3.38 0.61
CA LEU A 101 -10.64 2.10 0.63
C LEU A 101 -11.57 2.04 1.85
N GLY A 102 -12.53 1.13 1.78
CA GLY A 102 -13.48 0.96 2.87
C GLY A 102 -14.47 2.12 2.92
N GLU A 103 -14.77 2.54 4.13
CA GLU A 103 -15.70 3.64 4.33
C GLU A 103 -14.95 4.97 4.38
N TYR A 104 -14.12 5.11 5.41
CA TYR A 104 -13.34 6.33 5.59
C TYR A 104 -11.87 5.99 5.87
N THR A 105 -11.37 5.01 5.15
CA THR A 105 -9.99 4.59 5.31
C THR A 105 -9.15 5.03 4.10
N SER A 106 -8.10 5.77 4.39
CA SER A 106 -7.22 6.26 3.35
C SER A 106 -5.77 5.92 3.69
N ILE A 107 -5.05 5.45 2.66
CA ILE A 107 -3.66 5.08 2.85
C ILE A 107 -2.79 5.89 1.88
N LEU A 108 -1.68 6.40 2.40
CA LEU A 108 -0.77 7.19 1.59
C LEU A 108 0.43 6.32 1.19
N VAL A 109 0.87 6.50 -0.05
CA VAL A 109 2.01 5.75 -0.55
C VAL A 109 3.22 6.66 -0.63
N ASN A 110 4.20 6.38 0.22
CA ASN A 110 5.41 7.17 0.26
C ASN A 110 6.61 6.25 -0.01
N PHE A 111 7.39 6.64 -1.02
CA PHE A 111 8.57 5.86 -1.38
C PHE A 111 9.78 6.25 -0.51
N VAL A 112 10.16 5.33 0.34
CA VAL A 112 11.29 5.54 1.23
C VAL A 112 12.56 4.98 0.59
N SER A 113 13.51 5.87 0.34
CA SER A 113 14.77 5.47 -0.27
C SER A 113 15.89 5.57 0.77
N GLY A 114 16.02 6.74 1.36
CA GLY A 114 17.05 6.98 2.36
C GLY A 114 17.80 8.28 2.07
N PRO A 115 18.89 8.50 2.86
CA PRO A 115 19.70 9.70 2.70
C PRO A 115 20.57 9.62 1.45
N SER A 116 20.14 10.33 0.42
CA SER A 116 20.87 10.35 -0.83
C SER A 116 20.90 11.77 -1.40
N SER A 117 21.98 12.07 -2.10
CA SER A 117 22.14 13.39 -2.70
C SER A 117 22.70 13.25 -4.12
N GLY A 118 21.80 13.38 -5.08
CA GLY A 118 22.18 13.27 -6.49
C GLY A 118 21.06 13.77 -7.40
N GLY A 1 24.49 16.84 2.50
CA GLY A 1 24.37 15.56 3.18
C GLY A 1 23.83 14.48 2.22
N SER A 2 24.71 13.56 1.87
CA SER A 2 24.34 12.47 0.97
C SER A 2 23.25 11.62 1.62
N SER A 3 22.09 11.61 0.97
CA SER A 3 20.97 10.85 1.47
C SER A 3 21.19 9.36 1.18
N GLY A 4 21.30 9.04 -0.09
CA GLY A 4 21.51 7.66 -0.50
C GLY A 4 22.67 7.56 -1.50
N SER A 5 23.49 6.52 -1.31
CA SER A 5 24.63 6.31 -2.17
C SER A 5 24.86 4.80 -2.35
N SER A 6 24.78 4.37 -3.60
CA SER A 6 24.97 2.97 -3.93
C SER A 6 24.04 2.10 -3.08
N GLY A 7 22.89 1.79 -3.65
CA GLY A 7 21.92 0.96 -2.96
C GLY A 7 20.87 0.42 -3.93
N MET A 8 19.74 0.01 -3.38
CA MET A 8 18.66 -0.52 -4.18
C MET A 8 17.91 0.60 -4.93
N VAL A 9 17.36 0.23 -6.07
CA VAL A 9 16.63 1.19 -6.88
C VAL A 9 15.15 1.12 -6.54
N THR A 10 14.82 0.15 -5.68
CA THR A 10 13.44 -0.03 -5.26
C THR A 10 13.23 0.56 -3.86
N PRO A 11 12.41 1.65 -3.82
CA PRO A 11 12.12 2.32 -2.56
C PRO A 11 11.14 1.50 -1.73
N SER A 12 11.31 1.58 -0.42
CA SER A 12 10.45 0.86 0.51
C SER A 12 9.01 1.38 0.40
N LEU A 13 8.07 0.47 0.58
CA LEU A 13 6.66 0.83 0.51
C LEU A 13 6.16 1.18 1.90
N ARG A 14 5.87 2.47 2.09
CA ARG A 14 5.38 2.95 3.37
C ARG A 14 3.90 3.34 3.26
N LEU A 15 3.06 2.59 3.96
CA LEU A 15 1.64 2.85 3.95
C LEU A 15 1.28 3.74 5.14
N VAL A 16 0.93 4.98 4.82
CA VAL A 16 0.56 5.94 5.85
C VAL A 16 -0.97 6.01 5.95
N PHE A 17 -1.45 5.89 7.17
CA PHE A 17 -2.88 5.94 7.42
C PHE A 17 -3.35 7.38 7.65
N VAL A 18 -3.59 8.07 6.54
CA VAL A 18 -4.05 9.45 6.61
C VAL A 18 -5.49 9.48 7.13
N LYS A 19 -6.24 8.44 6.79
CA LYS A 19 -7.62 8.35 7.22
C LYS A 19 -7.89 6.92 7.72
N GLY A 20 -9.14 6.70 8.10
CA GLY A 20 -9.55 5.40 8.61
C GLY A 20 -9.51 5.36 10.14
N PRO A 21 -9.71 4.13 10.68
CA PRO A 21 -9.71 3.94 12.12
C PRO A 21 -8.28 4.01 12.68
N ARG A 22 -7.32 3.75 11.80
CA ARG A 22 -5.92 3.78 12.19
C ARG A 22 -5.28 5.10 11.76
N GLU A 23 -6.12 6.02 11.36
CA GLU A 23 -5.65 7.33 10.93
C GLU A 23 -4.58 7.85 11.88
N GLY A 24 -3.37 7.97 11.34
CA GLY A 24 -2.24 8.46 12.12
C GLY A 24 -1.16 7.38 12.26
N ASP A 25 -1.42 6.25 11.60
CA ASP A 25 -0.48 5.15 11.64
C ASP A 25 0.28 5.09 10.31
N ALA A 26 1.39 4.37 10.34
CA ALA A 26 2.21 4.23 9.15
C ALA A 26 3.05 2.95 9.26
N LEU A 27 3.19 2.26 8.13
CA LEU A 27 3.95 1.03 8.08
C LEU A 27 5.04 1.14 7.01
N ASP A 28 5.92 0.16 7.01
CA ASP A 28 7.01 0.13 6.04
C ASP A 28 7.36 -1.32 5.72
N TYR A 29 7.81 -1.52 4.48
CA TYR A 29 8.18 -2.85 4.03
C TYR A 29 9.34 -2.79 3.04
N LYS A 30 9.76 -3.95 2.59
CA LYS A 30 10.86 -4.05 1.64
C LYS A 30 10.29 -4.26 0.23
N PRO A 31 11.18 -4.05 -0.78
CA PRO A 31 10.78 -4.21 -2.16
C PRO A 31 10.66 -5.68 -2.53
N GLY A 32 9.54 -6.01 -3.16
CA GLY A 32 9.28 -7.39 -3.56
C GLY A 32 8.46 -8.14 -2.51
N SER A 33 7.93 -7.36 -1.57
CA SER A 33 7.12 -7.93 -0.50
C SER A 33 5.65 -7.60 -0.72
N THR A 34 4.86 -8.65 -0.93
CA THR A 34 3.43 -8.49 -1.15
C THR A 34 2.74 -8.10 0.14
N ILE A 35 2.02 -6.99 0.09
CA ILE A 35 1.29 -6.50 1.24
C ILE A 35 -0.21 -6.69 1.03
N ARG A 36 -0.71 -7.80 1.54
CA ARG A 36 -2.13 -8.11 1.40
C ARG A 36 -2.94 -7.32 2.43
N VAL A 37 -3.61 -6.28 1.93
CA VAL A 37 -4.42 -5.43 2.79
C VAL A 37 -5.86 -5.93 2.76
N GLY A 38 -6.39 -6.24 3.94
CA GLY A 38 -7.75 -6.73 4.05
C GLY A 38 -8.41 -6.21 5.34
N ARG A 39 -9.39 -6.95 5.81
CA ARG A 39 -10.11 -6.57 7.01
C ARG A 39 -9.63 -7.42 8.19
N ILE A 40 -9.35 -8.69 7.91
CA ILE A 40 -8.88 -9.59 8.93
C ILE A 40 -7.35 -9.73 8.84
N VAL A 41 -6.74 -9.87 10.00
CA VAL A 41 -5.29 -10.00 10.06
C VAL A 41 -4.88 -11.37 9.50
N ARG A 42 -5.72 -12.35 9.75
CA ARG A 42 -5.46 -13.70 9.27
C ARG A 42 -5.05 -13.67 7.80
N GLY A 43 -3.86 -14.18 7.54
CA GLY A 43 -3.34 -14.22 6.19
C GLY A 43 -3.48 -12.86 5.50
N ASN A 44 -2.76 -11.89 6.04
CA ASN A 44 -2.81 -10.54 5.50
C ASN A 44 -1.66 -9.72 6.10
N GLU A 45 -1.03 -8.92 5.25
CA GLU A 45 0.07 -8.09 5.68
C GLU A 45 -0.45 -6.91 6.51
N ILE A 46 -1.63 -6.43 6.14
CA ILE A 46 -2.24 -5.32 6.84
C ILE A 46 -3.75 -5.56 6.94
N ALA A 47 -4.29 -5.21 8.10
CA ALA A 47 -5.72 -5.39 8.34
C ALA A 47 -6.28 -4.12 8.97
N ILE A 48 -7.50 -3.79 8.58
CA ILE A 48 -8.16 -2.60 9.09
C ILE A 48 -9.58 -2.96 9.53
N LYS A 49 -9.93 -2.51 10.72
CA LYS A 49 -11.25 -2.78 11.27
C LYS A 49 -12.13 -1.54 11.08
N ASP A 50 -12.40 -1.25 9.82
CA ASP A 50 -13.23 -0.09 9.49
C ASP A 50 -14.59 -0.58 8.97
N ALA A 51 -14.67 -1.89 8.74
CA ALA A 51 -15.89 -2.50 8.25
C ALA A 51 -15.96 -2.34 6.73
N GLY A 52 -15.82 -1.11 6.27
CA GLY A 52 -15.86 -0.81 4.86
C GLY A 52 -14.97 -1.78 4.08
N ILE A 53 -13.91 -2.22 4.74
CA ILE A 53 -12.98 -3.15 4.11
C ILE A 53 -13.49 -4.58 4.30
N SER A 54 -12.85 -5.50 3.59
CA SER A 54 -13.22 -6.90 3.67
C SER A 54 -11.97 -7.77 3.78
N THR A 55 -12.20 -9.07 3.83
CA THR A 55 -11.09 -10.01 3.94
C THR A 55 -10.42 -10.21 2.58
N LYS A 56 -9.17 -9.76 2.51
CA LYS A 56 -8.41 -9.88 1.27
C LYS A 56 -8.97 -8.89 0.25
N HIS A 57 -9.52 -7.81 0.75
CA HIS A 57 -10.09 -6.78 -0.11
C HIS A 57 -9.21 -6.61 -1.35
N LEU A 58 -7.91 -6.42 -1.10
CA LEU A 58 -6.96 -6.24 -2.17
C LEU A 58 -5.56 -6.61 -1.69
N ARG A 59 -4.64 -6.74 -2.63
CA ARG A 59 -3.27 -7.08 -2.31
C ARG A 59 -2.30 -6.13 -3.00
N ILE A 60 -1.24 -5.78 -2.29
CA ILE A 60 -0.24 -4.89 -2.83
C ILE A 60 1.03 -5.67 -3.16
N GLU A 61 1.54 -5.44 -4.36
CA GLU A 61 2.74 -6.12 -4.81
C GLU A 61 3.64 -5.15 -5.57
N SER A 62 4.87 -5.59 -5.80
CA SER A 62 5.84 -4.78 -6.52
C SER A 62 6.43 -5.58 -7.67
N ASP A 63 6.59 -4.91 -8.81
CA ASP A 63 7.14 -5.55 -9.99
C ASP A 63 7.98 -4.53 -10.76
N SER A 64 8.84 -5.04 -11.63
CA SER A 64 9.69 -4.19 -12.43
C SER A 64 10.22 -3.02 -11.59
N GLY A 65 10.84 -3.38 -10.48
CA GLY A 65 11.38 -2.37 -9.58
C GLY A 65 10.37 -1.24 -9.35
N ASN A 66 9.11 -1.63 -9.24
CA ASN A 66 8.05 -0.66 -9.02
C ASN A 66 6.98 -1.29 -8.13
N TRP A 67 6.07 -0.44 -7.66
CA TRP A 67 4.99 -0.90 -6.81
C TRP A 67 3.67 -0.74 -7.57
N VAL A 68 2.81 -1.72 -7.42
CA VAL A 68 1.52 -1.71 -8.08
C VAL A 68 0.44 -2.19 -7.11
N ILE A 69 -0.80 -1.81 -7.42
CA ILE A 69 -1.92 -2.20 -6.58
C ILE A 69 -2.98 -2.89 -7.45
N GLN A 70 -3.67 -3.84 -6.83
CA GLN A 70 -4.70 -4.59 -7.53
C GLN A 70 -5.89 -4.84 -6.60
N ASP A 71 -7.07 -4.48 -7.08
CA ASP A 71 -8.29 -4.66 -6.31
C ASP A 71 -8.80 -6.09 -6.51
N LEU A 72 -8.69 -6.88 -5.46
CA LEU A 72 -9.13 -8.26 -5.51
C LEU A 72 -10.66 -8.29 -5.56
N GLY A 73 -11.19 -7.67 -6.61
CA GLY A 73 -12.63 -7.62 -6.80
C GLY A 73 -13.36 -7.59 -5.45
N SER A 74 -12.94 -6.67 -4.60
CA SER A 74 -13.54 -6.53 -3.29
C SER A 74 -15.06 -6.45 -3.42
N SER A 75 -15.57 -5.24 -3.42
CA SER A 75 -16.99 -5.01 -3.54
C SER A 75 -17.27 -3.54 -3.86
N ASN A 76 -16.85 -2.68 -2.94
CA ASN A 76 -17.05 -1.25 -3.12
C ASN A 76 -16.07 -0.72 -4.17
N GLY A 77 -14.82 -1.18 -4.05
CA GLY A 77 -13.78 -0.76 -4.97
C GLY A 77 -12.75 0.13 -4.28
N THR A 78 -11.57 0.19 -4.87
CA THR A 78 -10.50 1.01 -4.33
C THR A 78 -10.35 2.29 -5.13
N LEU A 79 -9.97 3.36 -4.44
CA LEU A 79 -9.78 4.64 -5.07
C LEU A 79 -8.31 5.06 -4.95
N LEU A 80 -7.82 5.69 -6.00
CA LEU A 80 -6.43 6.14 -6.02
C LEU A 80 -6.39 7.64 -6.37
N ASN A 81 -6.16 8.44 -5.34
CA ASN A 81 -6.10 9.89 -5.53
C ASN A 81 -7.49 10.41 -5.90
N SER A 82 -7.94 10.03 -7.08
CA SER A 82 -9.24 10.46 -7.56
C SER A 82 -9.67 9.59 -8.74
N ASN A 83 -9.52 8.29 -8.57
CA ASN A 83 -9.89 7.34 -9.61
C ASN A 83 -10.14 5.96 -8.99
N ALA A 84 -11.21 5.35 -9.43
CA ALA A 84 -11.58 4.03 -8.91
C ALA A 84 -10.77 2.97 -9.65
N LEU A 85 -10.05 2.17 -8.87
CA LEU A 85 -9.23 1.11 -9.43
C LEU A 85 -10.14 0.02 -10.01
N ASP A 86 -9.50 -0.93 -10.68
CA ASP A 86 -10.24 -2.04 -11.28
C ASP A 86 -9.54 -3.35 -10.95
N PRO A 87 -10.35 -4.44 -10.91
CA PRO A 87 -9.82 -5.76 -10.61
C PRO A 87 -9.05 -6.33 -11.80
N GLU A 88 -9.57 -6.03 -12.99
CA GLU A 88 -8.94 -6.50 -14.21
C GLU A 88 -7.90 -5.50 -14.71
N THR A 89 -7.46 -4.66 -13.78
CA THR A 89 -6.47 -3.64 -14.10
C THR A 89 -5.51 -3.44 -12.93
N SER A 90 -4.26 -3.17 -13.28
CA SER A 90 -3.24 -2.95 -12.26
C SER A 90 -2.53 -1.61 -12.51
N VAL A 91 -2.50 -0.79 -11.46
CA VAL A 91 -1.87 0.51 -11.55
C VAL A 91 -0.60 0.51 -10.70
N ASN A 92 0.36 1.32 -11.13
CA ASN A 92 1.62 1.43 -10.42
C ASN A 92 1.53 2.55 -9.39
N LEU A 93 1.65 2.16 -8.13
CA LEU A 93 1.58 3.13 -7.04
C LEU A 93 2.54 4.29 -7.33
N GLY A 94 2.54 5.25 -6.42
CA GLY A 94 3.40 6.41 -6.57
C GLY A 94 3.50 7.19 -5.26
N ASP A 95 4.64 7.83 -5.06
CA ASP A 95 4.88 8.61 -3.86
C ASP A 95 3.89 9.78 -3.82
N GLY A 96 2.93 9.66 -2.91
CA GLY A 96 1.92 10.71 -2.76
C GLY A 96 0.56 10.21 -3.27
N ASP A 97 0.48 8.92 -3.50
CA ASP A 97 -0.75 8.32 -3.97
C ASP A 97 -1.63 7.95 -2.78
N VAL A 98 -2.83 8.53 -2.77
CA VAL A 98 -3.77 8.27 -1.70
C VAL A 98 -4.71 7.13 -2.10
N ILE A 99 -4.74 6.11 -1.26
CA ILE A 99 -5.59 4.95 -1.52
C ILE A 99 -6.80 5.00 -0.60
N LYS A 100 -7.95 5.33 -1.20
CA LYS A 100 -9.18 5.42 -0.46
C LYS A 100 -9.96 4.11 -0.62
N LEU A 101 -9.96 3.32 0.44
CA LEU A 101 -10.66 2.04 0.42
C LEU A 101 -11.62 1.98 1.61
N GLY A 102 -12.46 0.96 1.60
CA GLY A 102 -13.44 0.78 2.66
C GLY A 102 -14.50 1.88 2.63
N GLU A 103 -14.64 2.55 3.76
CA GLU A 103 -15.61 3.63 3.88
C GLU A 103 -14.90 4.98 3.95
N TYR A 104 -14.04 5.10 4.95
CA TYR A 104 -13.29 6.33 5.15
C TYR A 104 -11.83 6.04 5.50
N THR A 105 -11.29 5.05 4.80
CA THR A 105 -9.90 4.66 5.01
C THR A 105 -9.03 5.11 3.85
N SER A 106 -8.05 5.95 4.17
CA SER A 106 -7.14 6.46 3.17
C SER A 106 -5.70 6.07 3.51
N ILE A 107 -5.00 5.59 2.49
CA ILE A 107 -3.61 5.17 2.67
C ILE A 107 -2.72 5.95 1.70
N LEU A 108 -1.69 6.56 2.26
CA LEU A 108 -0.76 7.33 1.47
C LEU A 108 0.45 6.47 1.11
N VAL A 109 0.89 6.59 -0.13
CA VAL A 109 2.02 5.83 -0.61
C VAL A 109 3.27 6.71 -0.57
N ASN A 110 4.22 6.30 0.27
CA ASN A 110 5.46 7.05 0.41
C ASN A 110 6.65 6.12 0.13
N PHE A 111 7.59 6.62 -0.65
CA PHE A 111 8.76 5.85 -1.00
C PHE A 111 9.95 6.22 -0.09
N VAL A 112 10.35 5.26 0.72
CA VAL A 112 11.47 5.47 1.63
C VAL A 112 12.74 4.89 1.01
N SER A 113 13.66 5.78 0.67
CA SER A 113 14.92 5.37 0.08
C SER A 113 15.87 4.87 1.17
N GLY A 114 15.91 3.55 1.32
CA GLY A 114 16.77 2.93 2.31
C GLY A 114 16.24 3.15 3.71
N PRO A 115 17.07 2.78 4.72
CA PRO A 115 16.68 2.94 6.11
C PRO A 115 16.77 4.40 6.54
N SER A 116 15.78 5.17 6.09
CA SER A 116 15.73 6.59 6.42
C SER A 116 14.81 6.81 7.61
N SER A 117 15.43 7.05 8.77
CA SER A 117 14.67 7.28 9.98
C SER A 117 14.10 8.70 9.98
N GLY A 118 12.91 8.83 10.57
CA GLY A 118 12.25 10.11 10.64
C GLY A 118 11.46 10.25 11.94
N GLY A 1 38.74 2.72 -3.14
CA GLY A 1 37.66 2.95 -2.18
C GLY A 1 37.88 2.13 -0.91
N SER A 2 37.23 2.56 0.16
CA SER A 2 37.35 1.88 1.43
C SER A 2 35.96 1.65 2.03
N SER A 3 35.28 0.64 1.50
CA SER A 3 33.95 0.30 1.96
C SER A 3 33.03 1.52 1.85
N GLY A 4 31.74 1.26 2.01
CA GLY A 4 30.76 2.32 1.93
C GLY A 4 30.02 2.29 0.58
N SER A 5 28.94 1.52 0.56
CA SER A 5 28.13 1.39 -0.64
C SER A 5 26.86 0.61 -0.34
N SER A 6 25.73 1.26 -0.60
CA SER A 6 24.44 0.64 -0.35
C SER A 6 23.32 1.54 -0.88
N GLY A 7 22.38 0.92 -1.59
CA GLY A 7 21.26 1.66 -2.15
C GLY A 7 20.39 0.75 -3.01
N MET A 8 19.12 0.64 -2.62
CA MET A 8 18.18 -0.19 -3.35
C MET A 8 17.34 0.66 -4.30
N VAL A 9 17.53 0.41 -5.59
CA VAL A 9 16.80 1.14 -6.62
C VAL A 9 15.31 1.13 -6.27
N THR A 10 14.90 0.04 -5.63
CA THR A 10 13.51 -0.10 -5.24
C THR A 10 13.26 0.49 -3.85
N PRO A 11 12.48 1.60 -3.82
CA PRO A 11 12.17 2.27 -2.57
C PRO A 11 11.15 1.47 -1.76
N SER A 12 11.36 1.46 -0.45
CA SER A 12 10.46 0.74 0.44
C SER A 12 9.04 1.26 0.28
N LEU A 13 8.09 0.43 0.69
CA LEU A 13 6.69 0.80 0.60
C LEU A 13 6.17 1.17 1.99
N ARG A 14 5.87 2.45 2.15
CA ARG A 14 5.38 2.95 3.42
C ARG A 14 3.91 3.38 3.28
N LEU A 15 3.04 2.58 3.87
CA LEU A 15 1.62 2.88 3.82
C LEU A 15 1.23 3.72 5.03
N VAL A 16 0.92 4.98 4.76
CA VAL A 16 0.54 5.90 5.82
C VAL A 16 -0.99 5.99 5.87
N PHE A 17 -1.53 5.76 7.06
CA PHE A 17 -2.97 5.82 7.26
C PHE A 17 -3.43 7.25 7.51
N VAL A 18 -3.71 7.96 6.42
CA VAL A 18 -4.16 9.33 6.52
C VAL A 18 -5.59 9.36 7.07
N LYS A 19 -6.33 8.32 6.73
CA LYS A 19 -7.71 8.22 7.19
C LYS A 19 -7.99 6.78 7.66
N GLY A 20 -9.25 6.51 7.92
CA GLY A 20 -9.66 5.19 8.37
C GLY A 20 -9.59 5.09 9.89
N PRO A 21 -9.81 3.85 10.40
CA PRO A 21 -9.77 3.60 11.83
C PRO A 21 -8.34 3.60 12.35
N ARG A 22 -7.40 3.47 11.42
CA ARG A 22 -5.99 3.45 11.78
C ARG A 22 -5.33 4.78 11.38
N GLU A 23 -6.17 5.78 11.18
CA GLU A 23 -5.68 7.10 10.78
C GLU A 23 -4.60 7.57 11.76
N GLY A 24 -3.40 7.74 11.25
CA GLY A 24 -2.29 8.20 12.06
C GLY A 24 -1.23 7.11 12.18
N ASP A 25 -1.52 5.96 11.59
CA ASP A 25 -0.61 4.84 11.62
C ASP A 25 0.12 4.74 10.28
N ALA A 26 1.28 4.08 10.31
CA ALA A 26 2.08 3.91 9.11
C ALA A 26 2.96 2.68 9.27
N LEU A 27 3.21 2.02 8.15
CA LEU A 27 4.04 0.82 8.14
C LEU A 27 5.11 0.96 7.05
N ASP A 28 6.01 -0.02 7.03
CA ASP A 28 7.09 -0.03 6.06
C ASP A 28 7.46 -1.48 5.72
N TYR A 29 7.84 -1.68 4.47
CA TYR A 29 8.22 -3.01 4.01
C TYR A 29 9.37 -2.93 3.01
N LYS A 30 9.85 -4.10 2.62
CA LYS A 30 10.94 -4.18 1.67
C LYS A 30 10.38 -4.32 0.26
N PRO A 31 11.26 -4.06 -0.75
CA PRO A 31 10.86 -4.15 -2.14
C PRO A 31 10.75 -5.61 -2.58
N GLY A 32 9.59 -5.94 -3.14
CA GLY A 32 9.35 -7.30 -3.61
C GLY A 32 8.56 -8.10 -2.58
N SER A 33 7.98 -7.37 -1.63
CA SER A 33 7.19 -8.01 -0.58
C SER A 33 5.72 -7.63 -0.74
N THR A 34 4.94 -8.62 -1.16
CA THR A 34 3.52 -8.41 -1.36
C THR A 34 2.84 -8.03 -0.04
N ILE A 35 2.09 -6.94 -0.09
CA ILE A 35 1.40 -6.46 1.09
C ILE A 35 -0.12 -6.58 0.88
N ARG A 36 -0.66 -7.69 1.34
CA ARG A 36 -2.08 -7.94 1.21
C ARG A 36 -2.87 -7.12 2.25
N VAL A 37 -3.56 -6.11 1.76
CA VAL A 37 -4.35 -5.26 2.62
C VAL A 37 -5.81 -5.73 2.61
N GLY A 38 -6.28 -6.10 3.79
CA GLY A 38 -7.66 -6.57 3.94
C GLY A 38 -8.30 -6.00 5.20
N ARG A 39 -9.19 -6.80 5.78
CA ARG A 39 -9.88 -6.39 6.99
C ARG A 39 -9.35 -7.17 8.20
N ILE A 40 -8.82 -8.36 7.91
CA ILE A 40 -8.27 -9.21 8.95
C ILE A 40 -6.76 -9.36 8.74
N VAL A 41 -6.02 -9.19 9.83
CA VAL A 41 -4.58 -9.31 9.78
C VAL A 41 -4.19 -10.78 9.63
N ARG A 42 -5.08 -11.64 10.10
CA ARG A 42 -4.85 -13.07 10.02
C ARG A 42 -3.99 -13.41 8.80
N GLY A 43 -4.67 -13.64 7.69
CA GLY A 43 -3.99 -13.97 6.45
C GLY A 43 -3.83 -12.72 5.57
N ASN A 44 -3.15 -11.73 6.11
CA ASN A 44 -2.92 -10.49 5.38
C ASN A 44 -1.83 -9.68 6.10
N GLU A 45 -1.03 -9.00 5.30
CA GLU A 45 0.06 -8.18 5.84
C GLU A 45 -0.52 -7.03 6.66
N ILE A 46 -1.52 -6.38 6.10
CA ILE A 46 -2.17 -5.26 6.76
C ILE A 46 -3.68 -5.45 6.72
N ALA A 47 -4.32 -5.04 7.81
CA ALA A 47 -5.77 -5.17 7.91
C ALA A 47 -6.33 -3.89 8.54
N ILE A 48 -7.61 -3.63 8.24
CA ILE A 48 -8.27 -2.46 8.78
C ILE A 48 -9.63 -2.86 9.35
N LYS A 49 -9.98 -2.24 10.47
CA LYS A 49 -11.24 -2.52 11.13
C LYS A 49 -12.33 -1.62 10.54
N ASP A 50 -12.71 -1.94 9.31
CA ASP A 50 -13.74 -1.17 8.62
C ASP A 50 -14.56 -2.12 7.74
N ALA A 51 -15.85 -2.18 8.04
CA ALA A 51 -16.76 -3.03 7.28
C ALA A 51 -16.54 -2.79 5.78
N GLY A 52 -16.13 -1.56 5.47
CA GLY A 52 -15.91 -1.18 4.09
C GLY A 52 -14.80 -2.03 3.47
N ILE A 53 -13.95 -2.58 4.34
CA ILE A 53 -12.85 -3.41 3.89
C ILE A 53 -13.17 -4.88 4.21
N SER A 54 -12.83 -5.74 3.26
CA SER A 54 -13.06 -7.16 3.42
C SER A 54 -11.75 -7.88 3.72
N THR A 55 -11.88 -9.17 4.05
CA THR A 55 -10.71 -9.97 4.35
C THR A 55 -9.68 -9.88 3.21
N LYS A 56 -10.18 -10.06 2.00
CA LYS A 56 -9.34 -10.00 0.82
C LYS A 56 -9.78 -8.83 -0.06
N HIS A 57 -9.75 -7.64 0.52
CA HIS A 57 -10.14 -6.45 -0.21
C HIS A 57 -9.29 -6.32 -1.48
N LEU A 58 -8.01 -6.08 -1.28
CA LEU A 58 -7.09 -5.93 -2.40
C LEU A 58 -5.72 -6.46 -1.98
N ARG A 59 -4.82 -6.51 -2.96
CA ARG A 59 -3.47 -6.99 -2.72
C ARG A 59 -2.45 -6.04 -3.33
N ILE A 60 -1.40 -5.78 -2.57
CA ILE A 60 -0.34 -4.88 -3.02
C ILE A 60 0.94 -5.69 -3.26
N GLU A 61 1.57 -5.42 -4.39
CA GLU A 61 2.81 -6.10 -4.74
C GLU A 61 3.74 -5.16 -5.50
N SER A 62 4.96 -5.64 -5.71
CA SER A 62 5.96 -4.84 -6.40
C SER A 62 6.55 -5.66 -7.56
N ASP A 63 6.79 -4.98 -8.67
CA ASP A 63 7.35 -5.63 -9.84
C ASP A 63 8.23 -4.63 -10.60
N SER A 64 9.16 -5.17 -11.36
CA SER A 64 10.07 -4.34 -12.14
C SER A 64 10.52 -3.14 -11.31
N GLY A 65 11.22 -3.45 -10.23
CA GLY A 65 11.73 -2.40 -9.34
C GLY A 65 10.71 -1.28 -9.19
N ASN A 66 9.47 -1.68 -8.96
CA ASN A 66 8.38 -0.71 -8.79
C ASN A 66 7.26 -1.34 -7.96
N TRP A 67 6.35 -0.49 -7.52
CA TRP A 67 5.23 -0.95 -6.73
C TRP A 67 3.95 -0.77 -7.55
N VAL A 68 3.07 -1.74 -7.42
CA VAL A 68 1.80 -1.71 -8.14
C VAL A 68 0.67 -2.13 -7.21
N ILE A 69 -0.50 -1.55 -7.46
CA ILE A 69 -1.66 -1.86 -6.64
C ILE A 69 -2.69 -2.62 -7.50
N GLN A 70 -3.36 -3.56 -6.86
CA GLN A 70 -4.36 -4.37 -7.54
C GLN A 70 -5.62 -4.48 -6.69
N ASP A 71 -6.73 -4.01 -7.24
CA ASP A 71 -8.00 -4.06 -6.54
C ASP A 71 -8.68 -5.41 -6.81
N LEU A 72 -8.68 -6.26 -5.79
CA LEU A 72 -9.29 -7.57 -5.92
C LEU A 72 -10.81 -7.42 -5.94
N GLY A 73 -11.29 -6.66 -6.92
CA GLY A 73 -12.71 -6.44 -7.06
C GLY A 73 -13.40 -6.39 -5.69
N SER A 74 -12.77 -5.68 -4.77
CA SER A 74 -13.31 -5.54 -3.43
C SER A 74 -14.80 -5.22 -3.49
N SER A 75 -15.43 -5.26 -2.32
CA SER A 75 -16.85 -4.98 -2.22
C SER A 75 -17.21 -3.79 -3.12
N ASN A 76 -16.92 -2.60 -2.62
CA ASN A 76 -17.20 -1.39 -3.35
C ASN A 76 -16.12 -1.17 -4.42
N GLY A 77 -14.90 -1.03 -3.95
CA GLY A 77 -13.77 -0.83 -4.85
C GLY A 77 -12.65 -0.06 -4.15
N THR A 78 -11.63 0.28 -4.93
CA THR A 78 -10.49 1.01 -4.40
C THR A 78 -10.25 2.28 -5.22
N LEU A 79 -10.28 3.41 -4.52
CA LEU A 79 -10.06 4.70 -5.16
C LEU A 79 -8.59 5.09 -5.02
N LEU A 80 -8.09 5.77 -6.04
CA LEU A 80 -6.71 6.22 -6.04
C LEU A 80 -6.66 7.72 -6.33
N ASN A 81 -6.40 8.48 -5.28
CA ASN A 81 -6.32 9.93 -5.40
C ASN A 81 -7.72 10.48 -5.73
N SER A 82 -8.16 10.18 -6.94
CA SER A 82 -9.46 10.63 -7.41
C SER A 82 -9.89 9.84 -8.63
N ASN A 83 -10.00 8.53 -8.45
CA ASN A 83 -10.40 7.64 -9.52
C ASN A 83 -10.56 6.22 -8.98
N ALA A 84 -11.63 5.57 -9.42
CA ALA A 84 -11.92 4.21 -8.99
C ALA A 84 -11.05 3.24 -9.79
N LEU A 85 -10.18 2.54 -9.07
CA LEU A 85 -9.29 1.58 -9.70
C LEU A 85 -10.13 0.53 -10.45
N ASP A 86 -9.43 -0.40 -11.07
CA ASP A 86 -10.09 -1.46 -11.83
C ASP A 86 -9.49 -2.81 -11.42
N PRO A 87 -10.39 -3.83 -11.32
CA PRO A 87 -9.97 -5.16 -10.95
C PRO A 87 -9.27 -5.86 -12.13
N GLU A 88 -9.63 -5.44 -13.33
CA GLU A 88 -9.05 -6.01 -14.53
C GLU A 88 -7.91 -5.12 -15.04
N THR A 89 -7.23 -4.48 -14.09
CA THR A 89 -6.13 -3.60 -14.43
C THR A 89 -5.19 -3.44 -13.23
N SER A 90 -3.93 -3.18 -13.53
CA SER A 90 -2.93 -2.99 -12.48
C SER A 90 -2.28 -1.61 -12.63
N VAL A 91 -2.32 -0.87 -11.54
CA VAL A 91 -1.74 0.47 -11.53
C VAL A 91 -0.41 0.43 -10.77
N ASN A 92 0.42 1.43 -11.06
CA ASN A 92 1.72 1.53 -10.41
C ASN A 92 1.67 2.60 -9.32
N LEU A 93 1.73 2.13 -8.08
CA LEU A 93 1.70 3.04 -6.95
C LEU A 93 2.70 4.17 -7.18
N GLY A 94 2.55 5.22 -6.37
CA GLY A 94 3.43 6.37 -6.48
C GLY A 94 3.53 7.10 -5.14
N ASP A 95 4.67 7.75 -4.94
CA ASP A 95 4.91 8.49 -3.71
C ASP A 95 3.91 9.65 -3.62
N GLY A 96 3.06 9.58 -2.61
CA GLY A 96 2.06 10.60 -2.39
C GLY A 96 0.70 10.17 -2.96
N ASP A 97 0.56 8.87 -3.14
CA ASP A 97 -0.68 8.32 -3.69
C ASP A 97 -1.62 7.99 -2.53
N VAL A 98 -2.83 8.55 -2.61
CA VAL A 98 -3.82 8.31 -1.58
C VAL A 98 -4.78 7.22 -2.05
N ILE A 99 -4.82 6.14 -1.28
CA ILE A 99 -5.69 5.02 -1.61
C ILE A 99 -6.91 5.05 -0.71
N LYS A 100 -8.07 5.32 -1.33
CA LYS A 100 -9.31 5.39 -0.59
C LYS A 100 -10.05 4.05 -0.73
N LEU A 101 -10.01 3.28 0.35
CA LEU A 101 -10.67 1.99 0.37
C LEU A 101 -11.61 1.91 1.57
N GLY A 102 -12.65 1.10 1.42
CA GLY A 102 -13.63 0.94 2.48
C GLY A 102 -14.64 2.08 2.47
N GLU A 103 -14.93 2.60 3.66
CA GLU A 103 -15.86 3.69 3.80
C GLU A 103 -15.12 5.01 3.96
N TYR A 104 -14.39 5.11 5.07
CA TYR A 104 -13.62 6.32 5.35
C TYR A 104 -12.18 5.98 5.72
N THR A 105 -11.56 5.16 4.88
CA THR A 105 -10.19 4.75 5.09
C THR A 105 -9.31 5.16 3.90
N SER A 106 -8.27 5.91 4.20
CA SER A 106 -7.35 6.36 3.17
C SER A 106 -5.92 5.96 3.53
N ILE A 107 -5.19 5.53 2.51
CA ILE A 107 -3.81 5.12 2.71
C ILE A 107 -2.90 5.95 1.81
N LEU A 108 -1.76 6.33 2.37
CA LEU A 108 -0.80 7.14 1.63
C LEU A 108 0.43 6.28 1.30
N VAL A 109 0.93 6.46 0.08
CA VAL A 109 2.08 5.71 -0.37
C VAL A 109 3.32 6.62 -0.34
N ASN A 110 4.33 6.18 0.39
CA ASN A 110 5.57 6.93 0.50
C ASN A 110 6.75 6.03 0.19
N PHE A 111 7.61 6.51 -0.70
CA PHE A 111 8.78 5.74 -1.09
C PHE A 111 9.99 6.11 -0.22
N VAL A 112 10.35 5.19 0.67
CA VAL A 112 11.47 5.40 1.56
C VAL A 112 12.73 4.82 0.93
N SER A 113 13.84 5.54 1.12
CA SER A 113 15.11 5.11 0.56
C SER A 113 16.21 5.26 1.63
N GLY A 114 16.23 4.31 2.55
CA GLY A 114 17.22 4.32 3.61
C GLY A 114 16.67 5.01 4.86
N PRO A 115 17.47 4.95 5.95
CA PRO A 115 17.08 5.57 7.21
C PRO A 115 17.24 7.09 7.15
N SER A 116 16.11 7.76 6.96
CA SER A 116 16.12 9.21 6.88
C SER A 116 16.61 9.81 8.19
N SER A 117 17.25 10.97 8.07
CA SER A 117 17.78 11.66 9.24
C SER A 117 17.67 13.17 9.06
N GLY A 118 17.41 13.85 10.16
CA GLY A 118 17.28 15.30 10.14
C GLY A 118 18.52 15.97 10.71
N GLY A 1 30.04 -12.57 6.15
CA GLY A 1 31.29 -11.87 6.41
C GLY A 1 31.51 -10.75 5.38
N SER A 2 32.43 -9.87 5.72
CA SER A 2 32.75 -8.76 4.84
C SER A 2 31.53 -7.85 4.68
N SER A 3 31.79 -6.55 4.74
CA SER A 3 30.72 -5.57 4.60
C SER A 3 30.72 -5.00 3.18
N GLY A 4 29.53 -4.64 2.74
CA GLY A 4 29.37 -4.08 1.40
C GLY A 4 27.90 -3.76 1.11
N SER A 5 27.65 -2.49 0.82
CA SER A 5 26.30 -2.04 0.52
C SER A 5 26.32 -1.07 -0.67
N SER A 6 25.73 -1.51 -1.76
CA SER A 6 25.67 -0.71 -2.96
C SER A 6 24.59 0.38 -2.82
N GLY A 7 23.34 -0.08 -2.83
CA GLY A 7 22.22 0.84 -2.70
C GLY A 7 20.89 0.10 -2.89
N MET A 8 19.94 0.80 -3.48
CA MET A 8 18.63 0.22 -3.72
C MET A 8 17.94 0.91 -4.91
N VAL A 9 17.33 0.09 -5.75
CA VAL A 9 16.63 0.60 -6.92
C VAL A 9 15.12 0.51 -6.68
N THR A 10 14.76 0.11 -5.47
CA THR A 10 13.36 -0.02 -5.11
C THR A 10 13.14 0.48 -3.69
N PRO A 11 12.39 1.61 -3.58
CA PRO A 11 12.09 2.20 -2.29
C PRO A 11 11.03 1.38 -1.55
N SER A 12 11.24 1.22 -0.25
CA SER A 12 10.31 0.47 0.58
C SER A 12 8.91 1.07 0.47
N LEU A 13 7.91 0.23 0.72
CA LEU A 13 6.54 0.67 0.66
C LEU A 13 6.09 1.16 2.04
N ARG A 14 5.90 2.46 2.14
CA ARG A 14 5.48 3.06 3.39
C ARG A 14 4.03 3.54 3.29
N LEU A 15 3.14 2.74 3.87
CA LEU A 15 1.72 3.06 3.85
C LEU A 15 1.38 3.90 5.09
N VAL A 16 0.88 5.10 4.84
CA VAL A 16 0.51 6.00 5.91
C VAL A 16 -1.02 6.14 5.94
N PHE A 17 -1.58 5.86 7.11
CA PHE A 17 -3.02 5.96 7.29
C PHE A 17 -3.43 7.39 7.64
N VAL A 18 -3.80 8.13 6.61
CA VAL A 18 -4.22 9.51 6.78
C VAL A 18 -5.68 9.54 7.24
N LYS A 19 -6.39 8.48 6.89
CA LYS A 19 -7.80 8.37 7.27
C LYS A 19 -8.07 6.96 7.81
N GLY A 20 -9.35 6.69 8.02
CA GLY A 20 -9.75 5.39 8.53
C GLY A 20 -9.56 5.32 10.05
N PRO A 21 -9.79 4.09 10.60
CA PRO A 21 -9.65 3.88 12.02
C PRO A 21 -8.17 3.83 12.43
N ARG A 22 -7.33 3.50 11.45
CA ARG A 22 -5.90 3.42 11.69
C ARG A 22 -5.25 4.79 11.50
N GLU A 23 -6.07 5.75 11.12
CA GLU A 23 -5.59 7.10 10.91
C GLU A 23 -4.51 7.45 11.93
N GLY A 24 -3.31 7.69 11.43
CA GLY A 24 -2.18 8.03 12.28
C GLY A 24 -1.19 6.87 12.35
N ASP A 25 -1.55 5.77 11.71
CA ASP A 25 -0.70 4.59 11.70
C ASP A 25 0.03 4.50 10.35
N ALA A 26 1.20 3.89 10.38
CA ALA A 26 1.99 3.74 9.18
C ALA A 26 2.80 2.44 9.27
N LEU A 27 3.19 1.93 8.11
CA LEU A 27 3.97 0.71 8.05
C LEU A 27 5.07 0.86 7.01
N ASP A 28 5.92 -0.15 6.94
CA ASP A 28 7.02 -0.15 5.99
C ASP A 28 7.33 -1.58 5.57
N TYR A 29 7.53 -1.75 4.27
CA TYR A 29 7.84 -3.06 3.73
C TYR A 29 8.91 -2.97 2.64
N LYS A 30 9.75 -4.00 2.60
CA LYS A 30 10.82 -4.04 1.61
C LYS A 30 10.23 -4.28 0.22
N PRO A 31 11.07 -4.03 -0.82
CA PRO A 31 10.64 -4.21 -2.19
C PRO A 31 10.57 -5.70 -2.55
N GLY A 32 9.47 -6.06 -3.20
CA GLY A 32 9.27 -7.45 -3.61
C GLY A 32 8.46 -8.21 -2.56
N SER A 33 7.86 -7.46 -1.65
CA SER A 33 7.07 -8.06 -0.59
C SER A 33 5.59 -7.70 -0.79
N THR A 34 4.80 -8.73 -1.07
CA THR A 34 3.38 -8.55 -1.29
C THR A 34 2.69 -8.17 0.02
N ILE A 35 1.90 -7.11 -0.05
CA ILE A 35 1.18 -6.63 1.10
C ILE A 35 -0.33 -6.79 0.87
N ARG A 36 -0.88 -7.84 1.45
CA ARG A 36 -2.30 -8.10 1.31
C ARG A 36 -3.10 -7.27 2.32
N VAL A 37 -3.67 -6.18 1.81
CA VAL A 37 -4.47 -5.30 2.64
C VAL A 37 -5.93 -5.75 2.63
N GLY A 38 -6.45 -6.00 3.82
CA GLY A 38 -7.83 -6.44 3.95
C GLY A 38 -8.43 -5.96 5.27
N ARG A 39 -9.51 -6.63 5.67
CA ARG A 39 -10.19 -6.27 6.91
C ARG A 39 -9.71 -7.18 8.05
N ILE A 40 -9.34 -8.40 7.68
CA ILE A 40 -8.87 -9.37 8.66
C ILE A 40 -7.34 -9.35 8.68
N VAL A 41 -6.80 -9.73 9.84
CA VAL A 41 -5.36 -9.76 10.01
C VAL A 41 -4.83 -11.15 9.63
N ARG A 42 -5.61 -12.16 10.01
CA ARG A 42 -5.24 -13.53 9.72
C ARG A 42 -4.56 -13.63 8.34
N GLY A 43 -3.24 -13.69 8.37
CA GLY A 43 -2.48 -13.78 7.13
C GLY A 43 -2.27 -12.39 6.52
N ASN A 44 -3.39 -11.75 6.20
CA ASN A 44 -3.36 -10.43 5.60
C ASN A 44 -2.25 -9.61 6.27
N GLU A 45 -1.48 -8.92 5.43
CA GLU A 45 -0.39 -8.09 5.92
C GLU A 45 -0.93 -6.94 6.77
N ILE A 46 -1.81 -6.16 6.16
CA ILE A 46 -2.41 -5.04 6.85
C ILE A 46 -3.91 -5.26 6.99
N ALA A 47 -4.42 -4.95 8.17
CA ALA A 47 -5.84 -5.13 8.45
C ALA A 47 -6.37 -3.87 9.14
N ILE A 48 -7.58 -3.49 8.76
CA ILE A 48 -8.21 -2.32 9.34
C ILE A 48 -9.63 -2.68 9.80
N LYS A 49 -9.82 -2.64 11.10
CA LYS A 49 -11.12 -2.97 11.67
C LYS A 49 -12.07 -1.79 11.46
N ASP A 50 -12.45 -1.60 10.22
CA ASP A 50 -13.36 -0.52 9.86
C ASP A 50 -14.73 -1.11 9.50
N ALA A 51 -14.83 -1.56 8.25
CA ALA A 51 -16.06 -2.14 7.77
C ALA A 51 -16.05 -2.15 6.24
N GLY A 52 -15.89 -0.96 5.68
CA GLY A 52 -15.86 -0.83 4.23
C GLY A 52 -14.82 -1.78 3.61
N ILE A 53 -13.90 -2.22 4.45
CA ILE A 53 -12.85 -3.12 4.00
C ILE A 53 -13.29 -4.57 4.23
N SER A 54 -12.93 -5.42 3.29
CA SER A 54 -13.28 -6.83 3.37
C SER A 54 -12.01 -7.67 3.56
N THR A 55 -12.21 -8.86 4.12
CA THR A 55 -11.11 -9.76 4.35
C THR A 55 -10.09 -9.69 3.21
N LYS A 56 -10.59 -9.96 2.01
CA LYS A 56 -9.75 -9.91 0.83
C LYS A 56 -10.17 -8.74 -0.06
N HIS A 57 -9.87 -7.54 0.44
CA HIS A 57 -10.21 -6.33 -0.29
C HIS A 57 -9.33 -6.22 -1.54
N LEU A 58 -8.04 -6.06 -1.29
CA LEU A 58 -7.09 -5.94 -2.39
C LEU A 58 -5.70 -6.40 -1.90
N ARG A 59 -4.80 -6.55 -2.86
CA ARG A 59 -3.44 -6.97 -2.55
C ARG A 59 -2.43 -6.03 -3.19
N ILE A 60 -1.27 -5.93 -2.55
CA ILE A 60 -0.21 -5.07 -3.05
C ILE A 60 1.02 -5.92 -3.36
N GLU A 61 1.69 -5.56 -4.45
CA GLU A 61 2.88 -6.28 -4.86
C GLU A 61 3.78 -5.37 -5.71
N SER A 62 5.04 -5.78 -5.81
CA SER A 62 6.01 -5.02 -6.58
C SER A 62 6.63 -5.90 -7.67
N ASP A 63 6.90 -5.27 -8.81
CA ASP A 63 7.48 -5.98 -9.93
C ASP A 63 8.35 -5.02 -10.74
N SER A 64 9.44 -5.56 -11.27
CA SER A 64 10.37 -4.76 -12.06
C SER A 64 10.81 -3.54 -11.27
N GLY A 65 11.28 -3.79 -10.05
CA GLY A 65 11.74 -2.71 -9.19
C GLY A 65 10.71 -1.58 -9.14
N ASN A 66 9.45 -1.96 -9.00
CA ASN A 66 8.37 -0.99 -8.94
C ASN A 66 7.24 -1.55 -8.07
N TRP A 67 6.34 -0.66 -7.68
CA TRP A 67 5.21 -1.05 -6.85
C TRP A 67 3.93 -0.92 -7.69
N VAL A 68 3.05 -1.89 -7.52
CA VAL A 68 1.80 -1.90 -8.25
C VAL A 68 0.66 -2.27 -7.30
N ILE A 69 -0.52 -1.76 -7.61
CA ILE A 69 -1.69 -2.03 -6.80
C ILE A 69 -2.77 -2.69 -7.66
N GLN A 70 -3.53 -3.58 -7.03
CA GLN A 70 -4.59 -4.29 -7.73
C GLN A 70 -5.81 -4.44 -6.81
N ASP A 71 -6.93 -3.95 -7.31
CA ASP A 71 -8.17 -4.02 -6.56
C ASP A 71 -8.83 -5.39 -6.79
N LEU A 72 -8.76 -6.22 -5.76
CA LEU A 72 -9.34 -7.56 -5.84
C LEU A 72 -10.87 -7.45 -5.81
N GLY A 73 -11.40 -6.72 -6.79
CA GLY A 73 -12.83 -6.54 -6.88
C GLY A 73 -13.46 -6.45 -5.49
N SER A 74 -12.94 -5.53 -4.70
CA SER A 74 -13.44 -5.33 -3.35
C SER A 74 -14.85 -4.73 -3.40
N SER A 75 -15.36 -4.41 -2.22
CA SER A 75 -16.68 -3.82 -2.11
C SER A 75 -16.62 -2.33 -2.45
N ASN A 76 -17.60 -1.89 -3.22
CA ASN A 76 -17.67 -0.48 -3.63
C ASN A 76 -16.59 -0.21 -4.67
N GLY A 77 -15.35 -0.44 -4.27
CA GLY A 77 -14.22 -0.22 -5.15
C GLY A 77 -13.12 0.56 -4.45
N THR A 78 -11.94 0.56 -5.06
CA THR A 78 -10.81 1.28 -4.51
C THR A 78 -10.59 2.60 -5.26
N LEU A 79 -10.15 3.60 -4.50
CA LEU A 79 -9.89 4.90 -5.07
C LEU A 79 -8.41 5.23 -4.95
N LEU A 80 -7.89 5.87 -5.99
CA LEU A 80 -6.48 6.25 -6.02
C LEU A 80 -6.35 7.74 -6.32
N ASN A 81 -6.04 8.49 -5.28
CA ASN A 81 -5.89 9.94 -5.43
C ASN A 81 -7.24 10.54 -5.81
N SER A 82 -7.62 10.31 -7.05
CA SER A 82 -8.89 10.83 -7.56
C SER A 82 -9.35 10.01 -8.77
N ASN A 83 -9.64 8.75 -8.51
CA ASN A 83 -10.08 7.86 -9.57
C ASN A 83 -10.31 6.46 -8.98
N ALA A 84 -11.42 5.86 -9.39
CA ALA A 84 -11.77 4.53 -8.92
C ALA A 84 -10.97 3.49 -9.70
N LEU A 85 -10.18 2.72 -8.97
CA LEU A 85 -9.36 1.68 -9.59
C LEU A 85 -10.26 0.62 -10.21
N ASP A 86 -9.63 -0.36 -10.85
CA ASP A 86 -10.37 -1.43 -11.49
C ASP A 86 -9.73 -2.77 -11.13
N PRO A 87 -10.58 -3.83 -11.10
CA PRO A 87 -10.10 -5.17 -10.76
C PRO A 87 -9.32 -5.77 -11.94
N GLU A 88 -9.80 -5.48 -13.13
CA GLU A 88 -9.15 -5.99 -14.34
C GLU A 88 -8.10 -5.00 -14.84
N THR A 89 -7.50 -4.29 -13.89
CA THR A 89 -6.47 -3.32 -14.21
C THR A 89 -5.49 -3.16 -13.05
N SER A 90 -4.23 -2.96 -13.39
CA SER A 90 -3.20 -2.79 -12.38
C SER A 90 -2.40 -1.52 -12.67
N VAL A 91 -2.26 -0.69 -11.64
CA VAL A 91 -1.52 0.55 -11.77
C VAL A 91 -0.23 0.45 -10.96
N ASN A 92 0.68 1.37 -11.26
CA ASN A 92 1.96 1.40 -10.57
C ASN A 92 1.91 2.44 -9.45
N LEU A 93 1.99 1.94 -8.22
CA LEU A 93 1.95 2.81 -7.06
C LEU A 93 2.91 3.98 -7.26
N GLY A 94 2.58 5.09 -6.63
CA GLY A 94 3.41 6.28 -6.73
C GLY A 94 3.49 7.02 -5.40
N ASP A 95 4.59 7.73 -5.22
CA ASP A 95 4.82 8.48 -3.99
C ASP A 95 3.81 9.63 -3.91
N GLY A 96 3.01 9.61 -2.85
CA GLY A 96 2.01 10.64 -2.65
C GLY A 96 0.65 10.20 -3.20
N ASP A 97 0.52 8.90 -3.39
CA ASP A 97 -0.71 8.34 -3.92
C ASP A 97 -1.63 7.99 -2.75
N VAL A 98 -2.80 8.64 -2.74
CA VAL A 98 -3.77 8.42 -1.70
C VAL A 98 -4.68 7.25 -2.09
N ILE A 99 -4.74 6.27 -1.20
CA ILE A 99 -5.57 5.09 -1.44
C ILE A 99 -6.79 5.13 -0.54
N LYS A 100 -7.90 5.54 -1.12
CA LYS A 100 -9.15 5.63 -0.38
C LYS A 100 -9.95 4.34 -0.57
N LEU A 101 -9.95 3.53 0.48
CA LEU A 101 -10.67 2.26 0.43
C LEU A 101 -11.62 2.18 1.62
N GLY A 102 -12.61 1.30 1.50
CA GLY A 102 -13.58 1.12 2.56
C GLY A 102 -14.58 2.28 2.60
N GLU A 103 -14.83 2.77 3.81
CA GLU A 103 -15.76 3.87 3.99
C GLU A 103 -14.99 5.19 4.06
N TYR A 104 -14.24 5.35 5.14
CA TYR A 104 -13.46 6.55 5.35
C TYR A 104 -12.01 6.21 5.68
N THR A 105 -11.46 5.28 4.92
CA THR A 105 -10.08 4.86 5.12
C THR A 105 -9.21 5.28 3.94
N SER A 106 -8.14 5.99 4.26
CA SER A 106 -7.23 6.46 3.23
C SER A 106 -5.78 6.06 3.59
N ILE A 107 -5.06 5.63 2.57
CA ILE A 107 -3.68 5.22 2.77
C ILE A 107 -2.77 6.01 1.81
N LEU A 108 -1.75 6.63 2.38
CA LEU A 108 -0.82 7.41 1.60
C LEU A 108 0.40 6.54 1.26
N VAL A 109 0.78 6.61 0.00
CA VAL A 109 1.93 5.84 -0.48
C VAL A 109 3.17 6.75 -0.49
N ASN A 110 4.15 6.37 0.33
CA ASN A 110 5.38 7.13 0.41
C ASN A 110 6.56 6.20 0.12
N PHE A 111 7.37 6.61 -0.85
CA PHE A 111 8.54 5.83 -1.22
C PHE A 111 9.74 6.18 -0.34
N VAL A 112 10.16 5.20 0.44
CA VAL A 112 11.28 5.39 1.33
C VAL A 112 12.57 4.94 0.62
N SER A 113 13.52 5.86 0.57
CA SER A 113 14.79 5.58 -0.08
C SER A 113 15.83 6.62 0.33
N GLY A 114 15.59 7.85 -0.12
CA GLY A 114 16.49 8.95 0.19
C GLY A 114 16.44 10.02 -0.90
N PRO A 115 17.08 11.18 -0.60
CA PRO A 115 17.11 12.28 -1.54
C PRO A 115 18.08 12.00 -2.69
N SER A 116 17.79 12.61 -3.82
CA SER A 116 18.62 12.44 -5.01
C SER A 116 19.65 13.58 -5.10
N SER A 117 20.91 13.19 -5.03
CA SER A 117 21.99 14.17 -5.11
C SER A 117 23.20 13.55 -5.80
N GLY A 118 23.82 14.34 -6.67
CA GLY A 118 24.98 13.89 -7.41
C GLY A 118 25.14 14.66 -8.71
N GLY A 1 33.55 -7.70 -8.42
CA GLY A 1 32.36 -7.44 -7.63
C GLY A 1 32.66 -7.54 -6.13
N SER A 2 32.75 -6.39 -5.50
CA SER A 2 33.03 -6.32 -4.07
C SER A 2 32.29 -5.15 -3.44
N SER A 3 31.71 -5.41 -2.28
CA SER A 3 30.97 -4.38 -1.56
C SER A 3 29.83 -3.85 -2.42
N GLY A 4 28.82 -3.32 -1.75
CA GLY A 4 27.66 -2.78 -2.45
C GLY A 4 28.01 -1.49 -3.19
N SER A 5 27.20 -1.19 -4.19
CA SER A 5 27.42 0.00 -5.00
C SER A 5 26.41 1.09 -4.59
N SER A 6 26.87 2.00 -3.75
CA SER A 6 26.03 3.08 -3.29
C SER A 6 25.24 3.67 -4.46
N GLY A 7 23.92 3.69 -4.30
CA GLY A 7 23.05 4.22 -5.33
C GLY A 7 21.61 4.30 -4.84
N MET A 8 20.70 3.82 -5.68
CA MET A 8 19.28 3.82 -5.36
C MET A 8 18.60 2.56 -5.87
N VAL A 9 17.80 1.96 -5.00
CA VAL A 9 17.08 0.75 -5.35
C VAL A 9 15.61 0.89 -4.96
N THR A 10 14.82 -0.09 -5.35
CA THR A 10 13.40 -0.08 -5.04
C THR A 10 13.17 0.45 -3.63
N PRO A 11 12.42 1.57 -3.55
CA PRO A 11 12.12 2.19 -2.27
C PRO A 11 11.06 1.39 -1.52
N SER A 12 11.24 1.28 -0.21
CA SER A 12 10.31 0.56 0.63
C SER A 12 8.91 1.17 0.51
N LEU A 13 7.91 0.33 0.71
CA LEU A 13 6.53 0.77 0.63
C LEU A 13 6.07 1.22 2.02
N ARG A 14 5.86 2.53 2.14
CA ARG A 14 5.42 3.10 3.40
C ARG A 14 3.95 3.48 3.32
N LEU A 15 3.12 2.72 4.01
CA LEU A 15 1.68 2.97 4.02
C LEU A 15 1.35 3.86 5.21
N VAL A 16 0.96 5.09 4.90
CA VAL A 16 0.60 6.06 5.92
C VAL A 16 -0.92 6.14 6.02
N PHE A 17 -1.42 5.92 7.23
CA PHE A 17 -2.86 5.98 7.47
C PHE A 17 -3.32 7.41 7.74
N VAL A 18 -3.63 8.11 6.66
CA VAL A 18 -4.09 9.49 6.76
C VAL A 18 -5.53 9.50 7.26
N LYS A 19 -6.26 8.46 6.92
CA LYS A 19 -7.65 8.34 7.33
C LYS A 19 -7.93 6.90 7.76
N GLY A 20 -9.12 6.71 8.33
CA GLY A 20 -9.52 5.39 8.78
C GLY A 20 -9.37 5.27 10.30
N PRO A 21 -9.50 4.00 10.79
CA PRO A 21 -9.38 3.73 12.21
C PRO A 21 -7.92 3.79 12.66
N ARG A 22 -7.03 3.59 11.70
CA ARG A 22 -5.60 3.62 11.97
C ARG A 22 -5.03 5.01 11.69
N GLU A 23 -5.93 5.92 11.35
CA GLU A 23 -5.53 7.29 11.03
C GLU A 23 -4.43 7.75 12.00
N GLY A 24 -3.26 8.01 11.43
CA GLY A 24 -2.13 8.44 12.22
C GLY A 24 -1.09 7.34 12.35
N ASP A 25 -1.31 6.26 11.62
CA ASP A 25 -0.40 5.13 11.65
C ASP A 25 0.44 5.13 10.37
N ALA A 26 1.52 4.36 10.40
CA ALA A 26 2.42 4.26 9.27
C ALA A 26 3.18 2.94 9.34
N LEU A 27 3.21 2.25 8.21
CA LEU A 27 3.91 0.97 8.13
C LEU A 27 4.99 1.06 7.06
N ASP A 28 5.82 0.03 7.02
CA ASP A 28 6.91 -0.03 6.05
C ASP A 28 7.18 -1.49 5.68
N TYR A 29 7.54 -1.69 4.42
CA TYR A 29 7.83 -3.02 3.93
C TYR A 29 8.92 -2.99 2.86
N LYS A 30 9.70 -4.06 2.83
CA LYS A 30 10.79 -4.16 1.85
C LYS A 30 10.20 -4.33 0.46
N PRO A 31 11.04 -4.04 -0.57
CA PRO A 31 10.62 -4.15 -1.95
C PRO A 31 10.55 -5.62 -2.38
N GLY A 32 9.45 -5.97 -3.02
CA GLY A 32 9.26 -7.33 -3.50
C GLY A 32 8.40 -8.13 -2.51
N SER A 33 7.87 -7.43 -1.53
CA SER A 33 7.03 -8.06 -0.53
C SER A 33 5.56 -7.69 -0.75
N THR A 34 4.76 -8.71 -1.00
CA THR A 34 3.34 -8.51 -1.24
C THR A 34 2.62 -8.16 0.06
N ILE A 35 2.02 -6.98 0.07
CA ILE A 35 1.30 -6.51 1.23
C ILE A 35 -0.21 -6.62 0.99
N ARG A 36 -0.76 -7.74 1.43
CA ARG A 36 -2.19 -7.99 1.26
C ARG A 36 -2.99 -7.24 2.33
N VAL A 37 -3.62 -6.16 1.90
CA VAL A 37 -4.42 -5.35 2.80
C VAL A 37 -5.86 -5.87 2.81
N GLY A 38 -6.28 -6.33 3.97
CA GLY A 38 -7.63 -6.86 4.12
C GLY A 38 -8.28 -6.35 5.41
N ARG A 39 -9.27 -7.09 5.88
CA ARG A 39 -9.97 -6.72 7.08
C ARG A 39 -9.52 -7.61 8.25
N ILE A 40 -9.28 -8.87 7.93
CA ILE A 40 -8.84 -9.82 8.93
C ILE A 40 -7.32 -9.91 8.93
N VAL A 41 -6.75 -10.03 10.11
CA VAL A 41 -5.31 -10.11 10.26
C VAL A 41 -4.82 -11.42 9.61
N ARG A 42 -5.56 -12.48 9.87
CA ARG A 42 -5.22 -13.79 9.33
C ARG A 42 -4.88 -13.67 7.85
N GLY A 43 -3.74 -14.24 7.48
CA GLY A 43 -3.29 -14.21 6.10
C GLY A 43 -3.50 -12.83 5.48
N ASN A 44 -2.73 -11.87 5.97
CA ASN A 44 -2.84 -10.50 5.48
C ASN A 44 -1.70 -9.67 6.08
N GLU A 45 -1.03 -8.93 5.20
CA GLU A 45 0.07 -8.08 5.63
C GLU A 45 -0.45 -6.90 6.46
N ILE A 46 -1.64 -6.46 6.10
CA ILE A 46 -2.27 -5.34 6.81
C ILE A 46 -3.78 -5.61 6.94
N ALA A 47 -4.29 -5.28 8.11
CA ALA A 47 -5.70 -5.48 8.38
C ALA A 47 -6.30 -4.18 8.96
N ILE A 48 -7.49 -3.85 8.50
CA ILE A 48 -8.16 -2.65 8.96
C ILE A 48 -9.58 -3.01 9.39
N LYS A 49 -9.90 -2.65 10.64
CA LYS A 49 -11.21 -2.93 11.19
C LYS A 49 -12.11 -1.69 11.02
N ASP A 50 -12.50 -1.46 9.77
CA ASP A 50 -13.35 -0.31 9.47
C ASP A 50 -14.66 -0.81 8.84
N ALA A 51 -14.75 -2.13 8.71
CA ALA A 51 -15.93 -2.74 8.13
C ALA A 51 -15.87 -2.64 6.61
N GLY A 52 -15.87 -1.39 6.13
CA GLY A 52 -15.81 -1.15 4.70
C GLY A 52 -14.81 -2.08 4.02
N ILE A 53 -13.82 -2.50 4.80
CA ILE A 53 -12.80 -3.39 4.28
C ILE A 53 -13.24 -4.84 4.48
N SER A 54 -12.86 -5.69 3.53
CA SER A 54 -13.21 -7.10 3.59
C SER A 54 -11.95 -7.94 3.77
N THR A 55 -12.16 -9.23 3.97
CA THR A 55 -11.06 -10.16 4.16
C THR A 55 -10.01 -9.96 3.05
N LYS A 56 -10.41 -10.34 1.85
CA LYS A 56 -9.51 -10.22 0.69
C LYS A 56 -9.93 -9.00 -0.13
N HIS A 57 -9.84 -7.84 0.49
CA HIS A 57 -10.20 -6.61 -0.18
C HIS A 57 -9.33 -6.42 -1.42
N LEU A 58 -8.04 -6.21 -1.18
CA LEU A 58 -7.10 -6.02 -2.26
C LEU A 58 -5.71 -6.51 -1.83
N ARG A 59 -4.80 -6.54 -2.79
CA ARG A 59 -3.45 -6.99 -2.51
C ARG A 59 -2.43 -6.04 -3.15
N ILE A 60 -1.36 -5.79 -2.43
CA ILE A 60 -0.31 -4.91 -2.90
C ILE A 60 0.96 -5.72 -3.15
N GLU A 61 1.63 -5.41 -4.25
CA GLU A 61 2.85 -6.10 -4.61
C GLU A 61 3.77 -5.18 -5.41
N SER A 62 5.02 -5.60 -5.55
CA SER A 62 6.00 -4.82 -6.29
C SER A 62 6.60 -5.66 -7.41
N ASP A 63 6.82 -5.01 -8.55
CA ASP A 63 7.38 -5.68 -9.70
C ASP A 63 8.24 -4.69 -10.50
N SER A 64 9.19 -5.24 -11.23
CA SER A 64 10.08 -4.42 -12.05
C SER A 64 10.55 -3.21 -11.24
N GLY A 65 11.22 -3.51 -10.13
CA GLY A 65 11.74 -2.46 -9.26
C GLY A 65 10.73 -1.32 -9.12
N ASN A 66 9.47 -1.72 -8.92
CA ASN A 66 8.41 -0.74 -8.77
C ASN A 66 7.29 -1.35 -7.93
N TRP A 67 6.37 -0.49 -7.50
CA TRP A 67 5.24 -0.92 -6.70
C TRP A 67 3.97 -0.81 -7.53
N VAL A 68 3.07 -1.75 -7.32
CA VAL A 68 1.82 -1.76 -8.06
C VAL A 68 0.68 -2.18 -7.11
N ILE A 69 -0.52 -1.75 -7.46
CA ILE A 69 -1.69 -2.07 -6.66
C ILE A 69 -2.71 -2.80 -7.53
N GLN A 70 -3.44 -3.70 -6.89
CA GLN A 70 -4.46 -4.47 -7.60
C GLN A 70 -5.72 -4.60 -6.73
N ASP A 71 -6.84 -4.22 -7.32
CA ASP A 71 -8.11 -4.29 -6.61
C ASP A 71 -8.71 -5.69 -6.77
N LEU A 72 -8.62 -6.46 -5.70
CA LEU A 72 -9.14 -7.81 -5.71
C LEU A 72 -10.67 -7.76 -5.74
N GLY A 73 -11.19 -7.14 -6.79
CA GLY A 73 -12.62 -7.02 -6.95
C GLY A 73 -13.32 -6.83 -5.59
N SER A 74 -12.64 -6.08 -4.73
CA SER A 74 -13.19 -5.81 -3.40
C SER A 74 -14.68 -5.51 -3.50
N SER A 75 -15.34 -5.61 -2.35
CA SER A 75 -16.77 -5.36 -2.29
C SER A 75 -17.07 -3.96 -2.84
N ASN A 76 -16.73 -2.96 -2.03
CA ASN A 76 -16.95 -1.58 -2.42
C ASN A 76 -16.03 -1.22 -3.59
N GLY A 77 -14.73 -1.35 -3.33
CA GLY A 77 -13.74 -1.04 -4.34
C GLY A 77 -12.62 -0.17 -3.77
N THR A 78 -11.60 0.05 -4.59
CA THR A 78 -10.46 0.85 -4.17
C THR A 78 -10.38 2.13 -5.01
N LEU A 79 -9.87 3.18 -4.39
CA LEU A 79 -9.73 4.46 -5.07
C LEU A 79 -8.26 4.89 -5.02
N LEU A 80 -7.82 5.49 -6.12
CA LEU A 80 -6.45 5.96 -6.21
C LEU A 80 -6.44 7.43 -6.64
N ASN A 81 -6.06 8.28 -5.70
CA ASN A 81 -6.01 9.71 -5.97
C ASN A 81 -7.43 10.24 -6.19
N SER A 82 -8.01 9.84 -7.30
CA SER A 82 -9.36 10.26 -7.65
C SER A 82 -9.90 9.41 -8.79
N ASN A 83 -9.78 8.10 -8.62
CA ASN A 83 -10.25 7.17 -9.64
C ASN A 83 -10.35 5.77 -9.04
N ALA A 84 -11.43 5.09 -9.36
CA ALA A 84 -11.66 3.75 -8.85
C ALA A 84 -10.81 2.76 -9.66
N LEU A 85 -9.94 2.06 -8.93
CA LEU A 85 -9.06 1.09 -9.56
C LEU A 85 -9.90 0.00 -10.23
N ASP A 86 -9.22 -0.87 -10.95
CA ASP A 86 -9.90 -1.96 -11.65
C ASP A 86 -9.28 -3.30 -11.22
N PRO A 87 -10.13 -4.35 -11.18
CA PRO A 87 -9.69 -5.67 -10.80
C PRO A 87 -8.88 -6.32 -11.92
N GLU A 88 -9.32 -6.09 -13.14
CA GLU A 88 -8.65 -6.64 -14.31
C GLU A 88 -7.58 -5.68 -14.81
N THR A 89 -7.12 -4.83 -13.91
CA THR A 89 -6.09 -3.86 -14.25
C THR A 89 -5.15 -3.64 -13.07
N SER A 90 -3.91 -3.33 -13.39
CA SER A 90 -2.90 -3.09 -12.37
C SER A 90 -2.25 -1.73 -12.58
N VAL A 91 -2.30 -0.90 -11.54
CA VAL A 91 -1.73 0.42 -11.60
C VAL A 91 -0.44 0.45 -10.77
N ASN A 92 0.50 1.26 -11.22
CA ASN A 92 1.78 1.40 -10.53
C ASN A 92 1.66 2.49 -9.47
N LEU A 93 1.79 2.07 -8.23
CA LEU A 93 1.71 3.00 -7.11
C LEU A 93 2.69 4.15 -7.34
N GLY A 94 2.53 5.19 -6.53
CA GLY A 94 3.39 6.36 -6.63
C GLY A 94 3.49 7.09 -5.29
N ASP A 95 4.59 7.81 -5.13
CA ASP A 95 4.82 8.57 -3.91
C ASP A 95 3.84 9.74 -3.84
N GLY A 96 2.87 9.62 -2.96
CA GLY A 96 1.87 10.66 -2.78
C GLY A 96 0.49 10.19 -3.25
N ASP A 97 0.42 8.89 -3.53
CA ASP A 97 -0.83 8.30 -3.98
C ASP A 97 -1.72 8.00 -2.76
N VAL A 98 -2.90 8.61 -2.78
CA VAL A 98 -3.84 8.42 -1.69
C VAL A 98 -4.80 7.27 -2.04
N ILE A 99 -4.66 6.18 -1.29
CA ILE A 99 -5.51 5.02 -1.51
C ILE A 99 -6.75 5.11 -0.61
N LYS A 100 -7.87 5.43 -1.22
CA LYS A 100 -9.12 5.54 -0.49
C LYS A 100 -9.90 4.23 -0.62
N LEU A 101 -9.88 3.46 0.47
CA LEU A 101 -10.59 2.20 0.48
C LEU A 101 -11.53 2.16 1.69
N GLY A 102 -12.40 1.15 1.70
CA GLY A 102 -13.36 1.00 2.78
C GLY A 102 -14.39 2.13 2.77
N GLU A 103 -14.70 2.61 3.96
CA GLU A 103 -15.68 3.68 4.10
C GLU A 103 -14.96 5.04 4.18
N TYR A 104 -14.06 5.14 5.14
CA TYR A 104 -13.30 6.37 5.34
C TYR A 104 -11.83 6.07 5.63
N THR A 105 -11.31 5.06 4.94
CA THR A 105 -9.93 4.66 5.11
C THR A 105 -9.09 5.17 3.94
N SER A 106 -8.06 5.94 4.28
CA SER A 106 -7.17 6.48 3.27
C SER A 106 -5.71 6.12 3.61
N ILE A 107 -5.02 5.59 2.60
CA ILE A 107 -3.64 5.20 2.78
C ILE A 107 -2.76 5.99 1.80
N LEU A 108 -1.70 6.57 2.33
CA LEU A 108 -0.78 7.35 1.53
C LEU A 108 0.42 6.49 1.16
N VAL A 109 0.86 6.63 -0.09
CA VAL A 109 2.00 5.88 -0.58
C VAL A 109 3.23 6.77 -0.60
N ASN A 110 4.19 6.43 0.26
CA ASN A 110 5.42 7.19 0.35
C ASN A 110 6.62 6.28 0.09
N PHE A 111 7.40 6.64 -0.91
CA PHE A 111 8.56 5.86 -1.28
C PHE A 111 9.77 6.23 -0.40
N VAL A 112 10.16 5.27 0.43
CA VAL A 112 11.29 5.48 1.32
C VAL A 112 12.58 5.01 0.63
N SER A 113 13.61 5.82 0.79
CA SER A 113 14.90 5.49 0.19
C SER A 113 15.96 6.50 0.66
N GLY A 114 16.44 6.28 1.87
CA GLY A 114 17.45 7.14 2.45
C GLY A 114 16.84 8.06 3.51
N PRO A 115 17.74 8.85 4.17
CA PRO A 115 17.30 9.78 5.20
C PRO A 115 16.61 11.00 4.59
N SER A 116 16.14 11.88 5.48
CA SER A 116 15.46 13.09 5.04
C SER A 116 15.07 13.93 6.25
N SER A 117 15.27 15.24 6.11
CA SER A 117 14.94 16.16 7.18
C SER A 117 15.86 15.92 8.38
N GLY A 118 16.46 17.00 8.86
CA GLY A 118 17.36 16.91 10.00
C GLY A 118 17.55 18.29 10.65
N GLY A 1 30.39 5.03 15.08
CA GLY A 1 29.10 4.92 14.44
C GLY A 1 29.23 4.81 12.92
N SER A 2 28.72 5.83 12.24
CA SER A 2 28.78 5.86 10.79
C SER A 2 27.90 4.75 10.21
N SER A 3 27.18 5.11 9.15
CA SER A 3 26.30 4.16 8.50
C SER A 3 25.90 4.68 7.11
N GLY A 4 25.28 3.81 6.34
CA GLY A 4 24.84 4.17 5.00
C GLY A 4 25.49 3.26 3.95
N SER A 5 24.65 2.65 3.14
CA SER A 5 25.12 1.76 2.09
C SER A 5 24.12 1.72 0.94
N SER A 6 24.62 1.35 -0.23
CA SER A 6 23.78 1.27 -1.41
C SER A 6 23.16 -0.13 -1.52
N GLY A 7 21.86 -0.15 -1.77
CA GLY A 7 21.14 -1.40 -1.90
C GLY A 7 20.34 -1.46 -3.20
N MET A 8 19.06 -1.76 -3.06
CA MET A 8 18.18 -1.84 -4.22
C MET A 8 17.68 -0.46 -4.62
N VAL A 9 17.56 -0.26 -5.93
CA VAL A 9 17.09 1.00 -6.46
C VAL A 9 15.60 1.16 -6.17
N THR A 10 14.99 0.06 -5.73
CA THR A 10 13.57 0.06 -5.41
C THR A 10 13.33 0.67 -4.04
N PRO A 11 12.46 1.70 -4.02
CA PRO A 11 12.13 2.39 -2.79
C PRO A 11 11.19 1.53 -1.92
N SER A 12 11.33 1.71 -0.61
CA SER A 12 10.51 0.96 0.34
C SER A 12 9.06 1.46 0.27
N LEU A 13 8.14 0.52 0.44
CA LEU A 13 6.73 0.85 0.40
C LEU A 13 6.25 1.16 1.82
N ARG A 14 5.93 2.43 2.05
CA ARG A 14 5.46 2.87 3.35
C ARG A 14 4.02 3.38 3.25
N LEU A 15 3.11 2.59 3.79
CA LEU A 15 1.70 2.95 3.76
C LEU A 15 1.37 3.77 5.02
N VAL A 16 0.86 4.97 4.78
CA VAL A 16 0.50 5.86 5.87
C VAL A 16 -1.01 6.05 5.88
N PHE A 17 -1.61 5.76 7.03
CA PHE A 17 -3.05 5.90 7.20
C PHE A 17 -3.42 7.33 7.55
N VAL A 18 -3.73 8.11 6.53
CA VAL A 18 -4.12 9.50 6.73
C VAL A 18 -5.56 9.57 7.22
N LYS A 19 -6.33 8.57 6.80
CA LYS A 19 -7.73 8.50 7.19
C LYS A 19 -8.06 7.07 7.64
N GLY A 20 -9.34 6.86 7.93
CA GLY A 20 -9.81 5.55 8.35
C GLY A 20 -9.65 5.38 9.87
N PRO A 21 -9.84 4.12 10.32
CA PRO A 21 -9.73 3.81 11.74
C PRO A 21 -8.26 3.78 12.18
N ARG A 22 -7.40 3.44 11.24
CA ARG A 22 -5.98 3.37 11.51
C ARG A 22 -5.34 4.75 11.33
N GLU A 23 -6.17 5.71 10.96
CA GLU A 23 -5.70 7.07 10.75
C GLU A 23 -4.65 7.43 11.80
N GLY A 24 -3.44 7.65 11.32
CA GLY A 24 -2.33 8.01 12.20
C GLY A 24 -1.31 6.87 12.28
N ASP A 25 -1.66 5.75 11.67
CA ASP A 25 -0.78 4.59 11.65
C ASP A 25 -0.10 4.50 10.29
N ALA A 26 1.08 3.89 10.31
CA ALA A 26 1.85 3.72 9.08
C ALA A 26 2.74 2.47 9.20
N LEU A 27 3.08 1.92 8.06
CA LEU A 27 3.92 0.74 8.02
C LEU A 27 4.99 0.90 6.95
N ASP A 28 5.93 -0.04 6.93
CA ASP A 28 7.01 0.01 5.96
C ASP A 28 7.42 -1.43 5.61
N TYR A 29 7.63 -1.66 4.32
CA TYR A 29 8.02 -2.97 3.85
C TYR A 29 9.14 -2.86 2.82
N LYS A 30 9.70 -4.01 2.46
CA LYS A 30 10.77 -4.07 1.49
C LYS A 30 10.20 -4.34 0.10
N PRO A 31 11.05 -4.13 -0.93
CA PRO A 31 10.64 -4.34 -2.30
C PRO A 31 10.56 -5.84 -2.63
N GLY A 32 9.40 -6.25 -3.12
CA GLY A 32 9.18 -7.64 -3.47
C GLY A 32 8.33 -8.34 -2.42
N SER A 33 7.73 -7.54 -1.55
CA SER A 33 6.89 -8.07 -0.50
C SER A 33 5.43 -7.68 -0.74
N THR A 34 4.62 -8.68 -1.03
CA THR A 34 3.21 -8.46 -1.28
C THR A 34 2.48 -8.09 0.01
N ILE A 35 2.01 -6.86 0.05
CA ILE A 35 1.29 -6.37 1.22
C ILE A 35 -0.21 -6.53 1.01
N ARG A 36 -0.73 -7.65 1.52
CA ARG A 36 -2.14 -7.93 1.39
C ARG A 36 -2.95 -7.11 2.40
N VAL A 37 -3.65 -6.11 1.88
CA VAL A 37 -4.46 -5.25 2.73
C VAL A 37 -5.90 -5.77 2.74
N GLY A 38 -6.32 -6.20 3.92
CA GLY A 38 -7.67 -6.72 4.09
C GLY A 38 -8.30 -6.23 5.40
N ARG A 39 -9.31 -6.95 5.83
CA ARG A 39 -10.00 -6.60 7.06
C ARG A 39 -9.55 -7.51 8.21
N ILE A 40 -9.71 -8.81 7.98
CA ILE A 40 -9.33 -9.79 8.98
C ILE A 40 -7.80 -9.92 9.01
N VAL A 41 -7.25 -9.80 10.21
CA VAL A 41 -5.82 -9.89 10.39
C VAL A 41 -5.26 -11.03 9.52
N ARG A 42 -5.85 -12.21 9.72
CA ARG A 42 -5.44 -13.39 8.98
C ARG A 42 -3.93 -13.33 8.69
N GLY A 43 -3.52 -14.08 7.69
CA GLY A 43 -2.11 -14.13 7.30
C GLY A 43 -1.74 -12.90 6.48
N ASN A 44 -2.73 -12.09 6.17
CA ASN A 44 -2.52 -10.89 5.39
C ASN A 44 -1.48 -10.01 6.09
N GLU A 45 -0.90 -9.11 5.30
CA GLU A 45 0.11 -8.21 5.83
C GLU A 45 -0.54 -7.12 6.69
N ILE A 46 -1.42 -6.36 6.04
CA ILE A 46 -2.12 -5.29 6.72
C ILE A 46 -3.61 -5.62 6.80
N ALA A 47 -4.19 -5.29 7.95
CA ALA A 47 -5.61 -5.55 8.17
C ALA A 47 -6.24 -4.36 8.87
N ILE A 48 -7.38 -3.93 8.34
CA ILE A 48 -8.09 -2.80 8.91
C ILE A 48 -9.55 -3.18 9.12
N LYS A 49 -9.98 -3.12 10.38
CA LYS A 49 -11.35 -3.45 10.72
C LYS A 49 -12.20 -2.18 10.69
N ASP A 50 -12.46 -1.71 9.48
CA ASP A 50 -13.26 -0.51 9.30
C ASP A 50 -14.60 -0.88 8.67
N ALA A 51 -14.84 -2.19 8.60
CA ALA A 51 -16.08 -2.69 8.02
C ALA A 51 -16.02 -2.53 6.50
N GLY A 52 -15.87 -1.29 6.07
CA GLY A 52 -15.80 -0.98 4.65
C GLY A 52 -14.79 -1.89 3.95
N ILE A 53 -13.86 -2.42 4.74
CA ILE A 53 -12.83 -3.30 4.21
C ILE A 53 -13.26 -4.76 4.41
N SER A 54 -13.02 -5.57 3.39
CA SER A 54 -13.37 -6.97 3.45
C SER A 54 -12.11 -7.82 3.65
N THR A 55 -12.33 -9.06 4.05
CA THR A 55 -11.23 -9.98 4.28
C THR A 55 -10.19 -9.84 3.17
N LYS A 56 -10.60 -10.21 1.97
CA LYS A 56 -9.70 -10.14 0.82
C LYS A 56 -10.13 -8.97 -0.08
N HIS A 57 -9.94 -7.76 0.46
CA HIS A 57 -10.30 -6.56 -0.28
C HIS A 57 -9.38 -6.41 -1.50
N LEU A 58 -8.09 -6.25 -1.20
CA LEU A 58 -7.10 -6.08 -2.25
C LEU A 58 -5.73 -6.46 -1.70
N ARG A 59 -4.77 -6.55 -2.62
CA ARG A 59 -3.41 -6.90 -2.25
C ARG A 59 -2.41 -6.01 -2.98
N ILE A 60 -1.38 -5.60 -2.25
CA ILE A 60 -0.36 -4.74 -2.83
C ILE A 60 0.89 -5.58 -3.13
N GLU A 61 1.39 -5.41 -4.35
CA GLU A 61 2.57 -6.14 -4.78
C GLU A 61 3.50 -5.24 -5.59
N SER A 62 4.71 -5.72 -5.80
CA SER A 62 5.70 -4.96 -6.56
C SER A 62 6.16 -5.77 -7.77
N ASP A 63 6.59 -5.06 -8.80
CA ASP A 63 7.06 -5.70 -10.01
C ASP A 63 8.52 -5.29 -10.27
N SER A 64 9.41 -6.25 -10.08
CA SER A 64 10.83 -6.01 -10.28
C SER A 64 11.32 -4.94 -9.30
N GLY A 65 11.12 -3.69 -9.68
CA GLY A 65 11.54 -2.58 -8.84
C GLY A 65 10.46 -1.49 -8.80
N ASN A 66 9.24 -1.91 -9.06
CA ASN A 66 8.12 -0.99 -9.06
C ASN A 66 7.01 -1.54 -8.17
N TRP A 67 6.12 -0.64 -7.74
CA TRP A 67 5.02 -1.03 -6.88
C TRP A 67 3.72 -0.82 -7.67
N VAL A 68 2.82 -1.78 -7.53
CA VAL A 68 1.54 -1.71 -8.21
C VAL A 68 0.42 -2.10 -7.25
N ILE A 69 -0.78 -1.67 -7.58
CA ILE A 69 -1.94 -1.95 -6.76
C ILE A 69 -3.00 -2.67 -7.60
N GLN A 70 -3.67 -3.62 -6.96
CA GLN A 70 -4.70 -4.39 -7.63
C GLN A 70 -5.90 -4.60 -6.70
N ASP A 71 -7.06 -4.19 -7.18
CA ASP A 71 -8.29 -4.32 -6.41
C ASP A 71 -8.86 -5.72 -6.61
N LEU A 72 -8.72 -6.55 -5.60
CA LEU A 72 -9.22 -7.91 -5.65
C LEU A 72 -10.75 -7.89 -5.62
N GLY A 73 -11.33 -7.23 -6.61
CA GLY A 73 -12.78 -7.12 -6.70
C GLY A 73 -13.40 -7.01 -5.31
N SER A 74 -12.97 -5.99 -4.59
CA SER A 74 -13.47 -5.75 -3.25
C SER A 74 -14.93 -5.30 -3.31
N SER A 75 -15.65 -5.56 -2.23
CA SER A 75 -17.05 -5.19 -2.16
C SER A 75 -17.18 -3.72 -1.74
N ASN A 76 -16.84 -2.85 -2.68
CA ASN A 76 -16.90 -1.42 -2.42
C ASN A 76 -16.18 -0.67 -3.56
N GLY A 77 -14.93 -1.04 -3.76
CA GLY A 77 -14.12 -0.41 -4.79
C GLY A 77 -12.95 0.36 -4.18
N THR A 78 -11.83 0.34 -4.89
CA THR A 78 -10.63 1.03 -4.44
C THR A 78 -10.44 2.31 -5.23
N LEU A 79 -10.03 3.35 -4.52
CA LEU A 79 -9.79 4.64 -5.15
C LEU A 79 -8.30 5.00 -5.03
N LEU A 80 -7.78 5.56 -6.11
CA LEU A 80 -6.37 5.95 -6.14
C LEU A 80 -6.26 7.42 -6.54
N ASN A 81 -5.88 8.24 -5.58
CA ASN A 81 -5.75 9.66 -5.82
C ASN A 81 -7.09 10.25 -6.23
N SER A 82 -7.40 10.09 -7.52
CA SER A 82 -8.65 10.60 -8.05
C SER A 82 -9.13 9.70 -9.19
N ASN A 83 -9.36 8.44 -8.86
CA ASN A 83 -9.81 7.47 -9.84
C ASN A 83 -10.10 6.13 -9.15
N ALA A 84 -11.16 5.48 -9.61
CA ALA A 84 -11.54 4.20 -9.04
C ALA A 84 -10.77 3.08 -9.74
N LEU A 85 -10.06 2.29 -8.93
CA LEU A 85 -9.28 1.19 -9.45
C LEU A 85 -10.21 0.14 -10.04
N ASP A 86 -9.61 -0.85 -10.69
CA ASP A 86 -10.38 -1.92 -11.30
C ASP A 86 -9.71 -3.27 -10.96
N PRO A 87 -10.56 -4.33 -10.93
CA PRO A 87 -10.08 -5.67 -10.63
C PRO A 87 -9.32 -6.26 -11.83
N GLU A 88 -9.80 -5.93 -13.01
CA GLU A 88 -9.18 -6.43 -14.23
C GLU A 88 -8.16 -5.40 -14.76
N THR A 89 -7.63 -4.61 -13.84
CA THR A 89 -6.65 -3.60 -14.19
C THR A 89 -5.63 -3.43 -13.07
N SER A 90 -4.40 -3.13 -13.46
CA SER A 90 -3.32 -2.93 -12.51
C SER A 90 -2.65 -1.59 -12.75
N VAL A 91 -2.55 -0.81 -11.67
CA VAL A 91 -1.93 0.50 -11.75
C VAL A 91 -0.60 0.48 -11.01
N ASN A 92 0.27 1.40 -11.38
CA ASN A 92 1.58 1.50 -10.74
C ASN A 92 1.54 2.55 -9.64
N LEU A 93 1.91 2.13 -8.45
CA LEU A 93 1.91 3.03 -7.30
C LEU A 93 2.94 4.14 -7.54
N GLY A 94 2.83 5.18 -6.72
CA GLY A 94 3.74 6.30 -6.83
C GLY A 94 4.01 6.92 -5.46
N ASP A 95 4.63 8.10 -5.49
CA ASP A 95 4.95 8.80 -4.26
C ASP A 95 3.89 9.87 -3.99
N GLY A 96 3.18 9.70 -2.87
CA GLY A 96 2.14 10.64 -2.50
C GLY A 96 0.79 10.19 -3.04
N ASP A 97 0.69 8.90 -3.32
CA ASP A 97 -0.55 8.34 -3.85
C ASP A 97 -1.48 8.00 -2.68
N VAL A 98 -2.67 8.59 -2.71
CA VAL A 98 -3.65 8.36 -1.66
C VAL A 98 -4.59 7.24 -2.10
N ILE A 99 -4.67 6.20 -1.27
CA ILE A 99 -5.52 5.07 -1.56
C ILE A 99 -6.75 5.11 -0.64
N LYS A 100 -7.88 5.43 -1.24
CA LYS A 100 -9.12 5.51 -0.48
C LYS A 100 -9.90 4.20 -0.65
N LEU A 101 -9.89 3.40 0.40
CA LEU A 101 -10.58 2.13 0.38
C LEU A 101 -11.55 2.06 1.56
N GLY A 102 -12.37 1.01 1.55
CA GLY A 102 -13.35 0.83 2.61
C GLY A 102 -14.44 1.89 2.55
N GLU A 103 -14.65 2.54 3.69
CA GLU A 103 -15.66 3.58 3.78
C GLU A 103 -15.00 4.96 3.76
N TYR A 104 -14.06 5.14 4.67
CA TYR A 104 -13.34 6.41 4.76
C TYR A 104 -11.88 6.19 5.11
N THR A 105 -11.36 5.05 4.68
CA THR A 105 -9.98 4.71 4.95
C THR A 105 -9.08 5.18 3.80
N SER A 106 -8.17 6.08 4.13
CA SER A 106 -7.25 6.61 3.14
C SER A 106 -5.81 6.25 3.51
N ILE A 107 -5.10 5.67 2.54
CA ILE A 107 -3.73 5.27 2.76
C ILE A 107 -2.82 6.11 1.86
N LEU A 108 -1.66 6.45 2.39
CA LEU A 108 -0.69 7.24 1.65
C LEU A 108 0.51 6.36 1.27
N VAL A 109 1.02 6.60 0.07
CA VAL A 109 2.15 5.84 -0.42
C VAL A 109 3.41 6.70 -0.35
N ASN A 110 4.33 6.29 0.51
CA ASN A 110 5.58 7.02 0.68
C ASN A 110 6.76 6.10 0.35
N PHE A 111 7.61 6.59 -0.53
CA PHE A 111 8.78 5.83 -0.94
C PHE A 111 10.00 6.17 -0.08
N VAL A 112 10.35 5.24 0.79
CA VAL A 112 11.49 5.43 1.67
C VAL A 112 12.75 4.87 1.00
N SER A 113 13.68 5.77 0.73
CA SER A 113 14.93 5.38 0.10
C SER A 113 16.07 5.44 1.12
N GLY A 114 16.69 4.27 1.32
CA GLY A 114 17.79 4.17 2.26
C GLY A 114 17.28 3.96 3.69
N PRO A 115 18.24 3.92 4.65
CA PRO A 115 17.90 3.73 6.05
C PRO A 115 17.31 5.01 6.64
N SER A 116 17.96 6.13 6.33
CA SER A 116 17.51 7.42 6.82
C SER A 116 17.65 7.47 8.34
N SER A 117 18.22 8.56 8.81
CA SER A 117 18.42 8.75 10.24
C SER A 117 18.98 10.14 10.52
N GLY A 118 20.13 10.42 9.92
CA GLY A 118 20.78 11.70 10.09
C GLY A 118 21.67 11.71 11.34
#